data_8D9X
#
_entry.id   8D9X
#
_entity_poly.entity_id   1
_entity_poly.type   'polypeptide(L)'
_entity_poly.pdbx_seq_one_letter_code
;MKIEEGKLVIWINGDKGYNGLAEVGKKFEKDTGIKVTVEHPDKLEEKFPQVAATGDGPDIIFWAHDRFGGYAQSGLLAEI
TPAAAFQDKLYPFTWDAVRYNGKLIAYPIAVEALSLIYNKDLLPNPPKTWEEIPALDKELKAKGKSALMFNLQEPYFTWP
LIAADGGYAFKYAAGKYDIKDVGVDNAGAKAGLTFLVDLIKNKHMNADTDYSIAEAAFNKGETAMTINGPWAWSNIDTSA
VNYGVTVLPTFKGQPSKPFVGVLSAGINAASPNKELAKEFLENYLLTDEGLEAVNKDKPLGAVALKSYEEELAKDPRIAA
TMENAQKGEIMPNIPQMSAFWYAVRTAVINAASGRQTVDAALAAAQTNAVDSKTLSLEEAVTSIQQLFQLSVSIAFNFLG
TENMKSGDHTAAFSYFQKAAARGYSKAQYNAGLCHEHGRGTPRDISKAVLYYQLAASQGHSLAQYRYARCLLRDPASSWN
PERQRAVSLLKQAADSGLREAQAFLGVLFTKEPYLDEQRAVKYLWLAANNGDSQSRYHLGICYEKGLGVQRNLGEALRCY
QQSAALGNEAAQERLRALFSMGAAAPGPSDLTVTGLKSFSSPSLCSLNTLLAGTSRLPHASSTGNLGLLCRSGHLGASLE
ASSRAIPPHPYPLERSVVRLGFGSAAALEHHHHHH
;
_entity_poly.pdbx_strand_id   A,B,C,D,E,F,G,H
#
# COMPACT_ATOMS: atom_id res chain seq x y z
N SER A 376 -55.56 -21.01 38.18
CA SER A 376 -56.81 -21.74 38.33
C SER A 376 -57.16 -22.52 37.07
N LEU A 377 -58.40 -23.02 37.00
CA LEU A 377 -58.77 -23.95 35.95
C LEU A 377 -58.95 -23.26 34.59
N GLU A 378 -59.60 -22.10 34.57
CA GLU A 378 -59.99 -21.50 33.29
C GLU A 378 -58.77 -21.00 32.51
N GLU A 379 -57.87 -20.28 33.19
CA GLU A 379 -56.67 -19.81 32.50
C GLU A 379 -55.80 -20.98 32.07
N ALA A 380 -55.71 -22.02 32.91
CA ALA A 380 -54.92 -23.19 32.55
C ALA A 380 -55.48 -23.89 31.32
N VAL A 381 -56.81 -24.05 31.26
CA VAL A 381 -57.40 -24.76 30.12
C VAL A 381 -57.28 -23.92 28.86
N THR A 382 -57.43 -22.60 28.97
CA THR A 382 -57.23 -21.75 27.80
C THR A 382 -55.79 -21.83 27.31
N SER A 383 -54.83 -21.80 28.24
CA SER A 383 -53.43 -21.90 27.85
C SER A 383 -53.13 -23.24 27.19
N ILE A 384 -53.67 -24.33 27.74
CA ILE A 384 -53.35 -25.64 27.19
C ILE A 384 -54.01 -25.83 25.82
N GLN A 385 -55.21 -25.29 25.62
CA GLN A 385 -55.83 -25.44 24.31
C GLN A 385 -55.12 -24.59 23.27
N GLN A 386 -54.68 -23.38 23.64
CA GLN A 386 -53.89 -22.59 22.71
C GLN A 386 -52.57 -23.26 22.39
N LEU A 387 -51.94 -23.88 23.39
CA LEU A 387 -50.72 -24.63 23.16
C LEU A 387 -50.96 -25.81 22.23
N PHE A 388 -52.11 -26.48 22.37
CA PHE A 388 -52.43 -27.58 21.48
C PHE A 388 -52.60 -27.08 20.05
N GLN A 389 -53.27 -25.94 19.86
CA GLN A 389 -53.37 -25.34 18.55
C GLN A 389 -51.99 -25.06 17.94
N LEU A 390 -51.12 -24.44 18.74
CA LEU A 390 -49.78 -24.14 18.25
C LEU A 390 -49.02 -25.41 17.90
N SER A 391 -49.14 -26.44 18.74
CA SER A 391 -48.39 -27.66 18.52
C SER A 391 -48.88 -28.40 17.28
N VAL A 392 -50.19 -28.43 17.04
CA VAL A 392 -50.68 -29.08 15.84
C VAL A 392 -50.25 -28.31 14.61
N SER A 393 -50.18 -26.98 14.69
CA SER A 393 -49.63 -26.21 13.58
C SER A 393 -48.17 -26.57 13.32
N ILE A 394 -47.37 -26.64 14.40
CA ILE A 394 -45.97 -27.03 14.27
C ILE A 394 -45.85 -28.40 13.61
N ALA A 395 -46.64 -29.36 14.08
CA ALA A 395 -46.55 -30.71 13.56
C ALA A 395 -46.95 -30.77 12.09
N PHE A 396 -47.99 -30.04 11.72
CA PHE A 396 -48.43 -30.05 10.32
C PHE A 396 -47.35 -29.46 9.42
N ASN A 397 -46.73 -28.37 9.85
CA ASN A 397 -45.64 -27.80 9.07
C ASN A 397 -44.45 -28.75 8.99
N PHE A 398 -44.13 -29.44 10.09
CA PHE A 398 -43.00 -30.36 10.09
C PHE A 398 -43.24 -31.54 9.15
N LEU A 399 -44.45 -32.09 9.17
CA LEU A 399 -44.77 -33.14 8.21
C LEU A 399 -44.71 -32.63 6.78
N GLY A 400 -45.18 -31.40 6.55
CA GLY A 400 -45.10 -30.86 5.21
C GLY A 400 -43.66 -30.75 4.71
N THR A 401 -42.78 -30.19 5.54
CA THR A 401 -41.39 -30.05 5.11
C THR A 401 -40.68 -31.40 5.02
N GLU A 402 -41.00 -32.35 5.90
CA GLU A 402 -40.42 -33.68 5.79
C GLU A 402 -40.84 -34.37 4.51
N ASN A 403 -42.13 -34.24 4.13
CA ASN A 403 -42.58 -34.81 2.88
C ASN A 403 -41.91 -34.15 1.69
N MET A 404 -41.79 -32.82 1.72
CA MET A 404 -41.13 -32.13 0.61
C MET A 404 -39.69 -32.58 0.46
N LYS A 405 -38.96 -32.69 1.58
CA LYS A 405 -37.57 -33.13 1.50
C LYS A 405 -37.46 -34.58 1.05
N SER A 406 -38.37 -35.45 1.54
CA SER A 406 -38.31 -36.86 1.19
C SER A 406 -38.59 -37.09 -0.28
N GLY A 407 -39.60 -36.41 -0.83
CA GLY A 407 -39.94 -36.58 -2.22
C GLY A 407 -41.43 -36.55 -2.51
N ASP A 408 -42.25 -36.89 -1.53
CA ASP A 408 -43.69 -36.80 -1.70
C ASP A 408 -44.11 -35.33 -1.75
N HIS A 409 -44.95 -34.98 -2.73
CA HIS A 409 -45.25 -33.59 -2.97
C HIS A 409 -46.71 -33.22 -2.76
N THR A 410 -47.66 -34.02 -3.23
CA THR A 410 -49.06 -33.68 -3.03
C THR A 410 -49.42 -33.65 -1.55
N ALA A 411 -48.86 -34.59 -0.78
CA ALA A 411 -49.03 -34.54 0.67
C ALA A 411 -48.42 -33.27 1.24
N ALA A 412 -47.32 -32.81 0.65
CA ALA A 412 -46.72 -31.55 1.10
C ALA A 412 -47.68 -30.38 0.89
N PHE A 413 -48.32 -30.32 -0.28
CA PHE A 413 -49.32 -29.28 -0.51
C PHE A 413 -50.45 -29.37 0.51
N SER A 414 -50.96 -30.59 0.73
CA SER A 414 -52.06 -30.73 1.67
C SER A 414 -51.68 -30.26 3.07
N TYR A 415 -50.55 -30.76 3.58
CA TYR A 415 -50.11 -30.39 4.92
C TYR A 415 -49.83 -28.90 5.04
N PHE A 416 -49.11 -28.33 4.09
CA PHE A 416 -48.80 -26.91 4.16
C PHE A 416 -50.05 -26.05 4.04
N GLN A 417 -51.01 -26.44 3.21
CA GLN A 417 -52.24 -25.68 3.09
C GLN A 417 -53.04 -25.71 4.38
N LYS A 418 -53.20 -26.90 4.98
CA LYS A 418 -53.97 -26.96 6.21
C LYS A 418 -53.23 -26.31 7.37
N ALA A 419 -51.90 -26.27 7.32
CA ALA A 419 -51.13 -25.56 8.35
C ALA A 419 -51.27 -24.06 8.19
N ALA A 420 -51.20 -23.56 6.96
CA ALA A 420 -51.36 -22.13 6.72
C ALA A 420 -52.79 -21.67 6.94
N ALA A 421 -53.76 -22.59 6.86
CA ALA A 421 -55.16 -22.21 7.05
C ALA A 421 -55.48 -21.82 8.49
N ARG A 422 -54.59 -22.07 9.44
CA ARG A 422 -54.86 -21.82 10.85
C ARG A 422 -53.92 -20.79 11.46
N GLY A 423 -53.28 -19.96 10.66
CA GLY A 423 -52.53 -18.83 11.18
C GLY A 423 -51.12 -19.11 11.62
N TYR A 424 -50.28 -19.58 10.69
CA TYR A 424 -48.89 -19.89 11.00
C TYR A 424 -47.96 -19.24 9.97
N SER A 425 -46.81 -18.76 10.45
CA SER A 425 -45.96 -17.91 9.62
C SER A 425 -45.22 -18.70 8.55
N LYS A 426 -44.26 -19.53 8.97
CA LYS A 426 -43.49 -20.27 7.98
C LYS A 426 -44.35 -21.26 7.21
N ALA A 427 -45.45 -21.71 7.80
CA ALA A 427 -46.39 -22.52 7.02
C ALA A 427 -46.97 -21.73 5.86
N GLN A 428 -47.33 -20.47 6.11
CA GLN A 428 -47.81 -19.62 5.03
C GLN A 428 -46.73 -19.37 4.00
N TYR A 429 -45.48 -19.17 4.46
CA TYR A 429 -44.39 -18.98 3.51
C TYR A 429 -44.21 -20.20 2.63
N ASN A 430 -44.26 -21.40 3.21
CA ASN A 430 -44.09 -22.61 2.43
C ASN A 430 -45.26 -22.81 1.47
N ALA A 431 -46.47 -22.45 1.90
CA ALA A 431 -47.62 -22.54 1.02
C ALA A 431 -47.45 -21.61 -0.18
N GLY A 432 -46.99 -20.39 0.07
CA GLY A 432 -46.71 -19.48 -1.03
C GLY A 432 -45.63 -20.00 -1.95
N LEU A 433 -44.58 -20.60 -1.38
CA LEU A 433 -43.48 -21.12 -2.18
C LEU A 433 -43.95 -22.25 -3.08
N CYS A 434 -44.75 -23.17 -2.54
CA CYS A 434 -45.23 -24.28 -3.34
C CYS A 434 -46.30 -23.85 -4.33
N HIS A 435 -47.00 -22.74 -4.08
CA HIS A 435 -47.91 -22.19 -5.07
C HIS A 435 -47.21 -21.44 -6.20
N GLU A 436 -46.09 -20.76 -5.92
CA GLU A 436 -45.43 -19.99 -6.97
C GLU A 436 -44.38 -20.78 -7.74
N HIS A 437 -43.78 -21.82 -7.15
CA HIS A 437 -43.05 -22.76 -7.98
C HIS A 437 -43.95 -23.82 -8.59
N GLY A 438 -45.05 -24.15 -7.90
CA GLY A 438 -45.92 -25.21 -8.39
C GLY A 438 -45.28 -26.58 -8.40
N ARG A 439 -44.59 -26.95 -7.33
CA ARG A 439 -43.84 -28.21 -7.26
C ARG A 439 -44.84 -29.35 -7.04
N GLY A 440 -45.74 -29.53 -8.00
CA GLY A 440 -46.81 -30.50 -7.90
C GLY A 440 -48.20 -29.92 -7.93
N THR A 441 -48.37 -28.70 -8.43
CA THR A 441 -49.64 -28.00 -8.50
C THR A 441 -49.52 -26.98 -9.62
N PRO A 442 -50.55 -26.76 -10.42
CA PRO A 442 -50.42 -25.81 -11.54
C PRO A 442 -50.02 -24.43 -11.05
N ARG A 443 -49.20 -23.76 -11.87
CA ARG A 443 -48.66 -22.45 -11.49
C ARG A 443 -49.79 -21.48 -11.19
N ASP A 444 -49.71 -20.86 -10.01
CA ASP A 444 -50.70 -19.90 -9.56
C ASP A 444 -50.00 -18.81 -8.77
N ILE A 445 -50.31 -17.56 -9.10
CA ILE A 445 -49.66 -16.43 -8.47
C ILE A 445 -50.53 -15.75 -7.43
N SER A 446 -51.83 -15.57 -7.71
CA SER A 446 -52.72 -14.87 -6.79
C SER A 446 -52.73 -15.51 -5.41
N LYS A 447 -52.94 -16.82 -5.35
CA LYS A 447 -52.89 -17.52 -4.07
C LYS A 447 -51.51 -17.42 -3.43
N ALA A 448 -50.45 -17.55 -4.24
CA ALA A 448 -49.10 -17.40 -3.70
C ALA A 448 -48.89 -16.00 -3.12
N VAL A 449 -49.36 -14.97 -3.84
CA VAL A 449 -49.22 -13.61 -3.34
C VAL A 449 -49.99 -13.41 -2.05
N LEU A 450 -51.21 -13.96 -1.95
CA LEU A 450 -51.97 -13.82 -0.71
C LEU A 450 -51.27 -14.52 0.45
N TYR A 451 -50.74 -15.72 0.21
CA TYR A 451 -50.02 -16.42 1.27
C TYR A 451 -48.76 -15.66 1.68
N TYR A 452 -48.05 -15.08 0.71
CA TYR A 452 -46.87 -14.28 1.06
C TYR A 452 -47.26 -13.05 1.85
N GLN A 453 -48.39 -12.43 1.53
CA GLN A 453 -48.89 -11.31 2.33
C GLN A 453 -49.13 -11.75 3.77
N LEU A 454 -49.81 -12.88 3.94
CA LEU A 454 -50.12 -13.35 5.29
C LEU A 454 -48.84 -13.66 6.06
N ALA A 455 -47.84 -14.24 5.38
CA ALA A 455 -46.59 -14.56 6.05
C ALA A 455 -45.80 -13.29 6.36
N ALA A 456 -45.82 -12.31 5.46
CA ALA A 456 -45.06 -11.09 5.66
C ALA A 456 -45.63 -10.27 6.82
N SER A 457 -46.95 -10.22 6.94
CA SER A 457 -47.56 -9.46 8.02
C SER A 457 -47.17 -9.99 9.39
N GLN A 458 -46.72 -11.24 9.49
CA GLN A 458 -46.41 -11.86 10.75
C GLN A 458 -44.93 -11.79 11.11
N GLY A 459 -44.09 -11.25 10.24
CA GLY A 459 -42.69 -11.05 10.57
C GLY A 459 -41.77 -12.18 10.14
N HIS A 460 -41.84 -12.56 8.88
CA HIS A 460 -40.95 -13.56 8.30
C HIS A 460 -40.12 -12.89 7.22
N SER A 461 -38.81 -12.80 7.46
CA SER A 461 -37.94 -12.02 6.58
C SER A 461 -37.92 -12.58 5.16
N LEU A 462 -37.65 -13.87 5.03
CA LEU A 462 -37.56 -14.47 3.70
C LEU A 462 -38.91 -14.41 2.99
N ALA A 463 -40.00 -14.66 3.72
CA ALA A 463 -41.32 -14.63 3.11
C ALA A 463 -41.67 -13.23 2.61
N GLN A 464 -41.35 -12.20 3.40
CA GLN A 464 -41.68 -10.85 2.95
C GLN A 464 -40.79 -10.41 1.79
N TYR A 465 -39.52 -10.85 1.78
CA TYR A 465 -38.70 -10.61 0.61
C TYR A 465 -39.31 -11.25 -0.63
N ARG A 466 -39.80 -12.48 -0.49
CA ARG A 466 -40.44 -13.15 -1.62
C ARG A 466 -41.69 -12.40 -2.07
N TYR A 467 -42.49 -11.93 -1.10
CA TYR A 467 -43.67 -11.15 -1.44
C TYR A 467 -43.31 -9.91 -2.24
N ALA A 468 -42.33 -9.16 -1.76
CA ALA A 468 -41.96 -7.92 -2.44
C ALA A 468 -41.42 -8.21 -3.83
N ARG A 469 -40.57 -9.22 -3.96
CA ARG A 469 -39.97 -9.52 -5.26
C ARG A 469 -41.02 -10.03 -6.24
N CYS A 470 -42.03 -10.74 -5.74
CA CYS A 470 -43.08 -11.23 -6.63
C CYS A 470 -44.03 -10.11 -7.04
N LEU A 471 -44.35 -9.20 -6.13
CA LEU A 471 -45.28 -8.12 -6.46
C LEU A 471 -44.63 -7.06 -7.33
N LEU A 472 -43.33 -6.81 -7.15
CA LEU A 472 -42.64 -5.73 -7.84
C LEU A 472 -41.98 -6.20 -9.13
N ARG A 473 -42.27 -7.41 -9.60
CA ARG A 473 -41.69 -7.86 -10.87
C ARG A 473 -42.25 -7.07 -12.04
N ASP A 474 -43.43 -6.48 -11.90
CA ASP A 474 -44.03 -5.69 -12.97
C ASP A 474 -43.31 -4.35 -13.11
N PRO A 475 -43.31 -3.79 -14.32
CA PRO A 475 -42.65 -2.49 -14.52
C PRO A 475 -43.56 -1.31 -14.22
N ALA A 476 -44.66 -1.57 -13.50
CA ALA A 476 -45.63 -0.52 -13.20
C ALA A 476 -45.01 0.52 -12.27
N SER A 477 -45.68 1.67 -12.19
CA SER A 477 -45.17 2.79 -11.41
C SER A 477 -45.42 2.54 -9.92
N SER A 478 -45.00 3.50 -9.08
CA SER A 478 -45.14 3.41 -7.64
C SER A 478 -46.31 4.25 -7.14
N TRP A 479 -47.20 4.65 -8.04
CA TRP A 479 -48.38 5.41 -7.64
C TRP A 479 -49.34 4.56 -6.82
N ASN A 480 -49.50 3.29 -7.16
CA ASN A 480 -50.34 2.39 -6.38
C ASN A 480 -49.72 2.14 -5.01
N PRO A 481 -50.41 2.43 -3.91
CA PRO A 481 -49.79 2.29 -2.58
C PRO A 481 -49.47 0.86 -2.20
N GLU A 482 -50.01 -0.13 -2.91
CA GLU A 482 -49.55 -1.51 -2.70
C GLU A 482 -48.06 -1.62 -2.94
N ARG A 483 -47.55 -0.95 -3.97
CA ARG A 483 -46.11 -0.85 -4.16
C ARG A 483 -45.43 -0.15 -2.99
N GLN A 484 -46.12 0.81 -2.37
CA GLN A 484 -45.54 1.48 -1.21
C GLN A 484 -45.32 0.50 -0.06
N ARG A 485 -46.33 -0.29 0.30
CA ARG A 485 -46.09 -1.31 1.31
C ARG A 485 -45.04 -2.32 0.85
N ALA A 486 -45.06 -2.70 -0.43
CA ALA A 486 -44.10 -3.69 -0.90
C ALA A 486 -42.67 -3.21 -0.72
N VAL A 487 -42.40 -1.97 -1.15
CA VAL A 487 -41.03 -1.44 -1.03
C VAL A 487 -40.67 -1.23 0.43
N SER A 488 -41.62 -0.78 1.26
CA SER A 488 -41.31 -0.58 2.66
C SER A 488 -40.96 -1.89 3.35
N LEU A 489 -41.73 -2.95 3.08
CA LEU A 489 -41.43 -4.22 3.72
C LEU A 489 -40.15 -4.83 3.16
N LEU A 490 -39.86 -4.63 1.88
CA LEU A 490 -38.59 -5.11 1.35
C LEU A 490 -37.43 -4.36 2.01
N LYS A 491 -37.61 -3.06 2.24
CA LYS A 491 -36.61 -2.25 2.93
C LYS A 491 -36.34 -2.81 4.33
N GLN A 492 -37.40 -3.00 5.11
CA GLN A 492 -37.21 -3.47 6.48
C GLN A 492 -36.89 -4.96 6.55
N ALA A 493 -36.97 -5.67 5.43
CA ALA A 493 -36.43 -7.03 5.36
C ALA A 493 -34.94 -7.02 5.07
N ALA A 494 -34.53 -6.24 4.05
CA ALA A 494 -33.11 -6.12 3.75
C ALA A 494 -32.34 -5.52 4.91
N ASP A 495 -33.00 -4.71 5.74
CA ASP A 495 -32.34 -4.20 6.94
C ASP A 495 -32.02 -5.30 7.94
N SER A 496 -32.66 -6.47 7.82
CA SER A 496 -32.41 -7.56 8.74
C SER A 496 -31.10 -8.28 8.48
N GLY A 497 -30.68 -8.37 7.22
CA GLY A 497 -29.42 -9.03 6.88
C GLY A 497 -29.52 -10.08 5.79
N LEU A 498 -30.68 -10.30 5.17
CA LEU A 498 -30.78 -11.26 4.08
C LEU A 498 -29.97 -10.78 2.88
N ARG A 499 -29.41 -11.74 2.13
CA ARG A 499 -28.52 -11.39 1.03
C ARG A 499 -29.32 -10.94 -0.20
N GLU A 500 -30.26 -11.78 -0.65
CA GLU A 500 -30.93 -11.51 -1.92
C GLU A 500 -31.77 -10.24 -1.87
N ALA A 501 -32.43 -9.97 -0.74
CA ALA A 501 -33.27 -8.79 -0.65
C ALA A 501 -32.45 -7.51 -0.86
N GLN A 502 -31.27 -7.45 -0.26
CA GLN A 502 -30.41 -6.28 -0.42
C GLN A 502 -30.03 -6.06 -1.87
N ALA A 503 -29.60 -7.13 -2.56
CA ALA A 503 -29.20 -7.00 -3.95
C ALA A 503 -30.37 -6.57 -4.82
N PHE A 504 -31.54 -7.15 -4.59
CA PHE A 504 -32.69 -6.79 -5.40
C PHE A 504 -33.09 -5.35 -5.15
N LEU A 505 -33.00 -4.88 -3.91
CA LEU A 505 -33.32 -3.47 -3.64
C LEU A 505 -32.31 -2.54 -4.28
N GLY A 506 -31.02 -2.92 -4.25
CA GLY A 506 -30.02 -2.11 -4.92
C GLY A 506 -30.28 -2.00 -6.42
N VAL A 507 -30.72 -3.09 -7.04
CA VAL A 507 -31.10 -3.03 -8.44
C VAL A 507 -32.34 -2.16 -8.63
N LEU A 508 -33.33 -2.31 -7.75
CA LEU A 508 -34.62 -1.68 -7.97
C LEU A 508 -34.54 -0.17 -7.80
N PHE A 509 -33.78 0.30 -6.82
CA PHE A 509 -33.64 1.74 -6.62
C PHE A 509 -32.84 2.43 -7.72
N THR A 510 -32.21 1.65 -8.61
CA THR A 510 -31.45 2.25 -9.70
C THR A 510 -32.31 2.52 -10.93
N LYS A 511 -33.52 1.96 -10.99
CA LYS A 511 -34.32 1.97 -12.20
C LYS A 511 -35.61 2.75 -11.98
N GLU A 512 -36.14 3.30 -13.07
CA GLU A 512 -37.31 4.18 -13.01
C GLU A 512 -38.51 3.43 -12.44
N PRO A 513 -39.34 4.07 -11.59
CA PRO A 513 -39.25 5.43 -11.05
C PRO A 513 -38.71 5.49 -9.64
N TYR A 514 -37.98 4.44 -9.24
CA TYR A 514 -37.48 4.31 -7.88
C TYR A 514 -36.08 4.89 -7.71
N LEU A 515 -35.72 5.90 -8.51
CA LEU A 515 -34.36 6.42 -8.53
C LEU A 515 -33.96 7.05 -7.22
N ASP A 516 -33.05 6.39 -6.49
CA ASP A 516 -32.41 6.98 -5.32
C ASP A 516 -30.97 6.43 -5.31
N GLU A 517 -30.06 7.19 -5.91
CA GLU A 517 -28.74 6.67 -6.25
C GLU A 517 -27.94 6.28 -5.01
N GLN A 518 -27.95 7.13 -3.99
CA GLN A 518 -27.14 6.86 -2.81
C GLN A 518 -27.60 5.59 -2.09
N ARG A 519 -28.91 5.45 -1.89
CA ARG A 519 -29.43 4.26 -1.22
C ARG A 519 -29.13 3.00 -2.01
N ALA A 520 -29.32 3.07 -3.32
CA ALA A 520 -29.04 1.92 -4.17
C ALA A 520 -27.58 1.53 -4.09
N VAL A 521 -26.69 2.52 -4.13
CA VAL A 521 -25.25 2.24 -4.05
C VAL A 521 -24.92 1.61 -2.71
N LYS A 522 -25.49 2.14 -1.63
CA LYS A 522 -25.11 1.66 -0.30
C LYS A 522 -25.58 0.23 -0.06
N TYR A 523 -26.81 -0.10 -0.49
CA TYR A 523 -27.23 -1.50 -0.38
C TYR A 523 -26.52 -2.42 -1.36
N LEU A 524 -26.19 -1.95 -2.56
CA LEU A 524 -25.39 -2.79 -3.45
C LEU A 524 -24.05 -3.11 -2.83
N TRP A 525 -23.40 -2.11 -2.22
CA TRP A 525 -22.12 -2.34 -1.56
C TRP A 525 -22.27 -3.30 -0.38
N LEU A 526 -23.32 -3.09 0.44
CA LEU A 526 -23.48 -3.93 1.63
C LEU A 526 -23.78 -5.37 1.25
N ALA A 527 -24.56 -5.58 0.19
CA ALA A 527 -24.81 -6.93 -0.29
C ALA A 527 -23.57 -7.55 -0.92
N ALA A 528 -22.81 -6.75 -1.67
CA ALA A 528 -21.60 -7.27 -2.30
C ALA A 528 -20.55 -7.65 -1.26
N ASN A 529 -20.56 -7.00 -0.10
CA ASN A 529 -19.66 -7.37 0.98
C ASN A 529 -19.88 -8.81 1.43
N ASN A 530 -21.07 -9.36 1.19
CA ASN A 530 -21.35 -10.75 1.56
C ASN A 530 -20.82 -11.75 0.55
N GLY A 531 -20.28 -11.30 -0.57
CA GLY A 531 -19.67 -12.18 -1.55
C GLY A 531 -20.49 -12.47 -2.79
N ASP A 532 -21.62 -11.79 -2.98
CA ASP A 532 -22.40 -12.00 -4.19
C ASP A 532 -21.68 -11.39 -5.39
N SER A 533 -21.48 -12.19 -6.44
CA SER A 533 -20.70 -11.74 -7.58
C SER A 533 -21.48 -10.75 -8.43
N GLN A 534 -22.77 -11.04 -8.69
CA GLN A 534 -23.55 -10.18 -9.57
C GLN A 534 -23.79 -8.82 -8.94
N SER A 535 -24.01 -8.79 -7.63
CA SER A 535 -24.20 -7.50 -6.95
C SER A 535 -22.96 -6.64 -7.05
N ARG A 536 -21.78 -7.24 -6.92
CA ARG A 536 -20.55 -6.45 -6.98
C ARG A 536 -20.24 -6.05 -8.42
N TYR A 537 -20.63 -6.87 -9.41
CA TYR A 537 -20.52 -6.42 -10.79
C TYR A 537 -21.43 -5.22 -11.03
N HIS A 538 -22.64 -5.23 -10.47
CA HIS A 538 -23.49 -4.06 -10.57
C HIS A 538 -22.88 -2.86 -9.85
N LEU A 539 -22.19 -3.10 -8.74
CA LEU A 539 -21.47 -2.01 -8.08
C LEU A 539 -20.41 -1.43 -9.01
N GLY A 540 -19.70 -2.29 -9.72
CA GLY A 540 -18.69 -1.81 -10.66
C GLY A 540 -19.28 -1.04 -11.82
N ILE A 541 -20.39 -1.54 -12.39
CA ILE A 541 -21.02 -0.84 -13.50
C ILE A 541 -21.53 0.51 -13.03
N CYS A 542 -22.02 0.57 -11.78
CA CYS A 542 -22.50 1.82 -11.21
C CYS A 542 -21.35 2.81 -11.01
N TYR A 543 -20.20 2.33 -10.53
CA TYR A 543 -19.06 3.23 -10.35
C TYR A 543 -18.53 3.74 -11.68
N GLU A 544 -18.38 2.86 -12.67
CA GLU A 544 -17.80 3.34 -13.92
C GLU A 544 -18.76 4.24 -14.67
N LYS A 545 -20.06 4.01 -14.55
CA LYS A 545 -21.06 4.86 -15.18
C LYS A 545 -21.27 6.16 -14.42
N GLY A 546 -20.76 6.25 -13.20
CA GLY A 546 -20.78 7.51 -12.46
C GLY A 546 -22.15 8.01 -12.04
N LEU A 547 -23.00 7.11 -11.56
CA LEU A 547 -24.25 7.51 -10.92
C LEU A 547 -24.19 7.15 -9.44
N GLY A 548 -24.51 8.12 -8.59
CA GLY A 548 -24.44 7.89 -7.16
C GLY A 548 -23.05 8.05 -6.59
N VAL A 549 -22.05 7.57 -7.33
CA VAL A 549 -20.65 7.67 -6.92
C VAL A 549 -19.84 8.19 -8.10
N GLN A 550 -18.85 9.02 -7.79
CA GLN A 550 -18.04 9.66 -8.82
C GLN A 550 -17.31 8.62 -9.66
N ARG A 551 -17.05 8.97 -10.92
CA ARG A 551 -16.48 8.04 -11.89
C ARG A 551 -15.06 7.66 -11.51
N ASN A 552 -14.89 6.46 -10.96
CA ASN A 552 -13.57 5.88 -10.74
C ASN A 552 -13.43 4.64 -11.62
N LEU A 553 -12.22 4.43 -12.13
CA LEU A 553 -12.00 3.47 -13.20
C LEU A 553 -11.16 2.26 -12.80
N GLY A 554 -10.06 2.46 -12.09
CA GLY A 554 -9.23 1.32 -11.70
C GLY A 554 -9.95 0.37 -10.76
N GLU A 555 -10.67 0.94 -9.78
CA GLU A 555 -11.45 0.10 -8.88
C GLU A 555 -12.54 -0.65 -9.64
N ALA A 556 -13.17 0.01 -10.61
CA ALA A 556 -14.12 -0.70 -11.47
C ALA A 556 -13.41 -1.79 -12.27
N LEU A 557 -12.16 -1.53 -12.67
CA LEU A 557 -11.42 -2.52 -13.45
C LEU A 557 -11.19 -3.79 -12.66
N ARG A 558 -10.61 -3.68 -11.45
CA ARG A 558 -10.41 -4.95 -10.75
C ARG A 558 -11.67 -5.41 -10.03
N CYS A 559 -12.71 -4.59 -9.97
CA CYS A 559 -14.02 -5.10 -9.56
C CYS A 559 -14.57 -6.06 -10.61
N TYR A 560 -14.51 -5.66 -11.88
CA TYR A 560 -14.82 -6.60 -12.96
C TYR A 560 -13.91 -7.81 -12.92
N GLN A 561 -12.62 -7.58 -12.64
CA GLN A 561 -11.66 -8.69 -12.63
C GLN A 561 -12.00 -9.71 -11.56
N GLN A 562 -12.31 -9.26 -10.35
CA GLN A 562 -12.69 -10.20 -9.29
C GLN A 562 -14.05 -10.84 -9.56
N SER A 563 -14.99 -10.09 -10.14
CA SER A 563 -16.27 -10.68 -10.48
C SER A 563 -16.12 -11.80 -11.49
N ALA A 564 -15.20 -11.64 -12.45
CA ALA A 564 -14.85 -12.75 -13.32
C ALA A 564 -14.15 -13.85 -12.54
N ALA A 565 -13.33 -13.47 -11.56
CA ALA A 565 -12.63 -14.47 -10.76
C ALA A 565 -13.59 -15.23 -9.86
N LEU A 566 -14.60 -14.56 -9.31
CA LEU A 566 -15.56 -15.22 -8.43
C LEU A 566 -16.63 -15.99 -9.17
N GLY A 567 -16.60 -16.00 -10.50
CA GLY A 567 -17.48 -16.86 -11.26
C GLY A 567 -18.77 -16.22 -11.75
N ASN A 568 -18.79 -14.89 -11.86
CA ASN A 568 -19.89 -14.20 -12.53
C ASN A 568 -19.61 -14.20 -14.03
N GLU A 569 -19.78 -15.39 -14.61
CA GLU A 569 -19.27 -15.63 -15.96
C GLU A 569 -19.86 -14.67 -16.97
N ALA A 570 -21.19 -14.52 -16.98
CA ALA A 570 -21.84 -13.79 -18.07
C ALA A 570 -21.38 -12.34 -18.14
N ALA A 571 -21.72 -11.54 -17.13
CA ALA A 571 -21.51 -10.11 -17.21
C ALA A 571 -20.03 -9.75 -17.16
N GLN A 572 -19.30 -10.33 -16.20
CA GLN A 572 -17.88 -10.02 -16.07
C GLN A 572 -17.09 -10.49 -17.29
N GLU A 573 -17.42 -11.68 -17.81
CA GLU A 573 -16.77 -12.16 -19.02
C GLU A 573 -17.07 -11.23 -20.19
N ARG A 574 -18.31 -10.77 -20.30
CA ARG A 574 -18.65 -9.86 -21.39
C ARG A 574 -17.87 -8.56 -21.29
N LEU A 575 -17.78 -7.99 -20.10
CA LEU A 575 -17.03 -6.74 -19.93
C LEU A 575 -15.54 -6.93 -20.20
N ARG A 576 -14.95 -8.01 -19.69
CA ARG A 576 -13.53 -8.24 -19.96
C ARG A 576 -13.28 -8.47 -21.45
N ALA A 577 -14.15 -9.23 -22.11
CA ALA A 577 -13.99 -9.47 -23.53
C ALA A 577 -14.13 -8.19 -24.33
N LEU A 578 -15.07 -7.32 -23.94
CA LEU A 578 -15.21 -6.04 -24.63
C LEU A 578 -13.97 -5.18 -24.42
N PHE A 579 -13.47 -5.12 -23.19
CA PHE A 579 -12.30 -4.33 -22.84
C PHE A 579 -11.02 -4.87 -23.45
N SER A 580 -11.01 -6.14 -23.86
CA SER A 580 -9.89 -6.72 -24.58
C SER A 580 -10.00 -6.56 -26.09
N MET A 581 -11.20 -6.74 -26.66
CA MET A 581 -11.41 -6.56 -28.08
C MET A 581 -11.20 -5.10 -28.49
N GLY A 582 -11.74 -4.16 -27.71
CA GLY A 582 -11.54 -2.75 -28.04
C GLY A 582 -10.15 -2.26 -27.74
N ALA A 583 -9.34 -3.05 -27.03
CA ALA A 583 -7.98 -2.65 -26.69
C ALA A 583 -6.97 -3.22 -27.68
N ALA A 584 -7.07 -4.51 -27.98
CA ALA A 584 -6.15 -5.20 -28.87
C ALA A 584 -6.72 -5.32 -30.29
N ALA A 585 -7.55 -4.37 -30.70
CA ALA A 585 -8.14 -4.39 -32.03
C ALA A 585 -7.09 -4.14 -33.10
N SER B 376 -62.95 -36.03 10.16
CA SER B 376 -61.56 -35.55 10.19
C SER B 376 -60.64 -36.62 10.75
N LEU B 377 -61.21 -37.79 11.08
CA LEU B 377 -60.44 -38.84 11.71
C LEU B 377 -59.44 -39.48 10.75
N GLU B 378 -59.77 -39.59 9.47
CA GLU B 378 -58.88 -40.28 8.53
C GLU B 378 -57.60 -39.48 8.30
N GLU B 379 -57.72 -38.18 8.03
CA GLU B 379 -56.51 -37.38 7.84
C GLU B 379 -55.73 -37.28 9.15
N ALA B 380 -56.42 -37.23 10.27
CA ALA B 380 -55.74 -37.19 11.57
C ALA B 380 -54.94 -38.45 11.81
N VAL B 381 -55.52 -39.62 11.53
CA VAL B 381 -54.81 -40.87 11.78
C VAL B 381 -53.65 -41.04 10.81
N THR B 382 -53.83 -40.61 9.55
CA THR B 382 -52.71 -40.66 8.62
C THR B 382 -51.57 -39.75 9.08
N SER B 383 -51.92 -38.54 9.53
CA SER B 383 -50.89 -37.62 10.01
C SER B 383 -50.18 -38.18 11.23
N ILE B 384 -50.92 -38.76 12.17
CA ILE B 384 -50.29 -39.25 13.39
C ILE B 384 -49.42 -40.46 13.10
N GLN B 385 -49.83 -41.33 12.18
CA GLN B 385 -48.98 -42.48 11.88
C GLN B 385 -47.72 -42.05 11.12
N GLN B 386 -47.83 -41.07 10.22
CA GLN B 386 -46.64 -40.56 9.57
C GLN B 386 -45.70 -39.89 10.57
N LEU B 387 -46.27 -39.14 11.53
CA LEU B 387 -45.46 -38.53 12.57
C LEU B 387 -44.77 -39.60 13.41
N PHE B 388 -45.47 -40.71 13.69
CA PHE B 388 -44.85 -41.80 14.43
C PHE B 388 -43.69 -42.39 13.65
N GLN B 389 -43.86 -42.58 12.34
CA GLN B 389 -42.78 -43.08 11.50
C GLN B 389 -41.56 -42.16 11.56
N LEU B 390 -41.77 -40.87 11.35
CA LEU B 390 -40.65 -39.93 11.39
C LEU B 390 -40.01 -39.90 12.78
N SER B 391 -40.81 -39.91 13.83
CA SER B 391 -40.27 -39.80 15.18
C SER B 391 -39.46 -41.03 15.56
N VAL B 392 -39.93 -42.23 15.17
CA VAL B 392 -39.15 -43.42 15.47
C VAL B 392 -37.86 -43.45 14.64
N SER B 393 -37.89 -42.94 13.41
CA SER B 393 -36.65 -42.81 12.67
C SER B 393 -35.67 -41.87 13.38
N ILE B 394 -36.18 -40.72 13.85
CA ILE B 394 -35.33 -39.78 14.58
C ILE B 394 -34.75 -40.44 15.82
N ALA B 395 -35.58 -41.18 16.56
CA ALA B 395 -35.11 -41.82 17.78
C ALA B 395 -34.03 -42.85 17.48
N PHE B 396 -34.22 -43.66 16.43
CA PHE B 396 -33.22 -44.66 16.10
C PHE B 396 -31.90 -43.99 15.72
N ASN B 397 -31.96 -42.92 14.93
CA ASN B 397 -30.74 -42.21 14.57
C ASN B 397 -30.07 -41.59 15.80
N PHE B 398 -30.86 -41.02 16.70
CA PHE B 398 -30.30 -40.38 17.88
C PHE B 398 -29.62 -41.40 18.79
N LEU B 399 -30.24 -42.57 18.98
CA LEU B 399 -29.59 -43.61 19.76
C LEU B 399 -28.34 -44.09 19.08
N GLY B 400 -28.35 -44.20 17.75
CA GLY B 400 -27.15 -44.60 17.03
C GLY B 400 -25.99 -43.64 17.26
N THR B 401 -26.27 -42.34 17.11
CA THR B 401 -25.19 -41.37 17.29
C THR B 401 -24.75 -41.26 18.75
N GLU B 402 -25.68 -41.41 19.69
CA GLU B 402 -25.31 -41.40 21.10
C GLU B 402 -24.42 -42.59 21.44
N ASN B 403 -24.74 -43.77 20.90
CA ASN B 403 -23.91 -44.93 21.15
C ASN B 403 -22.54 -44.78 20.50
N MET B 404 -22.49 -44.24 19.28
CA MET B 404 -21.21 -44.05 18.63
C MET B 404 -20.33 -43.06 19.40
N LYS B 405 -20.92 -41.98 19.89
CA LYS B 405 -20.15 -41.03 20.69
C LYS B 405 -19.70 -41.65 22.01
N SER B 406 -20.59 -42.42 22.65
CA SER B 406 -20.26 -43.02 23.95
C SER B 406 -19.13 -44.02 23.82
N GLY B 407 -19.17 -44.87 22.80
CA GLY B 407 -18.14 -45.87 22.61
C GLY B 407 -18.65 -47.20 22.11
N ASP B 408 -19.92 -47.51 22.38
CA ASP B 408 -20.51 -48.73 21.85
C ASP B 408 -20.69 -48.59 20.34
N HIS B 409 -20.23 -49.60 19.60
CA HIS B 409 -20.15 -49.47 18.15
C HIS B 409 -21.08 -50.43 17.42
N THR B 410 -21.11 -51.71 17.80
CA THR B 410 -21.98 -52.65 17.10
C THR B 410 -23.45 -52.29 17.27
N ALA B 411 -23.84 -51.84 18.47
CA ALA B 411 -25.20 -51.35 18.67
C ALA B 411 -25.44 -50.10 17.84
N ALA B 412 -24.43 -49.22 17.71
CA ALA B 412 -24.56 -48.07 16.85
C ALA B 412 -24.78 -48.48 15.41
N PHE B 413 -24.06 -49.49 14.95
CA PHE B 413 -24.28 -50.02 13.60
C PHE B 413 -25.69 -50.52 13.44
N SER B 414 -26.17 -51.33 14.39
CA SER B 414 -27.49 -51.91 14.26
C SER B 414 -28.56 -50.82 14.20
N TYR B 415 -28.47 -49.85 15.09
CA TYR B 415 -29.44 -48.75 15.07
C TYR B 415 -29.36 -47.96 13.78
N PHE B 416 -28.16 -47.69 13.28
CA PHE B 416 -28.04 -46.90 12.08
C PHE B 416 -28.62 -47.63 10.87
N GLN B 417 -28.39 -48.94 10.76
CA GLN B 417 -29.00 -49.68 9.67
C GLN B 417 -30.52 -49.72 9.79
N LYS B 418 -31.06 -49.99 10.99
CA LYS B 418 -32.50 -50.07 11.08
C LYS B 418 -33.17 -48.70 10.91
N ALA B 419 -32.45 -47.62 11.18
CA ALA B 419 -32.98 -46.29 10.89
C ALA B 419 -32.89 -45.96 9.39
N ALA B 420 -31.78 -46.34 8.75
CA ALA B 420 -31.58 -46.01 7.35
C ALA B 420 -32.42 -46.87 6.42
N ALA B 421 -32.83 -48.06 6.87
CA ALA B 421 -33.63 -48.93 6.02
C ALA B 421 -35.05 -48.42 5.82
N ARG B 422 -35.45 -47.38 6.54
CA ARG B 422 -36.83 -46.92 6.54
C ARG B 422 -36.93 -45.45 6.14
N GLY B 423 -35.98 -44.96 5.36
CA GLY B 423 -36.09 -43.68 4.70
C GLY B 423 -35.80 -42.44 5.53
N TYR B 424 -34.57 -42.30 6.00
CA TYR B 424 -34.13 -41.08 6.66
C TYR B 424 -32.77 -40.66 6.11
N SER B 425 -32.57 -39.35 5.95
CA SER B 425 -31.39 -38.84 5.28
C SER B 425 -30.13 -39.03 6.13
N LYS B 426 -30.12 -38.41 7.33
CA LYS B 426 -28.94 -38.47 8.17
C LYS B 426 -28.60 -39.90 8.55
N ALA B 427 -29.61 -40.74 8.75
CA ALA B 427 -29.35 -42.14 9.09
C ALA B 427 -28.62 -42.84 7.96
N GLN B 428 -29.02 -42.57 6.72
CA GLN B 428 -28.32 -43.16 5.58
C GLN B 428 -26.90 -42.63 5.45
N TYR B 429 -26.70 -41.33 5.72
CA TYR B 429 -25.34 -40.81 5.80
C TYR B 429 -24.50 -41.57 6.81
N ASN B 430 -25.04 -41.76 8.01
CA ASN B 430 -24.26 -42.41 9.06
C ASN B 430 -23.99 -43.87 8.70
N ALA B 431 -24.96 -44.53 8.08
CA ALA B 431 -24.75 -45.92 7.65
C ALA B 431 -23.64 -45.99 6.61
N GLY B 432 -23.65 -45.08 5.64
CA GLY B 432 -22.57 -45.06 4.66
C GLY B 432 -21.23 -44.78 5.30
N LEU B 433 -21.20 -43.84 6.24
CA LEU B 433 -19.95 -43.49 6.90
C LEU B 433 -19.39 -44.67 7.68
N CYS B 434 -20.25 -45.37 8.42
CA CYS B 434 -19.80 -46.50 9.21
C CYS B 434 -19.48 -47.71 8.36
N HIS B 435 -20.02 -47.82 7.15
CA HIS B 435 -19.62 -48.88 6.24
C HIS B 435 -18.34 -48.57 5.46
N GLU B 436 -18.03 -47.30 5.21
CA GLU B 436 -16.80 -46.99 4.49
C GLU B 436 -15.60 -46.77 5.40
N HIS B 437 -15.79 -46.31 6.63
CA HIS B 437 -14.70 -46.42 7.61
C HIS B 437 -14.61 -47.82 8.20
N GLY B 438 -15.75 -48.51 8.30
CA GLY B 438 -15.75 -49.82 8.93
C GLY B 438 -15.44 -49.80 10.40
N ARG B 439 -15.99 -48.84 11.14
CA ARG B 439 -15.67 -48.68 12.56
C ARG B 439 -16.55 -49.61 13.37
N GLY B 440 -16.37 -50.92 13.18
CA GLY B 440 -17.19 -51.92 13.83
C GLY B 440 -17.80 -52.95 12.90
N THR B 441 -17.39 -52.99 11.63
CA THR B 441 -17.87 -53.94 10.64
C THR B 441 -16.84 -53.98 9.53
N PRO B 442 -16.56 -55.14 8.94
CA PRO B 442 -15.51 -55.21 7.91
C PRO B 442 -15.77 -54.25 6.76
N ARG B 443 -14.67 -53.75 6.19
CA ARG B 443 -14.74 -52.72 5.18
C ARG B 443 -15.60 -53.15 4.00
N ASP B 444 -16.51 -52.28 3.58
CA ASP B 444 -17.37 -52.54 2.44
C ASP B 444 -17.64 -51.21 1.75
N ILE B 445 -17.55 -51.21 0.43
CA ILE B 445 -17.67 -49.98 -0.34
C ILE B 445 -18.96 -50.00 -1.14
N SER B 446 -19.39 -51.19 -1.56
CA SER B 446 -20.62 -51.33 -2.33
C SER B 446 -21.81 -50.81 -1.54
N LYS B 447 -22.08 -51.43 -0.39
CA LYS B 447 -23.15 -50.94 0.48
C LYS B 447 -22.93 -49.50 0.91
N ALA B 448 -21.67 -49.10 1.14
CA ALA B 448 -21.39 -47.71 1.52
C ALA B 448 -21.84 -46.74 0.44
N VAL B 449 -21.43 -46.98 -0.81
CA VAL B 449 -21.80 -46.05 -1.87
C VAL B 449 -23.29 -46.13 -2.19
N LEU B 450 -23.93 -47.29 -2.02
CA LEU B 450 -25.37 -47.35 -2.21
C LEU B 450 -26.09 -46.50 -1.17
N TYR B 451 -25.67 -46.60 0.10
CA TYR B 451 -26.26 -45.76 1.13
C TYR B 451 -25.98 -44.29 0.86
N TYR B 452 -24.79 -43.97 0.35
CA TYR B 452 -24.49 -42.57 0.02
C TYR B 452 -25.38 -42.07 -1.11
N GLN B 453 -25.64 -42.91 -2.11
CA GLN B 453 -26.58 -42.52 -3.17
C GLN B 453 -27.96 -42.23 -2.60
N LEU B 454 -28.47 -43.14 -1.77
CA LEU B 454 -29.80 -42.91 -1.18
C LEU B 454 -29.82 -41.64 -0.33
N ALA B 455 -28.72 -41.36 0.37
CA ALA B 455 -28.69 -40.19 1.23
C ALA B 455 -28.53 -38.90 0.43
N ALA B 456 -27.80 -38.95 -0.68
CA ALA B 456 -27.58 -37.77 -1.49
C ALA B 456 -28.82 -37.43 -2.30
N SER B 457 -29.60 -38.44 -2.67
CA SER B 457 -30.83 -38.16 -3.41
C SER B 457 -31.80 -37.30 -2.61
N GLN B 458 -31.64 -37.23 -1.28
CA GLN B 458 -32.57 -36.49 -0.45
C GLN B 458 -32.06 -35.10 -0.05
N GLY B 459 -30.85 -34.73 -0.45
CA GLY B 459 -30.36 -33.39 -0.19
C GLY B 459 -29.53 -33.24 1.06
N HIS B 460 -28.51 -34.08 1.21
CA HIS B 460 -27.56 -33.99 2.31
C HIS B 460 -26.20 -33.64 1.75
N SER B 461 -25.65 -32.51 2.20
CA SER B 461 -24.39 -32.01 1.63
C SER B 461 -23.25 -32.98 1.89
N LEU B 462 -23.07 -33.37 3.15
CA LEU B 462 -21.98 -34.28 3.49
C LEU B 462 -22.13 -35.61 2.78
N ALA B 463 -23.37 -36.08 2.64
CA ALA B 463 -23.59 -37.39 2.02
C ALA B 463 -23.11 -37.41 0.58
N GLN B 464 -23.45 -36.37 -0.17
CA GLN B 464 -23.05 -36.33 -1.57
C GLN B 464 -21.57 -36.00 -1.73
N TYR B 465 -21.01 -35.19 -0.83
CA TYR B 465 -19.56 -34.99 -0.85
C TYR B 465 -18.83 -36.30 -0.62
N ARG B 466 -19.29 -37.09 0.35
CA ARG B 466 -18.67 -38.39 0.61
C ARG B 466 -18.91 -39.35 -0.54
N TYR B 467 -20.05 -39.24 -1.21
CA TYR B 467 -20.28 -40.04 -2.40
C TYR B 467 -19.25 -39.74 -3.47
N ALA B 468 -18.95 -38.46 -3.66
CA ALA B 468 -17.89 -38.08 -4.60
C ALA B 468 -16.54 -38.62 -4.15
N ARG B 469 -16.18 -38.40 -2.89
CA ARG B 469 -15.03 -39.05 -2.26
C ARG B 469 -14.91 -40.51 -2.67
N CYS B 470 -15.96 -41.30 -2.45
CA CYS B 470 -15.84 -42.75 -2.60
C CYS B 470 -15.97 -43.20 -4.05
N LEU B 471 -16.53 -42.37 -4.92
CA LEU B 471 -16.73 -42.78 -6.31
C LEU B 471 -15.63 -42.29 -7.25
N LEU B 472 -15.16 -41.06 -7.09
CA LEU B 472 -14.19 -40.47 -8.00
C LEU B 472 -12.75 -40.87 -7.69
N ARG B 473 -12.53 -41.67 -6.65
CA ARG B 473 -11.18 -42.07 -6.32
C ARG B 473 -10.59 -43.02 -7.37
N ASP B 474 -11.44 -43.67 -8.17
CA ASP B 474 -10.96 -44.63 -9.15
C ASP B 474 -10.22 -43.93 -10.28
N PRO B 475 -9.22 -44.58 -10.89
CA PRO B 475 -8.54 -43.99 -12.04
C PRO B 475 -9.23 -44.32 -13.36
N ALA B 476 -10.47 -44.80 -13.29
CA ALA B 476 -11.19 -45.21 -14.47
C ALA B 476 -11.62 -43.99 -15.28
N SER B 477 -12.05 -44.24 -16.51
CA SER B 477 -12.45 -43.17 -17.41
C SER B 477 -13.82 -42.60 -17.01
N SER B 478 -14.11 -41.42 -17.55
CA SER B 478 -15.34 -40.70 -17.25
C SER B 478 -16.37 -40.84 -18.37
N TRP B 479 -16.25 -41.92 -19.17
CA TRP B 479 -17.21 -42.15 -20.24
C TRP B 479 -18.58 -42.50 -19.68
N ASN B 480 -18.62 -43.18 -18.54
CA ASN B 480 -19.88 -43.56 -17.92
C ASN B 480 -20.64 -42.34 -17.43
N PRO B 481 -21.91 -42.16 -17.77
CA PRO B 481 -22.65 -40.97 -17.34
C PRO B 481 -22.81 -40.87 -15.83
N GLU B 482 -22.65 -41.98 -15.10
CA GLU B 482 -22.75 -41.93 -13.65
C GLU B 482 -21.68 -41.03 -13.06
N ARG B 483 -20.50 -40.97 -13.70
CA ARG B 483 -19.49 -40.00 -13.29
C ARG B 483 -19.98 -38.57 -13.47
N GLN B 484 -20.68 -38.30 -14.58
CA GLN B 484 -21.24 -36.97 -14.79
C GLN B 484 -22.27 -36.63 -13.72
N ARG B 485 -23.11 -37.61 -13.35
CA ARG B 485 -24.05 -37.38 -12.26
C ARG B 485 -23.31 -37.11 -10.95
N ALA B 486 -22.21 -37.83 -10.71
CA ALA B 486 -21.43 -37.61 -9.50
C ALA B 486 -20.84 -36.20 -9.47
N VAL B 487 -20.28 -35.74 -10.59
CA VAL B 487 -19.68 -34.41 -10.59
C VAL B 487 -20.76 -33.34 -10.49
N SER B 488 -21.94 -33.59 -11.07
CA SER B 488 -23.03 -32.62 -10.95
C SER B 488 -23.51 -32.50 -9.51
N LEU B 489 -23.68 -33.64 -8.83
CA LEU B 489 -24.07 -33.58 -7.42
C LEU B 489 -22.97 -32.96 -6.57
N LEU B 490 -21.70 -33.18 -6.94
CA LEU B 490 -20.61 -32.50 -6.25
C LEU B 490 -20.70 -30.99 -6.44
N LYS B 491 -21.02 -30.56 -7.65
CA LYS B 491 -21.23 -29.14 -7.94
C LYS B 491 -22.32 -28.55 -7.07
N GLN B 492 -23.49 -29.18 -7.06
CA GLN B 492 -24.60 -28.65 -6.27
C GLN B 492 -24.41 -28.87 -4.78
N ALA B 493 -23.41 -29.66 -4.38
CA ALA B 493 -22.98 -29.70 -2.99
C ALA B 493 -22.10 -28.51 -2.65
N ALA B 494 -21.07 -28.27 -3.46
CA ALA B 494 -20.17 -27.15 -3.21
C ALA B 494 -20.90 -25.83 -3.28
N ASP B 495 -21.98 -25.76 -4.05
CA ASP B 495 -22.80 -24.55 -4.08
C ASP B 495 -23.43 -24.25 -2.72
N SER B 496 -23.52 -25.25 -1.83
CA SER B 496 -24.13 -25.04 -0.53
C SER B 496 -23.22 -24.30 0.44
N GLY B 497 -21.91 -24.48 0.34
CA GLY B 497 -20.97 -23.79 1.21
C GLY B 497 -20.02 -24.70 1.99
N LEU B 498 -20.02 -26.01 1.77
CA LEU B 498 -19.07 -26.88 2.44
C LEU B 498 -17.65 -26.56 2.01
N ARG B 499 -16.70 -26.79 2.90
CA ARG B 499 -15.31 -26.44 2.61
C ARG B 499 -14.60 -27.52 1.79
N GLU B 500 -14.70 -28.77 2.21
CA GLU B 500 -13.92 -29.85 1.61
C GLU B 500 -14.32 -30.13 0.17
N ALA B 501 -15.62 -30.09 -0.15
CA ALA B 501 -16.07 -30.45 -1.49
C ALA B 501 -15.49 -29.51 -2.54
N GLN B 502 -15.45 -28.21 -2.22
CA GLN B 502 -14.90 -27.23 -3.16
C GLN B 502 -13.42 -27.48 -3.40
N ALA B 503 -12.66 -27.76 -2.35
CA ALA B 503 -11.24 -28.05 -2.53
C ALA B 503 -11.06 -29.29 -3.38
N PHE B 504 -11.88 -30.31 -3.14
CA PHE B 504 -11.77 -31.53 -3.94
C PHE B 504 -12.07 -31.26 -5.40
N LEU B 505 -13.10 -30.44 -5.69
CA LEU B 505 -13.38 -30.19 -7.10
C LEU B 505 -12.30 -29.33 -7.73
N GLY B 506 -11.70 -28.42 -6.96
CA GLY B 506 -10.61 -27.64 -7.48
C GLY B 506 -9.42 -28.50 -7.85
N VAL B 507 -9.17 -29.54 -7.06
CA VAL B 507 -8.14 -30.50 -7.44
C VAL B 507 -8.59 -31.31 -8.65
N LEU B 508 -9.88 -31.67 -8.71
CA LEU B 508 -10.36 -32.61 -9.71
C LEU B 508 -10.37 -31.99 -11.10
N PHE B 509 -10.86 -30.75 -11.22
CA PHE B 509 -10.95 -30.11 -12.53
C PHE B 509 -9.58 -29.81 -13.13
N THR B 510 -8.52 -29.83 -12.33
CA THR B 510 -7.18 -29.61 -12.84
C THR B 510 -6.63 -30.84 -13.57
N LYS B 511 -7.09 -32.03 -13.22
CA LYS B 511 -6.50 -33.28 -13.69
C LYS B 511 -7.37 -33.90 -14.78
N GLU B 512 -6.73 -34.66 -15.66
CA GLU B 512 -7.39 -35.20 -16.84
C GLU B 512 -8.50 -36.17 -16.44
N PRO B 513 -9.63 -36.20 -17.17
CA PRO B 513 -10.03 -35.39 -18.32
C PRO B 513 -11.02 -34.30 -17.98
N TYR B 514 -11.00 -33.84 -16.73
CA TYR B 514 -11.95 -32.83 -16.25
C TYR B 514 -11.42 -31.42 -16.40
N LEU B 515 -10.57 -31.17 -17.40
CA LEU B 515 -9.88 -29.89 -17.52
C LEU B 515 -10.84 -28.73 -17.74
N ASP B 516 -11.00 -27.90 -16.71
CA ASP B 516 -11.74 -26.63 -16.81
C ASP B 516 -11.05 -25.67 -15.84
N GLU B 517 -10.08 -24.92 -16.37
CA GLU B 517 -9.15 -24.20 -15.52
C GLU B 517 -9.83 -23.07 -14.76
N GLN B 518 -10.74 -22.33 -15.42
CA GLN B 518 -11.32 -21.15 -14.79
C GLN B 518 -12.15 -21.53 -13.57
N ARG B 519 -13.03 -22.53 -13.71
CA ARG B 519 -13.85 -22.96 -12.58
C ARG B 519 -12.99 -23.55 -11.47
N ALA B 520 -11.99 -24.34 -11.84
CA ALA B 520 -11.08 -24.91 -10.85
C ALA B 520 -10.42 -23.80 -10.03
N VAL B 521 -9.91 -22.78 -10.72
CA VAL B 521 -9.25 -21.68 -10.02
C VAL B 521 -10.24 -20.95 -9.12
N LYS B 522 -11.43 -20.65 -9.65
CA LYS B 522 -12.38 -19.86 -8.87
C LYS B 522 -12.79 -20.57 -7.60
N TYR B 523 -13.04 -21.88 -7.68
CA TYR B 523 -13.48 -22.57 -6.48
C TYR B 523 -12.32 -22.91 -5.56
N LEU B 524 -11.12 -23.12 -6.10
CA LEU B 524 -9.96 -23.23 -5.22
C LEU B 524 -9.75 -21.95 -4.43
N TRP B 525 -9.90 -20.80 -5.08
CA TRP B 525 -9.77 -19.53 -4.38
C TRP B 525 -10.85 -19.38 -3.33
N LEU B 526 -12.11 -19.69 -3.67
CA LEU B 526 -13.19 -19.49 -2.73
C LEU B 526 -13.04 -20.41 -1.53
N ALA B 527 -12.60 -21.66 -1.75
CA ALA B 527 -12.38 -22.58 -0.64
C ALA B 527 -11.18 -22.15 0.20
N ALA B 528 -10.11 -21.66 -0.44
CA ALA B 528 -8.94 -21.22 0.29
C ALA B 528 -9.26 -20.00 1.15
N ASN B 529 -10.23 -19.19 0.72
CA ASN B 529 -10.66 -18.08 1.55
C ASN B 529 -11.18 -18.53 2.90
N ASN B 530 -11.61 -19.80 3.02
CA ASN B 530 -12.08 -20.32 4.29
C ASN B 530 -10.95 -20.73 5.22
N GLY B 531 -9.71 -20.76 4.74
CA GLY B 531 -8.57 -21.04 5.58
C GLY B 531 -7.91 -22.39 5.39
N ASP B 532 -8.26 -23.14 4.35
CA ASP B 532 -7.62 -24.42 4.10
C ASP B 532 -6.21 -24.19 3.55
N SER B 533 -5.22 -24.85 4.17
CA SER B 533 -3.84 -24.63 3.77
C SER B 533 -3.50 -25.33 2.45
N GLN B 534 -3.98 -26.56 2.27
CA GLN B 534 -3.65 -27.29 1.06
C GLN B 534 -4.27 -26.66 -0.18
N SER B 535 -5.52 -26.20 -0.07
CA SER B 535 -6.18 -25.57 -1.20
C SER B 535 -5.46 -24.29 -1.61
N ARG B 536 -5.00 -23.53 -0.62
CA ARG B 536 -4.31 -22.28 -0.92
C ARG B 536 -2.90 -22.52 -1.43
N TYR B 537 -2.23 -23.60 -0.98
CA TYR B 537 -0.97 -23.99 -1.61
C TYR B 537 -1.19 -24.40 -3.06
N HIS B 538 -2.30 -25.09 -3.34
CA HIS B 538 -2.62 -25.42 -4.72
C HIS B 538 -2.94 -24.17 -5.53
N LEU B 539 -3.55 -23.17 -4.91
CA LEU B 539 -3.73 -21.89 -5.58
C LEU B 539 -2.37 -21.28 -5.94
N GLY B 540 -1.41 -21.39 -5.03
CA GLY B 540 -0.08 -20.89 -5.32
C GLY B 540 0.61 -21.64 -6.44
N ILE B 541 0.49 -22.98 -6.46
CA ILE B 541 1.10 -23.75 -7.53
C ILE B 541 0.45 -23.39 -8.85
N CYS B 542 -0.86 -23.10 -8.81
CA CYS B 542 -1.59 -22.68 -10.00
C CYS B 542 -1.09 -21.33 -10.51
N TYR B 543 -0.84 -20.39 -9.60
CA TYR B 543 -0.27 -19.10 -10.02
C TYR B 543 1.11 -19.30 -10.65
N GLU B 544 2.01 -20.01 -9.97
CA GLU B 544 3.37 -20.03 -10.48
C GLU B 544 3.47 -20.81 -11.78
N LYS B 545 2.66 -21.86 -11.94
CA LYS B 545 2.68 -22.68 -13.14
C LYS B 545 1.95 -22.03 -14.31
N GLY B 546 1.13 -21.01 -14.04
CA GLY B 546 0.50 -20.25 -15.10
C GLY B 546 -0.53 -21.01 -15.91
N LEU B 547 -1.33 -21.84 -15.25
CA LEU B 547 -2.48 -22.48 -15.87
C LEU B 547 -3.75 -21.88 -15.29
N GLY B 548 -4.64 -21.42 -16.16
CA GLY B 548 -5.87 -20.78 -15.73
C GLY B 548 -5.73 -19.36 -15.26
N VAL B 549 -4.57 -18.98 -14.71
CA VAL B 549 -4.32 -17.63 -14.23
C VAL B 549 -3.02 -17.15 -14.87
N GLN B 550 -2.87 -15.83 -14.94
CA GLN B 550 -1.63 -15.24 -15.45
C GLN B 550 -0.45 -15.68 -14.58
N ARG B 551 0.62 -16.13 -15.18
CA ARG B 551 1.76 -16.65 -14.45
C ARG B 551 2.51 -15.66 -13.67
N ASN B 552 2.03 -15.31 -12.51
CA ASN B 552 2.58 -14.36 -11.55
C ASN B 552 3.40 -15.10 -10.50
N LEU B 553 4.55 -14.54 -10.15
CA LEU B 553 5.48 -15.19 -9.22
C LEU B 553 5.49 -14.56 -7.84
N GLY B 554 5.42 -13.24 -7.73
CA GLY B 554 5.50 -12.61 -6.43
C GLY B 554 4.33 -12.98 -5.53
N GLU B 555 3.12 -12.92 -6.08
CA GLU B 555 1.95 -13.40 -5.34
C GLU B 555 2.05 -14.89 -5.08
N ALA B 556 2.61 -15.64 -6.03
CA ALA B 556 2.81 -17.07 -5.82
C ALA B 556 3.78 -17.32 -4.66
N LEU B 557 4.88 -16.55 -4.61
CA LEU B 557 5.82 -16.71 -3.51
C LEU B 557 5.17 -16.36 -2.18
N ARG B 558 4.42 -15.26 -2.12
CA ARG B 558 3.71 -14.94 -0.89
C ARG B 558 2.79 -16.09 -0.50
N CYS B 559 1.94 -16.51 -1.44
CA CYS B 559 0.96 -17.57 -1.19
C CYS B 559 1.63 -18.81 -0.63
N TYR B 560 2.76 -19.21 -1.23
CA TYR B 560 3.59 -20.27 -0.64
C TYR B 560 3.93 -19.93 0.80
N GLN B 561 4.29 -18.67 1.06
CA GLN B 561 4.79 -18.31 2.39
C GLN B 561 3.72 -18.47 3.46
N GLN B 562 2.52 -17.93 3.24
CA GLN B 562 1.51 -18.10 4.28
C GLN B 562 0.94 -19.52 4.29
N SER B 563 0.99 -20.23 3.15
CA SER B 563 0.60 -21.63 3.18
C SER B 563 1.53 -22.44 4.06
N ALA B 564 2.83 -22.19 3.99
CA ALA B 564 3.77 -22.87 4.86
C ALA B 564 3.71 -22.34 6.28
N ALA B 565 3.26 -21.09 6.46
CA ALA B 565 3.12 -20.54 7.79
C ALA B 565 2.05 -21.27 8.59
N LEU B 566 0.93 -21.62 7.95
CA LEU B 566 -0.17 -22.32 8.61
C LEU B 566 0.11 -23.78 8.84
N GLY B 567 1.34 -24.25 8.70
CA GLY B 567 1.67 -25.63 9.04
C GLY B 567 1.40 -26.62 7.94
N ASN B 568 1.79 -26.30 6.71
CA ASN B 568 1.67 -27.22 5.58
C ASN B 568 3.03 -27.86 5.35
N GLU B 569 3.09 -29.19 5.42
CA GLU B 569 4.34 -29.88 5.15
C GLU B 569 4.76 -29.72 3.69
N ALA B 570 3.81 -29.86 2.77
CA ALA B 570 4.12 -29.79 1.35
C ALA B 570 4.59 -28.40 0.96
N ALA B 571 3.90 -27.36 1.44
CA ALA B 571 4.25 -26.00 1.09
C ALA B 571 5.64 -25.64 1.60
N GLN B 572 5.94 -25.98 2.86
CA GLN B 572 7.25 -25.67 3.42
C GLN B 572 8.34 -26.47 2.72
N GLU B 573 8.10 -27.76 2.49
CA GLU B 573 9.07 -28.63 1.83
C GLU B 573 9.28 -28.27 0.37
N ARG B 574 8.34 -27.53 -0.22
CA ARG B 574 8.52 -27.06 -1.58
C ARG B 574 9.26 -25.73 -1.59
N LEU B 575 8.89 -24.83 -0.68
CA LEU B 575 9.53 -23.52 -0.63
C LEU B 575 11.02 -23.66 -0.28
N ARG B 576 11.31 -24.36 0.82
CA ARG B 576 12.70 -24.50 1.28
C ARG B 576 13.57 -25.31 0.33
N ALA B 577 12.96 -26.09 -0.56
CA ALA B 577 13.75 -26.87 -1.51
C ALA B 577 13.85 -26.22 -2.87
N LEU B 578 12.95 -25.30 -3.19
CA LEU B 578 12.94 -24.65 -4.50
C LEU B 578 13.55 -23.26 -4.46
N PHE B 579 13.07 -22.37 -3.58
CA PHE B 579 13.53 -20.99 -3.55
C PHE B 579 14.50 -20.73 -2.40
N SER B 580 14.93 -21.78 -1.71
CA SER B 580 15.95 -21.67 -0.68
C SER B 580 17.11 -22.64 -0.86
N MET B 581 16.85 -23.87 -1.30
CA MET B 581 17.92 -24.83 -1.57
C MET B 581 18.55 -24.60 -2.94
N GLY B 582 17.77 -24.15 -3.93
CA GLY B 582 18.32 -23.96 -5.26
C GLY B 582 19.38 -22.88 -5.30
N ALA B 583 19.41 -22.03 -4.28
CA ALA B 583 20.44 -20.99 -4.18
C ALA B 583 21.83 -21.60 -4.07
N ALA B 584 21.95 -22.69 -3.33
CA ALA B 584 23.23 -23.36 -3.10
C ALA B 584 23.18 -24.81 -3.57
N ALA B 585 22.38 -25.08 -4.60
CA ALA B 585 22.28 -26.42 -5.17
C ALA B 585 21.78 -26.36 -6.60
N SER C 376 -40.21 -58.74 17.54
CA SER C 376 -39.60 -57.43 17.47
C SER C 376 -39.66 -56.72 18.81
N LEU C 377 -40.21 -57.41 19.81
CA LEU C 377 -40.39 -56.80 21.12
C LEU C 377 -39.08 -56.62 21.87
N GLU C 378 -38.12 -57.52 21.70
CA GLU C 378 -36.88 -57.44 22.47
C GLU C 378 -36.05 -56.24 22.04
N GLU C 379 -35.87 -56.04 20.74
CA GLU C 379 -35.11 -54.88 20.28
C GLU C 379 -35.85 -53.59 20.63
N ALA C 380 -37.18 -53.61 20.55
CA ALA C 380 -37.96 -52.42 20.90
C ALA C 380 -37.78 -52.07 22.37
N VAL C 381 -37.84 -53.06 23.27
CA VAL C 381 -37.73 -52.77 24.69
C VAL C 381 -36.31 -52.33 25.03
N THR C 382 -35.30 -52.93 24.39
CA THR C 382 -33.93 -52.47 24.62
C THR C 382 -33.77 -51.03 24.15
N SER C 383 -34.31 -50.70 22.98
CA SER C 383 -34.21 -49.34 22.48
C SER C 383 -34.91 -48.35 23.40
N ILE C 384 -36.11 -48.71 23.88
CA ILE C 384 -36.85 -47.76 24.71
C ILE C 384 -36.18 -47.58 26.07
N GLN C 385 -35.60 -48.65 26.63
CA GLN C 385 -34.93 -48.49 27.91
C GLN C 385 -33.64 -47.68 27.76
N GLN C 386 -32.91 -47.88 26.66
CA GLN C 386 -31.74 -47.04 26.43
C GLN C 386 -32.14 -45.58 26.22
N LEU C 387 -33.25 -45.35 25.51
CA LEU C 387 -33.77 -44.00 25.36
C LEU C 387 -34.13 -43.40 26.70
N PHE C 388 -34.70 -44.21 27.60
CA PHE C 388 -35.03 -43.71 28.93
C PHE C 388 -33.76 -43.31 29.69
N GLN C 389 -32.71 -44.13 29.60
CA GLN C 389 -31.45 -43.79 30.26
C GLN C 389 -30.90 -42.47 29.72
N LEU C 390 -30.83 -42.32 28.40
CA LEU C 390 -30.31 -41.09 27.83
C LEU C 390 -31.18 -39.89 28.18
N SER C 391 -32.51 -40.07 28.17
CA SER C 391 -33.40 -38.96 28.47
C SER C 391 -33.28 -38.52 29.92
N VAL C 392 -33.16 -39.47 30.85
CA VAL C 392 -33.00 -39.06 32.24
C VAL C 392 -31.65 -38.39 32.45
N SER C 393 -30.62 -38.84 31.73
CA SER C 393 -29.33 -38.14 31.79
C SER C 393 -29.48 -36.70 31.32
N ILE C 394 -30.12 -36.50 30.17
CA ILE C 394 -30.29 -35.16 29.61
C ILE C 394 -31.09 -34.29 30.58
N ALA C 395 -32.19 -34.84 31.11
CA ALA C 395 -33.04 -34.06 31.98
C ALA C 395 -32.31 -33.66 33.25
N PHE C 396 -31.55 -34.57 33.84
CA PHE C 396 -30.84 -34.24 35.06
C PHE C 396 -29.77 -33.19 34.81
N ASN C 397 -29.04 -33.31 33.69
CA ASN C 397 -28.04 -32.29 33.36
C ASN C 397 -28.70 -30.94 33.12
N PHE C 398 -29.86 -30.96 32.57
CA PHE C 398 -30.51 -29.74 32.24
C PHE C 398 -30.88 -29.07 33.44
N LEU C 399 -31.48 -29.85 34.32
CA LEU C 399 -31.99 -29.33 35.58
C LEU C 399 -30.91 -28.75 36.33
N GLY C 400 -29.84 -29.43 36.32
CA GLY C 400 -28.68 -28.96 37.06
C GLY C 400 -28.17 -27.62 36.55
N THR C 401 -28.05 -27.48 35.23
CA THR C 401 -27.58 -26.20 34.70
C THR C 401 -28.61 -25.10 34.88
N GLU C 402 -29.91 -25.43 34.83
CA GLU C 402 -30.93 -24.44 35.14
C GLU C 402 -30.85 -23.98 36.59
N ASN C 403 -30.59 -24.91 37.52
CA ASN C 403 -30.41 -24.52 38.92
C ASN C 403 -29.18 -23.65 39.09
N MET C 404 -28.08 -24.00 38.43
CA MET C 404 -26.87 -23.19 38.54
C MET C 404 -27.09 -21.78 38.00
N LYS C 405 -27.77 -21.66 36.86
CA LYS C 405 -28.04 -20.33 36.32
C LYS C 405 -28.99 -19.56 37.21
N SER C 406 -30.01 -20.24 37.78
CA SER C 406 -30.99 -19.55 38.61
C SER C 406 -30.36 -19.02 39.89
N GLY C 407 -29.49 -19.81 40.53
CA GLY C 407 -28.86 -19.38 41.74
C GLY C 407 -28.67 -20.47 42.77
N ASP C 408 -29.50 -21.52 42.72
CA ASP C 408 -29.32 -22.64 43.62
C ASP C 408 -28.09 -23.45 43.22
N HIS C 409 -27.23 -23.76 44.18
CA HIS C 409 -25.92 -24.33 43.87
C HIS C 409 -25.75 -25.76 44.39
N THR C 410 -26.07 -26.02 45.66
CA THR C 410 -25.90 -27.37 46.19
C THR C 410 -26.77 -28.37 45.44
N ALA C 411 -28.00 -27.98 45.10
CA ALA C 411 -28.84 -28.84 44.27
C ALA C 411 -28.23 -29.02 42.90
N ALA C 412 -27.62 -27.96 42.35
CA ALA C 412 -26.93 -28.09 41.07
C ALA C 412 -25.78 -29.07 41.17
N PHE C 413 -25.02 -29.01 42.25
CA PHE C 413 -23.93 -29.96 42.46
C PHE C 413 -24.43 -31.39 42.51
N SER C 414 -25.48 -31.63 43.31
CA SER C 414 -26.00 -32.98 43.42
C SER C 414 -26.53 -33.48 42.08
N TYR C 415 -27.24 -32.62 41.35
CA TYR C 415 -27.80 -33.01 40.07
C TYR C 415 -26.70 -33.35 39.08
N PHE C 416 -25.66 -32.52 39.03
CA PHE C 416 -24.58 -32.76 38.08
C PHE C 416 -23.82 -34.03 38.44
N GLN C 417 -23.60 -34.28 39.74
CA GLN C 417 -22.91 -35.49 40.14
C GLN C 417 -23.71 -36.73 39.78
N LYS C 418 -25.02 -36.73 40.03
CA LYS C 418 -25.80 -37.92 39.70
C LYS C 418 -26.02 -38.06 38.21
N ALA C 419 -25.92 -36.97 37.45
CA ALA C 419 -25.97 -37.09 35.99
C ALA C 419 -24.66 -37.63 35.44
N ALA C 420 -23.54 -37.21 36.02
CA ALA C 420 -22.24 -37.70 35.57
C ALA C 420 -21.98 -39.13 36.01
N ALA C 421 -22.60 -39.57 37.10
CA ALA C 421 -22.40 -40.94 37.57
C ALA C 421 -23.02 -41.98 36.65
N ARG C 422 -23.83 -41.56 35.68
CA ARG C 422 -24.52 -42.48 34.78
C ARG C 422 -24.07 -42.30 33.33
N GLY C 423 -22.88 -41.75 33.11
CA GLY C 423 -22.26 -41.76 31.79
C GLY C 423 -22.76 -40.73 30.80
N TYR C 424 -22.55 -39.45 31.08
CA TYR C 424 -22.87 -38.38 30.14
C TYR C 424 -21.69 -37.44 30.02
N SER C 425 -21.48 -36.92 28.81
CA SER C 425 -20.31 -36.09 28.53
C SER C 425 -20.40 -34.71 29.19
N LYS C 426 -21.41 -33.93 28.81
CA LYS C 426 -21.54 -32.58 29.33
C LYS C 426 -21.74 -32.61 30.85
N ALA C 427 -22.41 -33.64 31.34
CA ALA C 427 -22.57 -33.79 32.79
C ALA C 427 -21.22 -33.95 33.47
N GLN C 428 -20.33 -34.75 32.87
CA GLN C 428 -18.99 -34.90 33.43
C GLN C 428 -18.22 -33.60 33.37
N TYR C 429 -18.37 -32.85 32.28
CA TYR C 429 -17.75 -31.52 32.22
C TYR C 429 -18.23 -30.63 33.35
N ASN C 430 -19.54 -30.57 33.56
CA ASN C 430 -20.07 -29.70 34.60
C ASN C 430 -19.62 -30.15 35.98
N ALA C 431 -19.57 -31.46 36.20
CA ALA C 431 -19.10 -31.97 37.49
C ALA C 431 -17.64 -31.57 37.73
N GLY C 432 -16.80 -31.74 36.71
CA GLY C 432 -15.41 -31.34 36.85
C GLY C 432 -15.27 -29.85 37.08
N LEU C 433 -16.04 -29.04 36.36
CA LEU C 433 -15.96 -27.59 36.50
C LEU C 433 -16.38 -27.16 37.89
N CYS C 434 -17.47 -27.74 38.40
CA CYS C 434 -17.94 -27.35 39.72
C CYS C 434 -17.06 -27.90 40.82
N HIS C 435 -16.30 -28.97 40.56
CA HIS C 435 -15.32 -29.44 41.53
C HIS C 435 -14.02 -28.65 41.51
N GLU C 436 -13.62 -28.10 40.37
CA GLU C 436 -12.37 -27.33 40.30
C GLU C 436 -12.53 -25.85 40.60
N HIS C 437 -13.67 -25.23 40.24
CA HIS C 437 -13.96 -23.91 40.79
C HIS C 437 -14.46 -24.00 42.22
N GLY C 438 -15.14 -25.10 42.56
CA GLY C 438 -15.65 -25.25 43.92
C GLY C 438 -16.72 -24.24 44.28
N ARG C 439 -17.65 -23.97 43.36
CA ARG C 439 -18.70 -22.97 43.57
C ARG C 439 -19.86 -23.65 44.28
N GLY C 440 -19.60 -24.16 45.48
CA GLY C 440 -20.57 -24.95 46.22
C GLY C 440 -20.03 -26.25 46.78
N THR C 441 -18.72 -26.41 46.85
CA THR C 441 -18.03 -27.59 47.38
C THR C 441 -16.58 -27.22 47.61
N PRO C 442 -15.94 -27.70 48.67
CA PRO C 442 -14.54 -27.34 48.91
C PRO C 442 -13.66 -27.69 47.72
N ARG C 443 -12.66 -26.85 47.49
CA ARG C 443 -11.82 -26.97 46.30
C ARG C 443 -11.19 -28.35 46.22
N ASP C 444 -11.31 -28.99 45.06
CA ASP C 444 -10.74 -30.30 44.82
C ASP C 444 -10.26 -30.35 43.38
N ILE C 445 -9.09 -30.95 43.17
CA ILE C 445 -8.53 -31.05 41.83
C ILE C 445 -8.54 -32.52 41.43
N SER C 446 -8.42 -33.42 42.40
CA SER C 446 -8.39 -34.85 42.11
C SER C 446 -9.66 -35.29 41.41
N LYS C 447 -10.80 -35.17 42.10
CA LYS C 447 -12.08 -35.53 41.49
C LYS C 447 -12.37 -34.67 40.28
N ALA C 448 -12.00 -33.39 40.30
CA ALA C 448 -12.21 -32.52 39.14
C ALA C 448 -11.48 -33.05 37.92
N VAL C 449 -10.19 -33.37 38.08
CA VAL C 449 -9.42 -33.89 36.96
C VAL C 449 -9.91 -35.27 36.53
N LEU C 450 -10.35 -36.13 37.46
CA LEU C 450 -10.90 -37.42 37.03
C LEU C 450 -12.16 -37.22 36.19
N TYR C 451 -13.06 -36.35 36.63
CA TYR C 451 -14.26 -36.07 35.87
C TYR C 451 -13.91 -35.47 34.51
N TYR C 452 -12.87 -34.62 34.46
CA TYR C 452 -12.43 -34.06 33.20
C TYR C 452 -11.90 -35.15 32.27
N GLN C 453 -11.18 -36.12 32.82
CA GLN C 453 -10.73 -37.26 32.02
C GLN C 453 -11.91 -38.01 31.42
N LEU C 454 -12.92 -38.30 32.24
CA LEU C 454 -14.09 -39.00 31.73
C LEU C 454 -14.79 -38.18 30.65
N ALA C 455 -14.88 -36.87 30.85
CA ALA C 455 -15.52 -36.01 29.85
C ALA C 455 -14.71 -35.92 28.57
N ALA C 456 -13.39 -35.90 28.68
CA ALA C 456 -12.53 -35.78 27.50
C ALA C 456 -12.52 -37.06 26.69
N SER C 457 -12.56 -38.21 27.36
CA SER C 457 -12.51 -39.48 26.64
C SER C 457 -13.70 -39.66 25.70
N GLN C 458 -14.79 -38.93 25.93
CA GLN C 458 -16.00 -39.10 25.13
C GLN C 458 -16.10 -38.08 24.00
N GLY C 459 -15.19 -37.11 23.93
CA GLY C 459 -15.16 -36.20 22.82
C GLY C 459 -15.88 -34.89 23.06
N HIS C 460 -15.53 -34.20 24.15
CA HIS C 460 -16.05 -32.87 24.44
C HIS C 460 -14.87 -31.91 24.40
N SER C 461 -14.86 -31.02 23.40
CA SER C 461 -13.67 -30.23 23.11
C SER C 461 -13.28 -29.35 24.29
N LEU C 462 -14.23 -28.59 24.83
CA LEU C 462 -13.92 -27.70 25.94
C LEU C 462 -13.52 -28.52 27.17
N ALA C 463 -14.11 -29.69 27.33
CA ALA C 463 -13.76 -30.55 28.47
C ALA C 463 -12.31 -30.99 28.40
N GLN C 464 -11.85 -31.40 27.22
CA GLN C 464 -10.47 -31.86 27.10
C GLN C 464 -9.50 -30.69 27.16
N TYR C 465 -9.89 -29.51 26.68
CA TYR C 465 -9.07 -28.32 26.91
C TYR C 465 -8.90 -28.05 28.40
N ARG C 466 -10.00 -28.10 29.15
CA ARG C 466 -9.93 -27.88 30.59
C ARG C 466 -9.09 -28.95 31.27
N TYR C 467 -9.25 -30.21 30.83
CA TYR C 467 -8.42 -31.28 31.36
C TYR C 467 -6.95 -30.99 31.19
N ALA C 468 -6.54 -30.66 29.97
CA ALA C 468 -5.13 -30.43 29.71
C ALA C 468 -4.62 -29.23 30.49
N ARG C 469 -5.39 -28.15 30.54
CA ARG C 469 -4.93 -26.95 31.24
C ARG C 469 -4.82 -27.20 32.74
N CYS C 470 -5.77 -27.92 33.32
CA CYS C 470 -5.74 -28.17 34.76
C CYS C 470 -4.66 -29.18 35.14
N LEU C 471 -4.42 -30.19 34.31
CA LEU C 471 -3.40 -31.18 34.62
C LEU C 471 -1.99 -30.65 34.39
N LEU C 472 -1.79 -29.83 33.35
CA LEU C 472 -0.47 -29.42 32.94
C LEU C 472 -0.02 -28.12 33.60
N ARG C 473 -0.90 -27.48 34.39
CA ARG C 473 -0.54 -26.21 35.02
C ARG C 473 0.64 -26.35 35.98
N ASP C 474 0.95 -27.56 36.43
CA ASP C 474 2.09 -27.79 37.30
C ASP C 474 3.40 -27.61 36.52
N PRO C 475 4.47 -27.19 37.21
CA PRO C 475 5.76 -27.04 36.53
C PRO C 475 6.56 -28.34 36.50
N ALA C 476 5.89 -29.45 36.75
CA ALA C 476 6.56 -30.74 36.81
C ALA C 476 7.06 -31.16 35.43
N SER C 477 7.97 -32.14 35.43
CA SER C 477 8.57 -32.62 34.19
C SER C 477 7.56 -33.41 33.36
N SER C 478 7.87 -33.55 32.07
CA SER C 478 7.01 -34.23 31.11
C SER C 478 7.59 -35.58 30.71
N TRP C 479 8.38 -36.18 31.60
CA TRP C 479 8.95 -37.49 31.31
C TRP C 479 7.87 -38.56 31.18
N ASN C 480 6.84 -38.48 32.02
CA ASN C 480 5.76 -39.46 31.96
C ASN C 480 4.98 -39.30 30.65
N PRO C 481 4.62 -40.41 30.01
CA PRO C 481 3.84 -40.32 28.76
C PRO C 481 2.44 -39.76 28.94
N GLU C 482 1.91 -39.75 30.16
CA GLU C 482 0.55 -39.26 30.36
C GLU C 482 0.44 -37.77 30.06
N ARG C 483 1.49 -37.01 30.39
CA ARG C 483 1.56 -35.61 29.99
C ARG C 483 1.59 -35.46 28.47
N GLN C 484 2.30 -36.33 27.76
CA GLN C 484 2.28 -36.30 26.31
C GLN C 484 0.86 -36.59 25.78
N ARG C 485 0.17 -37.52 26.41
CA ARG C 485 -1.23 -37.76 26.03
C ARG C 485 -2.07 -36.52 26.27
N ALA C 486 -1.84 -35.83 27.38
CA ALA C 486 -2.59 -34.60 27.67
C ALA C 486 -2.33 -33.54 26.62
N VAL C 487 -1.06 -33.34 26.24
CA VAL C 487 -0.77 -32.30 25.25
C VAL C 487 -1.30 -32.70 23.89
N SER C 488 -1.29 -34.00 23.56
CA SER C 488 -1.86 -34.43 22.30
C SER C 488 -3.37 -34.18 22.24
N LEU C 489 -4.07 -34.48 23.34
CA LEU C 489 -5.50 -34.20 23.35
C LEU C 489 -5.78 -32.71 23.35
N LEU C 490 -4.89 -31.91 23.94
CA LEU C 490 -5.03 -30.47 23.83
C LEU C 490 -4.87 -30.03 22.38
N LYS C 491 -3.91 -30.62 21.68
CA LYS C 491 -3.74 -30.35 20.25
C LYS C 491 -5.01 -30.69 19.47
N GLN C 492 -5.59 -31.85 19.77
CA GLN C 492 -6.83 -32.24 19.09
C GLN C 492 -7.97 -31.28 19.40
N ALA C 493 -8.08 -30.81 20.64
CA ALA C 493 -9.09 -29.82 20.99
C ALA C 493 -8.89 -28.53 20.22
N ALA C 494 -7.65 -28.06 20.16
CA ALA C 494 -7.37 -26.82 19.45
C ALA C 494 -7.64 -26.97 17.95
N ASP C 495 -7.44 -28.16 17.41
CA ASP C 495 -7.77 -28.40 16.01
C ASP C 495 -9.26 -28.27 15.74
N SER C 496 -10.10 -28.31 16.77
CA SER C 496 -11.53 -28.18 16.59
C SER C 496 -11.98 -26.73 16.46
N GLY C 497 -11.13 -25.77 16.81
CA GLY C 497 -11.45 -24.36 16.66
C GLY C 497 -11.65 -23.59 17.95
N LEU C 498 -11.44 -24.19 19.12
CA LEU C 498 -11.58 -23.47 20.37
C LEU C 498 -10.52 -22.39 20.49
N ARG C 499 -10.94 -21.20 20.91
CA ARG C 499 -10.03 -20.06 20.96
C ARG C 499 -8.96 -20.23 22.03
N GLU C 500 -9.36 -20.62 23.24
CA GLU C 500 -8.43 -20.65 24.37
C GLU C 500 -7.36 -21.72 24.23
N ALA C 501 -7.71 -22.90 23.71
CA ALA C 501 -6.74 -23.99 23.63
C ALA C 501 -5.57 -23.63 22.72
N GLN C 502 -5.87 -22.98 21.59
CA GLN C 502 -4.80 -22.58 20.67
C GLN C 502 -3.82 -21.63 21.33
N ALA C 503 -4.33 -20.59 21.99
CA ALA C 503 -3.44 -19.64 22.65
C ALA C 503 -2.65 -20.30 23.75
N PHE C 504 -3.29 -21.20 24.51
CA PHE C 504 -2.58 -21.85 25.59
C PHE C 504 -1.46 -22.73 25.07
N LEU C 505 -1.69 -23.46 23.97
CA LEU C 505 -0.60 -24.29 23.46
C LEU C 505 0.48 -23.44 22.82
N GLY C 506 0.11 -22.28 22.26
CA GLY C 506 1.11 -21.37 21.75
C GLY C 506 2.03 -20.88 22.83
N VAL C 507 1.46 -20.59 24.02
CA VAL C 507 2.31 -20.28 25.16
C VAL C 507 3.09 -21.52 25.60
N LEU C 508 2.48 -22.69 25.47
CA LEU C 508 3.07 -23.92 25.98
C LEU C 508 4.34 -24.29 25.24
N PHE C 509 4.28 -24.31 23.91
CA PHE C 509 5.39 -24.77 23.09
C PHE C 509 6.61 -23.87 23.16
N THR C 510 6.47 -22.67 23.72
CA THR C 510 7.61 -21.77 23.83
C THR C 510 8.41 -21.97 25.10
N LYS C 511 7.99 -22.88 25.98
CA LYS C 511 8.61 -23.06 27.28
C LYS C 511 9.11 -24.51 27.42
N GLU C 512 10.15 -24.67 28.23
CA GLU C 512 10.81 -25.96 28.37
C GLU C 512 9.86 -26.99 28.98
N PRO C 513 9.87 -28.25 28.50
CA PRO C 513 10.68 -28.80 27.41
C PRO C 513 9.88 -29.03 26.14
N TYR C 514 8.87 -28.20 25.90
CA TYR C 514 7.99 -28.36 24.76
C TYR C 514 8.42 -27.51 23.56
N LEU C 515 9.72 -27.28 23.39
CA LEU C 515 10.20 -26.36 22.38
C LEU C 515 9.88 -26.83 20.97
N ASP C 516 8.91 -26.19 20.32
CA ASP C 516 8.61 -26.40 18.91
C ASP C 516 8.10 -25.06 18.38
N GLU C 517 9.04 -24.26 17.84
CA GLU C 517 8.75 -22.86 17.60
C GLU C 517 7.78 -22.66 16.44
N GLN C 518 7.89 -23.47 15.40
CA GLN C 518 7.04 -23.26 14.22
C GLN C 518 5.57 -23.49 14.55
N ARG C 519 5.27 -24.60 15.24
CA ARG C 519 3.89 -24.88 15.61
C ARG C 519 3.37 -23.82 16.59
N ALA C 520 4.21 -23.41 17.54
CA ALA C 520 3.82 -22.37 18.47
C ALA C 520 3.42 -21.10 17.73
N VAL C 521 4.25 -20.68 16.78
CA VAL C 521 3.97 -19.46 16.02
C VAL C 521 2.69 -19.62 15.22
N LYS C 522 2.54 -20.75 14.53
CA LYS C 522 1.39 -20.91 13.65
C LYS C 522 0.08 -20.89 14.44
N TYR C 523 0.04 -21.57 15.59
CA TYR C 523 -1.20 -21.59 16.34
C TYR C 523 -1.42 -20.31 17.13
N LEU C 524 -0.36 -19.64 17.57
CA LEU C 524 -0.53 -18.31 18.13
C LEU C 524 -1.14 -17.36 17.12
N TRP C 525 -0.66 -17.41 15.88
CA TRP C 525 -1.23 -16.58 14.82
C TRP C 525 -2.69 -16.94 14.57
N LEU C 526 -2.99 -18.25 14.52
CA LEU C 526 -4.35 -18.67 14.25
C LEU C 526 -5.30 -18.22 15.36
N ALA C 527 -4.85 -18.27 16.61
CA ALA C 527 -5.67 -17.80 17.72
C ALA C 527 -5.78 -16.28 17.71
N ALA C 528 -4.70 -15.58 17.37
CA ALA C 528 -4.72 -14.12 17.34
C ALA C 528 -5.67 -13.61 16.26
N ASN C 529 -5.81 -14.36 15.16
CA ASN C 529 -6.76 -13.97 14.13
C ASN C 529 -8.19 -13.91 14.67
N ASN C 530 -8.47 -14.59 15.77
CA ASN C 530 -9.80 -14.56 16.38
C ASN C 530 -10.02 -13.34 17.26
N GLY C 531 -8.98 -12.55 17.54
CA GLY C 531 -9.12 -11.31 18.27
C GLY C 531 -8.62 -11.30 19.69
N ASP C 532 -7.90 -12.32 20.13
CA ASP C 532 -7.36 -12.32 21.49
C ASP C 532 -6.17 -11.37 21.58
N SER C 533 -6.19 -10.51 22.59
CA SER C 533 -5.14 -9.51 22.73
C SER C 533 -3.84 -10.12 23.23
N GLN C 534 -3.92 -10.99 24.24
CA GLN C 534 -2.72 -11.58 24.81
C GLN C 534 -1.99 -12.47 23.81
N SER C 535 -2.75 -13.25 23.03
CA SER C 535 -2.11 -14.13 22.06
C SER C 535 -1.37 -13.33 21.00
N ARG C 536 -1.96 -12.24 20.54
CA ARG C 536 -1.29 -11.47 19.49
C ARG C 536 -0.15 -10.64 20.05
N TYR C 537 -0.24 -10.21 21.31
CA TYR C 537 0.93 -9.61 21.95
C TYR C 537 2.07 -10.62 22.06
N HIS C 538 1.74 -11.89 22.35
CA HIS C 538 2.78 -12.91 22.35
C HIS C 538 3.33 -13.13 20.95
N LEU C 539 2.49 -13.00 19.93
CA LEU C 539 3.00 -13.01 18.56
C LEU C 539 4.00 -11.88 18.33
N GLY C 540 3.69 -10.70 18.85
CA GLY C 540 4.60 -9.57 18.71
C GLY C 540 5.91 -9.77 19.45
N ILE C 541 5.83 -10.31 20.67
CA ILE C 541 7.06 -10.56 21.43
C ILE C 541 7.88 -11.61 20.71
N CYS C 542 7.22 -12.58 20.07
CA CYS C 542 7.89 -13.58 19.26
C CYS C 542 8.59 -12.95 18.07
N TYR C 543 7.93 -12.00 17.39
CA TYR C 543 8.58 -11.31 16.28
C TYR C 543 9.82 -10.55 16.74
N GLU C 544 9.68 -9.74 17.79
CA GLU C 544 10.81 -8.88 18.16
C GLU C 544 11.97 -9.73 18.67
N LYS C 545 11.67 -10.80 19.40
CA LYS C 545 12.72 -11.64 19.95
C LYS C 545 13.33 -12.56 18.90
N GLY C 546 12.65 -12.76 17.77
CA GLY C 546 13.20 -13.52 16.67
C GLY C 546 13.40 -14.99 16.93
N LEU C 547 12.46 -15.65 17.59
CA LEU C 547 12.46 -17.10 17.75
C LEU C 547 11.32 -17.68 16.94
N GLY C 548 11.63 -18.65 16.08
CA GLY C 548 10.61 -19.24 15.24
C GLY C 548 10.27 -18.40 14.02
N VAL C 549 10.41 -17.09 14.15
CA VAL C 549 10.14 -16.15 13.07
C VAL C 549 11.35 -15.25 12.91
N GLN C 550 11.59 -14.81 11.68
CA GLN C 550 12.68 -13.87 11.42
C GLN C 550 12.49 -12.60 12.24
N ARG C 551 13.57 -12.12 12.82
CA ARG C 551 13.52 -11.02 13.78
C ARG C 551 13.15 -9.71 13.11
N ASN C 552 11.88 -9.32 13.22
CA ASN C 552 11.37 -8.08 12.65
C ASN C 552 10.91 -7.16 13.76
N LEU C 553 11.07 -5.85 13.56
CA LEU C 553 10.74 -4.85 14.57
C LEU C 553 9.54 -3.99 14.22
N GLY C 554 9.39 -3.59 12.96
CA GLY C 554 8.26 -2.74 12.59
C GLY C 554 6.93 -3.44 12.77
N GLU C 555 6.84 -4.68 12.32
CA GLU C 555 5.62 -5.46 12.54
C GLU C 555 5.39 -5.68 14.04
N ALA C 556 6.46 -5.90 14.80
CA ALA C 556 6.32 -6.04 16.24
C ALA C 556 5.79 -4.76 16.86
N LEU C 557 6.27 -3.61 16.41
CA LEU C 557 5.80 -2.34 16.96
C LEU C 557 4.33 -2.10 16.64
N ARG C 558 3.92 -2.35 15.38
CA ARG C 558 2.53 -2.16 15.04
C ARG C 558 1.64 -3.18 15.77
N CYS C 559 2.14 -4.38 16.01
CA CYS C 559 1.40 -5.37 16.78
C CYS C 559 1.23 -4.92 18.23
N TYR C 560 2.28 -4.36 18.83
CA TYR C 560 2.15 -3.78 20.16
C TYR C 560 1.12 -2.67 20.16
N GLN C 561 1.15 -1.80 19.15
CA GLN C 561 0.23 -0.68 19.10
C GLN C 561 -1.22 -1.13 18.99
N GLN C 562 -1.48 -2.11 18.13
CA GLN C 562 -2.84 -2.62 18.00
C GLN C 562 -3.28 -3.38 19.25
N SER C 563 -2.36 -4.07 19.92
CA SER C 563 -2.72 -4.71 21.19
C SER C 563 -3.06 -3.66 22.24
N ALA C 564 -2.38 -2.53 22.21
CA ALA C 564 -2.79 -1.39 23.03
C ALA C 564 -4.17 -0.91 22.62
N ALA C 565 -4.47 -0.97 21.32
CA ALA C 565 -5.77 -0.50 20.85
C ALA C 565 -6.90 -1.36 21.39
N LEU C 566 -6.70 -2.68 21.48
CA LEU C 566 -7.73 -3.57 21.99
C LEU C 566 -7.73 -3.67 23.51
N GLY C 567 -6.82 -2.97 24.19
CA GLY C 567 -6.88 -2.89 25.63
C GLY C 567 -6.23 -4.04 26.38
N ASN C 568 -5.00 -4.40 25.99
CA ASN C 568 -4.23 -5.40 26.72
C ASN C 568 -3.32 -4.66 27.69
N GLU C 569 -3.77 -4.60 28.96
CA GLU C 569 -3.12 -3.75 29.94
C GLU C 569 -1.68 -4.15 30.19
N ALA C 570 -1.45 -5.43 30.50
CA ALA C 570 -0.10 -5.87 30.86
C ALA C 570 0.87 -5.71 29.70
N ALA C 571 0.38 -5.92 28.48
CA ALA C 571 1.24 -5.81 27.31
C ALA C 571 1.58 -4.35 27.02
N GLN C 572 0.56 -3.55 26.72
CA GLN C 572 0.79 -2.16 26.32
C GLN C 572 1.42 -1.35 27.44
N GLU C 573 0.83 -1.36 28.63
CA GLU C 573 1.27 -0.52 29.74
C GLU C 573 2.70 -0.81 30.17
N ARG C 574 3.34 -1.80 29.55
CA ARG C 574 4.74 -2.06 29.83
C ARG C 574 5.56 -1.78 28.58
N LEU C 575 5.13 -2.29 27.42
CA LEU C 575 5.95 -2.15 26.22
C LEU C 575 5.97 -0.72 25.71
N ARG C 576 4.81 -0.06 25.64
CA ARG C 576 4.78 1.34 25.25
C ARG C 576 5.55 2.23 26.21
N ALA C 577 5.42 1.99 27.52
CA ALA C 577 6.20 2.74 28.50
C ALA C 577 7.70 2.53 28.35
N LEU C 578 8.13 1.29 28.10
CA LEU C 578 9.55 1.01 27.90
C LEU C 578 10.09 1.58 26.60
N PHE C 579 9.26 1.66 25.55
CA PHE C 579 9.68 2.25 24.29
C PHE C 579 9.54 3.77 24.28
N SER C 580 8.84 4.33 25.26
CA SER C 580 8.75 5.78 25.42
C SER C 580 9.67 6.35 26.47
N MET C 581 10.22 5.53 27.37
CA MET C 581 11.19 6.00 28.35
C MET C 581 12.44 6.59 27.68
N GLY C 582 12.78 6.07 26.49
CA GLY C 582 13.89 6.63 25.76
C GLY C 582 13.66 8.07 25.33
N ALA C 583 12.41 8.42 25.04
CA ALA C 583 12.09 9.79 24.65
C ALA C 583 12.36 10.76 25.79
N ALA C 584 11.97 10.38 27.01
CA ALA C 584 12.18 11.22 28.18
C ALA C 584 13.66 11.36 28.51
N ALA C 585 14.12 12.60 28.69
CA ALA C 585 15.52 12.85 29.01
C ALA C 585 15.65 13.53 30.36
N SER D 376 -35.13 -44.01 46.82
CA SER D 376 -34.75 -43.22 45.66
C SER D 376 -35.92 -42.41 45.13
N LEU D 377 -37.09 -42.61 45.73
CA LEU D 377 -38.31 -41.94 45.28
C LEU D 377 -38.34 -40.47 45.64
N GLU D 378 -37.71 -40.07 46.74
CA GLU D 378 -37.75 -38.67 47.16
C GLU D 378 -37.01 -37.77 46.16
N GLU D 379 -35.79 -38.17 45.78
CA GLU D 379 -35.07 -37.38 44.79
C GLU D 379 -35.79 -37.39 43.45
N ALA D 380 -36.42 -38.52 43.09
CA ALA D 380 -37.14 -38.60 41.84
C ALA D 380 -38.33 -37.64 41.82
N VAL D 381 -39.09 -37.59 42.92
CA VAL D 381 -40.26 -36.73 42.95
C VAL D 381 -39.85 -35.26 43.00
N THR D 382 -38.77 -34.95 43.74
CA THR D 382 -38.27 -33.57 43.71
C THR D 382 -37.83 -33.18 42.31
N SER D 383 -37.11 -34.08 41.62
CA SER D 383 -36.66 -33.78 40.27
C SER D 383 -37.84 -33.59 39.33
N ILE D 384 -38.86 -34.43 39.42
CA ILE D 384 -39.98 -34.33 38.50
C ILE D 384 -40.77 -33.06 38.76
N GLN D 385 -40.92 -32.65 40.03
CA GLN D 385 -41.67 -31.43 40.29
C GLN D 385 -40.88 -30.19 39.88
N GLN D 386 -39.55 -30.20 40.07
CA GLN D 386 -38.75 -29.11 39.52
C GLN D 386 -38.83 -29.06 38.00
N LEU D 387 -38.81 -30.21 37.34
CA LEU D 387 -38.93 -30.25 35.90
C LEU D 387 -40.28 -29.71 35.45
N PHE D 388 -41.35 -30.04 36.18
CA PHE D 388 -42.66 -29.53 35.83
C PHE D 388 -42.71 -28.01 35.98
N GLN D 389 -42.14 -27.49 37.07
CA GLN D 389 -42.07 -26.04 37.26
C GLN D 389 -41.35 -25.37 36.10
N LEU D 390 -40.15 -25.85 35.78
CA LEU D 390 -39.37 -25.22 34.73
C LEU D 390 -40.04 -25.34 33.37
N SER D 391 -40.65 -26.50 33.11
CA SER D 391 -41.27 -26.72 31.81
C SER D 391 -42.52 -25.87 31.64
N VAL D 392 -43.30 -25.69 32.70
CA VAL D 392 -44.46 -24.82 32.57
C VAL D 392 -44.03 -23.37 32.42
N SER D 393 -42.93 -22.97 33.06
CA SER D 393 -42.38 -21.64 32.78
C SER D 393 -42.00 -21.50 31.31
N ILE D 394 -41.31 -22.51 30.77
CA ILE D 394 -40.94 -22.49 29.35
C ILE D 394 -42.18 -22.35 28.48
N ALA D 395 -43.21 -23.13 28.79
CA ALA D 395 -44.42 -23.11 27.98
C ALA D 395 -45.09 -21.75 28.03
N PHE D 396 -45.17 -21.14 29.21
CA PHE D 396 -45.77 -19.83 29.32
C PHE D 396 -44.99 -18.80 28.51
N ASN D 397 -43.66 -18.85 28.60
CA ASN D 397 -42.84 -17.92 27.83
C ASN D 397 -43.03 -18.12 26.33
N PHE D 398 -43.00 -19.37 25.87
CA PHE D 398 -43.14 -19.65 24.44
C PHE D 398 -44.49 -19.22 23.93
N LEU D 399 -45.55 -19.49 24.69
CA LEU D 399 -46.88 -19.14 24.23
C LEU D 399 -47.06 -17.63 24.23
N GLY D 400 -46.46 -16.94 25.20
CA GLY D 400 -46.51 -15.49 25.20
C GLY D 400 -45.81 -14.88 24.00
N THR D 401 -44.59 -15.36 23.70
CA THR D 401 -43.89 -14.81 22.55
C THR D 401 -44.56 -15.17 21.24
N GLU D 402 -45.18 -16.35 21.16
CA GLU D 402 -45.94 -16.71 19.98
C GLU D 402 -47.14 -15.80 19.80
N ASN D 403 -47.84 -15.48 20.89
CA ASN D 403 -48.96 -14.55 20.80
C ASN D 403 -48.50 -13.16 20.39
N MET D 404 -47.37 -12.71 20.94
CA MET D 404 -46.86 -11.39 20.55
C MET D 404 -46.49 -11.35 19.08
N LYS D 405 -45.84 -12.39 18.58
CA LYS D 405 -45.47 -12.42 17.16
C LYS D 405 -46.71 -12.52 16.27
N SER D 406 -47.71 -13.30 16.70
CA SER D 406 -48.91 -13.46 15.89
C SER D 406 -49.68 -12.16 15.78
N GLY D 407 -49.79 -11.41 16.87
CA GLY D 407 -50.51 -10.15 16.85
C GLY D 407 -51.29 -9.86 18.12
N ASP D 408 -51.69 -10.90 18.83
CA ASP D 408 -52.37 -10.70 20.11
C ASP D 408 -51.40 -10.12 21.14
N HIS D 409 -51.87 -9.13 21.90
CA HIS D 409 -50.97 -8.40 22.78
C HIS D 409 -51.34 -8.51 24.25
N THR D 410 -52.60 -8.30 24.61
CA THR D 410 -52.96 -8.37 26.03
C THR D 410 -52.72 -9.76 26.60
N ALA D 411 -52.99 -10.80 25.82
CA ALA D 411 -52.65 -12.15 26.24
C ALA D 411 -51.14 -12.30 26.38
N ALA D 412 -50.38 -11.61 25.54
CA ALA D 412 -48.92 -11.63 25.68
C ALA D 412 -48.49 -11.05 27.01
N PHE D 413 -49.09 -9.93 27.41
CA PHE D 413 -48.79 -9.37 28.73
C PHE D 413 -49.14 -10.36 29.83
N SER D 414 -50.34 -10.94 29.77
CA SER D 414 -50.76 -11.84 30.83
C SER D 414 -49.80 -13.03 30.95
N TYR D 415 -49.48 -13.65 29.82
CA TYR D 415 -48.60 -14.81 29.83
C TYR D 415 -47.20 -14.44 30.30
N PHE D 416 -46.66 -13.33 29.82
CA PHE D 416 -45.31 -12.95 30.21
C PHE D 416 -45.24 -12.61 31.68
N GLN D 417 -46.28 -11.95 32.21
CA GLN D 417 -46.28 -11.62 33.63
C GLN D 417 -46.37 -12.88 34.49
N LYS D 418 -47.26 -13.81 34.13
CA LYS D 418 -47.36 -15.02 34.95
C LYS D 418 -46.13 -15.90 34.81
N ALA D 419 -45.42 -15.82 33.68
CA ALA D 419 -44.17 -16.56 33.55
C ALA D 419 -43.05 -15.92 34.36
N ALA D 420 -42.95 -14.59 34.33
CA ALA D 420 -41.91 -13.89 35.05
C ALA D 420 -42.15 -13.87 36.55
N ALA D 421 -43.39 -14.06 36.99
CA ALA D 421 -43.68 -14.09 38.43
C ALA D 421 -43.09 -15.30 39.11
N ARG D 422 -42.63 -16.30 38.37
CA ARG D 422 -42.13 -17.54 38.96
C ARG D 422 -40.67 -17.80 38.63
N GLY D 423 -39.91 -16.76 38.34
CA GLY D 423 -38.47 -16.86 38.25
C GLY D 423 -37.92 -17.45 36.97
N TYR D 424 -38.11 -16.75 35.85
CA TYR D 424 -37.54 -17.15 34.58
C TYR D 424 -36.88 -15.95 33.92
N SER D 425 -35.67 -16.14 33.41
CA SER D 425 -34.86 -15.04 32.89
C SER D 425 -35.49 -14.36 31.68
N LYS D 426 -35.67 -15.12 30.60
CA LYS D 426 -36.18 -14.53 29.37
C LYS D 426 -37.59 -13.97 29.57
N ALA D 427 -38.38 -14.62 30.43
CA ALA D 427 -39.71 -14.13 30.73
C ALA D 427 -39.65 -12.76 31.37
N GLN D 428 -38.70 -12.56 32.29
CA GLN D 428 -38.55 -11.26 32.92
C GLN D 428 -38.05 -10.23 31.92
N TYR D 429 -37.15 -10.63 31.02
CA TYR D 429 -36.77 -9.73 29.94
C TYR D 429 -37.96 -9.28 29.12
N ASN D 430 -38.82 -10.22 28.72
CA ASN D 430 -39.96 -9.87 27.88
C ASN D 430 -40.95 -9.01 28.65
N ALA D 431 -41.11 -9.28 29.95
CA ALA D 431 -41.98 -8.45 30.76
C ALA D 431 -41.47 -7.02 30.82
N GLY D 432 -40.17 -6.85 31.05
CA GLY D 432 -39.60 -5.52 31.03
C GLY D 432 -39.73 -4.85 29.68
N LEU D 433 -39.52 -5.60 28.61
CA LEU D 433 -39.62 -5.04 27.26
C LEU D 433 -41.02 -4.55 26.97
N CYS D 434 -42.03 -5.34 27.34
CA CYS D 434 -43.40 -4.95 27.09
C CYS D 434 -43.87 -3.85 28.03
N HIS D 435 -43.24 -3.72 29.20
CA HIS D 435 -43.55 -2.61 30.10
C HIS D 435 -42.85 -1.31 29.73
N GLU D 436 -41.73 -1.35 29.01
CA GLU D 436 -41.06 -0.09 28.66
C GLU D 436 -41.29 0.33 27.22
N HIS D 437 -41.57 -0.59 26.28
CA HIS D 437 -42.18 -0.17 25.03
C HIS D 437 -43.67 0.13 25.20
N GLY D 438 -44.33 -0.55 26.13
CA GLY D 438 -45.75 -0.36 26.31
C GLY D 438 -46.59 -0.78 25.12
N ARG D 439 -46.31 -1.95 24.55
CA ARG D 439 -46.97 -2.41 23.34
C ARG D 439 -48.30 -3.06 23.73
N GLY D 440 -49.20 -2.25 24.29
CA GLY D 440 -50.49 -2.73 24.76
C GLY D 440 -50.78 -2.45 26.22
N THR D 441 -49.99 -1.60 26.87
CA THR D 441 -50.12 -1.22 28.28
C THR D 441 -49.46 0.15 28.43
N PRO D 442 -50.00 1.03 29.27
CA PRO D 442 -49.43 2.38 29.38
C PRO D 442 -47.95 2.33 29.75
N ARG D 443 -47.20 3.30 29.20
CA ARG D 443 -45.76 3.33 29.39
C ARG D 443 -45.41 3.39 30.86
N ASP D 444 -44.49 2.53 31.29
CA ASP D 444 -44.07 2.47 32.68
C ASP D 444 -42.57 2.25 32.72
N ILE D 445 -41.95 2.75 33.78
CA ILE D 445 -40.52 2.60 33.97
C ILE D 445 -40.18 1.80 35.22
N SER D 446 -40.82 2.08 36.36
CA SER D 446 -40.49 1.42 37.61
C SER D 446 -40.65 -0.09 37.51
N LYS D 447 -41.81 -0.54 37.05
CA LYS D 447 -41.98 -1.98 36.84
C LYS D 447 -41.01 -2.51 35.79
N ALA D 448 -40.80 -1.76 34.71
CA ALA D 448 -39.87 -2.19 33.68
C ALA D 448 -38.46 -2.34 34.22
N VAL D 449 -37.98 -1.34 34.96
CA VAL D 449 -36.61 -1.42 35.46
C VAL D 449 -36.48 -2.49 36.54
N LEU D 450 -37.52 -2.70 37.36
CA LEU D 450 -37.45 -3.78 38.33
C LEU D 450 -37.36 -5.14 37.65
N TYR D 451 -38.18 -5.36 36.61
CA TYR D 451 -38.09 -6.61 35.87
C TYR D 451 -36.74 -6.76 35.19
N TYR D 452 -36.20 -5.65 34.64
CA TYR D 452 -34.89 -5.74 33.99
C TYR D 452 -33.80 -6.06 34.99
N GLN D 453 -33.86 -5.49 36.19
CA GLN D 453 -32.90 -5.85 37.23
C GLN D 453 -33.00 -7.32 37.60
N LEU D 454 -34.23 -7.81 37.76
CA LEU D 454 -34.41 -9.20 38.16
C LEU D 454 -33.91 -10.14 37.07
N ALA D 455 -34.05 -9.74 35.80
CA ALA D 455 -33.57 -10.57 34.71
C ALA D 455 -32.06 -10.47 34.55
N ALA D 456 -31.50 -9.29 34.77
CA ALA D 456 -30.05 -9.10 34.64
C ALA D 456 -29.30 -9.85 35.71
N SER D 457 -29.87 -9.93 36.91
CA SER D 457 -29.22 -10.69 37.98
C SER D 457 -29.04 -12.16 37.61
N GLN D 458 -29.82 -12.67 36.66
CA GLN D 458 -29.75 -14.08 36.30
C GLN D 458 -28.85 -14.36 35.10
N GLY D 459 -28.24 -13.33 34.51
CA GLY D 459 -27.29 -13.56 33.44
C GLY D 459 -27.87 -13.55 32.05
N HIS D 460 -28.58 -12.48 31.70
CA HIS D 460 -29.15 -12.31 30.38
C HIS D 460 -28.58 -11.02 29.78
N SER D 461 -27.90 -11.16 28.64
CA SER D 461 -27.16 -10.02 28.08
C SER D 461 -28.09 -8.88 27.70
N LEU D 462 -29.12 -9.17 26.92
CA LEU D 462 -30.04 -8.12 26.49
C LEU D 462 -30.74 -7.48 27.68
N ALA D 463 -31.05 -8.28 28.71
CA ALA D 463 -31.74 -7.75 29.87
C ALA D 463 -30.92 -6.67 30.57
N GLN D 464 -29.64 -6.96 30.81
CA GLN D 464 -28.80 -6.00 31.50
C GLN D 464 -28.44 -4.82 30.60
N TYR D 465 -28.30 -5.06 29.29
CA TYR D 465 -28.14 -3.94 28.37
C TYR D 465 -29.31 -2.97 28.47
N ARG D 466 -30.53 -3.50 28.41
CA ARG D 466 -31.71 -2.63 28.48
C ARG D 466 -31.85 -1.99 29.86
N TYR D 467 -31.45 -2.71 30.92
CA TYR D 467 -31.46 -2.11 32.25
C TYR D 467 -30.56 -0.89 32.30
N ALA D 468 -29.33 -1.03 31.82
CA ALA D 468 -28.41 0.11 31.84
C ALA D 468 -28.91 1.22 30.94
N ARG D 469 -29.47 0.88 29.78
CA ARG D 469 -30.04 1.86 28.87
C ARG D 469 -31.14 2.68 29.53
N CYS D 470 -32.04 2.02 30.25
CA CYS D 470 -33.17 2.71 30.85
C CYS D 470 -32.79 3.42 32.15
N LEU D 471 -31.69 3.00 32.80
CA LEU D 471 -31.31 3.63 34.05
C LEU D 471 -30.36 4.80 33.85
N LEU D 472 -29.50 4.73 32.83
CA LEU D 472 -28.53 5.79 32.55
C LEU D 472 -29.08 6.88 31.65
N ARG D 473 -30.33 6.76 31.20
CA ARG D 473 -30.90 7.75 30.29
C ARG D 473 -31.13 9.10 30.97
N ASP D 474 -31.29 9.12 32.30
CA ASP D 474 -31.56 10.36 32.99
C ASP D 474 -30.31 11.23 33.09
N PRO D 475 -30.46 12.55 33.05
CA PRO D 475 -29.31 13.45 33.22
C PRO D 475 -28.98 13.79 34.66
N ALA D 476 -29.51 13.06 35.64
CA ALA D 476 -29.26 13.36 37.04
C ALA D 476 -27.86 12.95 37.44
N SER D 477 -27.50 13.25 38.69
CA SER D 477 -26.18 12.93 39.19
C SER D 477 -26.01 11.43 39.39
N SER D 478 -24.76 10.99 39.46
CA SER D 478 -24.40 9.59 39.61
C SER D 478 -23.85 9.31 41.00
N TRP D 479 -24.30 10.06 42.01
CA TRP D 479 -23.85 9.84 43.37
C TRP D 479 -24.31 8.49 43.89
N ASN D 480 -25.47 8.03 43.43
CA ASN D 480 -25.98 6.73 43.85
C ASN D 480 -25.08 5.61 43.34
N PRO D 481 -24.68 4.67 44.21
CA PRO D 481 -23.86 3.54 43.74
C PRO D 481 -24.58 2.64 42.75
N GLU D 482 -25.91 2.73 42.67
CA GLU D 482 -26.64 1.93 41.68
C GLU D 482 -26.18 2.27 40.27
N ARG D 483 -25.76 3.51 40.04
CA ARG D 483 -25.17 3.87 38.75
C ARG D 483 -23.87 3.13 38.48
N GLN D 484 -23.01 3.01 39.48
CA GLN D 484 -21.78 2.23 39.31
C GLN D 484 -22.10 0.77 39.05
N ARG D 485 -23.09 0.23 39.76
CA ARG D 485 -23.51 -1.14 39.51
C ARG D 485 -24.02 -1.31 38.08
N ALA D 486 -24.79 -0.34 37.60
CA ALA D 486 -25.33 -0.40 36.25
C ALA D 486 -24.21 -0.34 35.21
N VAL D 487 -23.24 0.54 35.41
CA VAL D 487 -22.17 0.64 34.42
C VAL D 487 -21.30 -0.61 34.46
N SER D 488 -21.10 -1.20 35.65
CA SER D 488 -20.33 -2.44 35.73
C SER D 488 -21.04 -3.58 35.01
N LEU D 489 -22.36 -3.70 35.21
CA LEU D 489 -23.08 -4.76 34.53
C LEU D 489 -23.13 -4.51 33.03
N LEU D 490 -23.22 -3.26 32.60
CA LEU D 490 -23.15 -2.97 31.18
C LEU D 490 -21.80 -3.39 30.62
N LYS D 491 -20.73 -3.11 31.36
CA LYS D 491 -19.39 -3.49 30.91
C LYS D 491 -19.27 -5.00 30.75
N GLN D 492 -19.68 -5.75 31.78
CA GLN D 492 -19.55 -7.20 31.70
C GLN D 492 -20.62 -7.83 30.83
N ALA D 493 -21.59 -7.03 30.35
CA ALA D 493 -22.44 -7.46 29.24
C ALA D 493 -21.71 -7.30 27.92
N ALA D 494 -21.25 -6.09 27.64
CA ALA D 494 -20.61 -5.80 26.37
C ALA D 494 -19.34 -6.61 26.17
N ASP D 495 -18.73 -7.08 27.26
CA ASP D 495 -17.59 -7.99 27.13
C ASP D 495 -17.98 -9.30 26.47
N SER D 496 -19.27 -9.64 26.45
CA SER D 496 -19.70 -10.86 25.80
C SER D 496 -19.68 -10.75 24.28
N GLY D 497 -20.08 -9.60 23.74
CA GLY D 497 -20.05 -9.42 22.30
C GLY D 497 -21.28 -8.77 21.71
N LEU D 498 -22.19 -8.31 22.57
CA LEU D 498 -23.37 -7.60 22.08
C LEU D 498 -22.97 -6.29 21.42
N ARG D 499 -23.54 -6.02 20.26
CA ARG D 499 -23.16 -4.83 19.49
C ARG D 499 -23.56 -3.55 20.19
N GLU D 500 -24.83 -3.45 20.62
CA GLU D 500 -25.37 -2.19 21.10
C GLU D 500 -24.74 -1.74 22.42
N ALA D 501 -24.48 -2.67 23.33
CA ALA D 501 -23.93 -2.28 24.63
C ALA D 501 -22.55 -1.65 24.48
N GLN D 502 -21.73 -2.18 23.57
CA GLN D 502 -20.42 -1.62 23.34
C GLN D 502 -20.51 -0.17 22.86
N ALA D 503 -21.36 0.09 21.88
CA ALA D 503 -21.51 1.45 21.38
C ALA D 503 -22.05 2.38 22.46
N PHE D 504 -23.02 1.88 23.25
CA PHE D 504 -23.56 2.70 24.33
C PHE D 504 -22.48 3.08 25.32
N LEU D 505 -21.63 2.13 25.74
CA LEU D 505 -20.61 2.49 26.72
C LEU D 505 -19.55 3.37 26.09
N GLY D 506 -19.26 3.19 24.81
CA GLY D 506 -18.31 4.08 24.15
C GLY D 506 -18.79 5.51 24.14
N VAL D 507 -20.10 5.70 23.92
CA VAL D 507 -20.66 7.05 24.03
C VAL D 507 -20.63 7.52 25.48
N LEU D 508 -20.93 6.62 26.42
CA LEU D 508 -21.12 7.02 27.81
C LEU D 508 -19.80 7.45 28.45
N PHE D 509 -18.73 6.71 28.21
CA PHE D 509 -17.43 7.02 28.80
C PHE D 509 -16.81 8.29 28.24
N THR D 510 -17.33 8.81 27.11
CA THR D 510 -16.81 10.03 26.54
C THR D 510 -17.36 11.27 27.23
N LYS D 511 -18.44 11.14 27.99
CA LYS D 511 -19.12 12.28 28.59
C LYS D 511 -18.92 12.29 30.10
N GLU D 512 -19.05 13.48 30.68
CA GLU D 512 -18.92 13.65 32.12
C GLU D 512 -20.03 12.90 32.85
N PRO D 513 -19.76 12.29 34.01
CA PRO D 513 -18.49 12.19 34.73
C PRO D 513 -17.79 10.85 34.56
N TYR D 514 -18.07 10.16 33.46
CA TYR D 514 -17.50 8.84 33.19
C TYR D 514 -16.29 8.91 32.28
N LEU D 515 -15.50 9.97 32.36
CA LEU D 515 -14.40 10.19 31.45
C LEU D 515 -13.31 9.13 31.59
N ASP D 516 -13.21 8.24 30.60
CA ASP D 516 -12.13 7.27 30.52
C ASP D 516 -11.87 7.04 29.03
N GLU D 517 -10.92 7.80 28.48
CA GLU D 517 -10.78 7.91 27.04
C GLU D 517 -10.33 6.60 26.41
N GLN D 518 -9.39 5.90 27.03
CA GLN D 518 -8.81 4.72 26.39
C GLN D 518 -9.83 3.60 26.25
N ARG D 519 -10.56 3.30 27.32
CA ARG D 519 -11.58 2.24 27.26
C ARG D 519 -12.67 2.61 26.28
N ALA D 520 -13.11 3.88 26.30
CA ALA D 520 -14.13 4.33 25.36
C ALA D 520 -13.66 4.12 23.92
N VAL D 521 -12.43 4.51 23.63
CA VAL D 521 -11.90 4.36 22.28
C VAL D 521 -11.84 2.90 21.88
N LYS D 522 -11.33 2.04 22.76
CA LYS D 522 -11.15 0.64 22.40
C LYS D 522 -12.49 -0.04 22.14
N TYR D 523 -13.48 0.21 23.00
CA TYR D 523 -14.75 -0.46 22.80
C TYR D 523 -15.54 0.15 21.65
N LEU D 524 -15.42 1.45 21.42
CA LEU D 524 -16.00 2.05 20.21
C LEU D 524 -15.41 1.42 18.96
N TRP D 525 -14.09 1.19 18.96
CA TRP D 525 -13.46 0.61 17.79
C TRP D 525 -13.92 -0.82 17.56
N LEU D 526 -13.95 -1.64 18.61
CA LEU D 526 -14.36 -3.03 18.41
C LEU D 526 -15.85 -3.15 18.14
N ALA D 527 -16.64 -2.14 18.54
CA ALA D 527 -18.04 -2.11 18.15
C ALA D 527 -18.19 -1.71 16.69
N ALA D 528 -17.43 -0.70 16.24
CA ALA D 528 -17.52 -0.24 14.87
C ALA D 528 -17.01 -1.30 13.90
N ASN D 529 -16.11 -2.16 14.35
CA ASN D 529 -15.65 -3.25 13.50
C ASN D 529 -16.78 -4.18 13.13
N ASN D 530 -17.89 -4.17 13.88
CA ASN D 530 -19.05 -5.01 13.56
C ASN D 530 -19.94 -4.38 12.49
N GLY D 531 -19.68 -3.15 12.08
CA GLY D 531 -20.42 -2.53 11.01
C GLY D 531 -21.40 -1.45 11.40
N ASP D 532 -21.40 -1.00 12.65
CA ASP D 532 -22.30 0.07 13.05
C ASP D 532 -21.80 1.41 12.51
N SER D 533 -22.70 2.15 11.88
CA SER D 533 -22.31 3.41 11.25
C SER D 533 -22.09 4.51 12.28
N GLN D 534 -22.97 4.61 13.27
CA GLN D 534 -22.86 5.69 14.25
C GLN D 534 -21.64 5.51 15.14
N SER D 535 -21.36 4.28 15.56
CA SER D 535 -20.18 4.06 16.40
C SER D 535 -18.91 4.38 15.64
N ARG D 536 -18.86 4.05 14.35
CA ARG D 536 -17.68 4.37 13.55
C ARG D 536 -17.57 5.86 13.29
N TYR D 537 -18.69 6.56 13.11
CA TYR D 537 -18.65 8.02 13.02
C TYR D 537 -18.14 8.64 14.31
N HIS D 538 -18.53 8.07 15.46
CA HIS D 538 -18.03 8.56 16.73
C HIS D 538 -16.54 8.28 16.87
N LEU D 539 -16.07 7.14 16.34
CA LEU D 539 -14.63 6.91 16.27
C LEU D 539 -13.94 7.96 15.42
N GLY D 540 -14.57 8.34 14.31
CA GLY D 540 -14.00 9.36 13.45
C GLY D 540 -13.90 10.71 14.14
N ILE D 541 -14.97 11.12 14.84
CA ILE D 541 -14.90 12.38 15.56
C ILE D 541 -13.92 12.28 16.71
N CYS D 542 -13.73 11.08 17.26
CA CYS D 542 -12.73 10.89 18.30
C CYS D 542 -11.31 11.11 17.75
N TYR D 543 -11.04 10.58 16.56
CA TYR D 543 -9.74 10.86 15.94
C TYR D 543 -9.58 12.34 15.59
N GLU D 544 -10.63 12.95 15.03
CA GLU D 544 -10.52 14.34 14.59
C GLU D 544 -10.31 15.28 15.77
N LYS D 545 -11.07 15.10 16.85
CA LYS D 545 -10.94 15.96 18.02
C LYS D 545 -9.73 15.62 18.87
N GLY D 546 -9.10 14.47 18.64
CA GLY D 546 -7.87 14.13 19.33
C GLY D 546 -8.01 13.91 20.82
N LEU D 547 -9.08 13.26 21.24
CA LEU D 547 -9.24 12.84 22.64
C LEU D 547 -9.06 11.33 22.71
N GLY D 548 -8.18 10.89 23.60
CA GLY D 548 -7.86 9.48 23.74
C GLY D 548 -6.99 8.91 22.64
N VAL D 549 -6.98 9.51 21.46
CA VAL D 549 -6.13 9.10 20.35
C VAL D 549 -5.44 10.34 19.80
N GLN D 550 -4.28 10.14 19.19
CA GLN D 550 -3.56 11.25 18.59
C GLN D 550 -4.39 11.88 17.48
N ARG D 551 -4.25 13.19 17.34
CA ARG D 551 -5.12 13.97 16.46
C ARG D 551 -4.80 13.72 15.00
N ASN D 552 -5.15 12.53 14.51
CA ASN D 552 -5.03 12.24 13.09
C ASN D 552 -6.23 12.81 12.35
N LEU D 553 -6.00 13.32 11.14
CA LEU D 553 -7.02 14.00 10.38
C LEU D 553 -7.40 13.30 9.08
N GLY D 554 -6.45 12.74 8.36
CA GLY D 554 -6.79 12.02 7.14
C GLY D 554 -7.59 10.76 7.41
N GLU D 555 -7.21 10.01 8.43
CA GLU D 555 -7.97 8.83 8.83
C GLU D 555 -9.39 9.22 9.22
N ALA D 556 -9.55 10.35 9.91
CA ALA D 556 -10.88 10.82 10.28
C ALA D 556 -11.71 11.12 9.05
N LEU D 557 -11.10 11.75 8.04
CA LEU D 557 -11.84 12.06 6.82
C LEU D 557 -12.26 10.80 6.09
N ARG D 558 -11.36 9.82 5.98
CA ARG D 558 -11.72 8.57 5.34
C ARG D 558 -12.81 7.84 6.10
N CYS D 559 -12.73 7.87 7.44
CA CYS D 559 -13.75 7.25 8.27
C CYS D 559 -15.10 7.92 8.07
N TYR D 560 -15.12 9.25 8.00
CA TYR D 560 -16.36 9.96 7.71
C TYR D 560 -16.92 9.55 6.35
N GLN D 561 -16.04 9.48 5.35
CA GLN D 561 -16.50 9.17 3.99
C GLN D 561 -17.10 7.77 3.92
N GLN D 562 -16.45 6.78 4.53
CA GLN D 562 -16.97 5.42 4.43
C GLN D 562 -18.01 5.14 5.51
N SER D 563 -18.25 6.09 6.42
CA SER D 563 -19.47 6.09 7.21
C SER D 563 -20.65 6.56 6.37
N ALA D 564 -20.44 7.64 5.60
CA ALA D 564 -21.48 8.11 4.71
C ALA D 564 -21.78 7.10 3.62
N ALA D 565 -20.79 6.29 3.26
CA ALA D 565 -21.03 5.21 2.29
C ALA D 565 -22.01 4.19 2.85
N LEU D 566 -21.87 3.84 4.13
CA LEU D 566 -22.74 2.85 4.76
C LEU D 566 -24.10 3.41 5.13
N GLY D 567 -24.33 4.71 4.96
CA GLY D 567 -25.65 5.26 5.13
C GLY D 567 -25.90 5.89 6.48
N ASN D 568 -24.91 6.62 7.02
CA ASN D 568 -25.13 7.44 8.20
C ASN D 568 -25.76 8.72 7.69
N GLU D 569 -27.09 8.73 7.65
CA GLU D 569 -27.81 9.79 6.94
C GLU D 569 -27.56 11.15 7.56
N ALA D 570 -27.51 11.22 8.89
CA ALA D 570 -27.41 12.52 9.54
C ALA D 570 -25.96 13.00 9.62
N ALA D 571 -25.14 12.27 10.39
CA ALA D 571 -23.88 12.82 10.90
C ALA D 571 -22.78 12.91 9.85
N GLN D 572 -22.47 11.79 9.21
CA GLN D 572 -21.43 11.78 8.18
C GLN D 572 -21.81 12.71 7.05
N GLU D 573 -23.08 12.71 6.67
CA GLU D 573 -23.54 13.58 5.60
C GLU D 573 -23.39 15.04 5.97
N ARG D 574 -23.74 15.41 7.20
CA ARG D 574 -23.64 16.82 7.57
C ARG D 574 -22.21 17.29 7.75
N LEU D 575 -21.30 16.43 8.21
CA LEU D 575 -19.89 16.83 8.22
C LEU D 575 -19.32 16.93 6.80
N ARG D 576 -19.71 16.02 5.92
CA ARG D 576 -19.26 16.14 4.53
C ARG D 576 -19.76 17.43 3.92
N ALA D 577 -21.02 17.78 4.15
CA ALA D 577 -21.56 19.04 3.64
C ALA D 577 -20.88 20.25 4.26
N LEU D 578 -20.58 20.20 5.56
CA LEU D 578 -19.90 21.31 6.22
C LEU D 578 -18.48 21.50 5.73
N PHE D 579 -17.76 20.42 5.43
CA PHE D 579 -16.40 20.50 4.92
C PHE D 579 -16.37 20.66 3.40
N SER D 580 -17.54 20.61 2.76
CA SER D 580 -17.64 20.86 1.34
C SER D 580 -18.01 22.32 1.05
N MET D 581 -19.13 22.76 1.62
CA MET D 581 -19.58 24.14 1.38
C MET D 581 -18.60 25.14 1.96
N GLY D 582 -18.07 24.85 3.14
CA GLY D 582 -17.14 25.77 3.79
C GLY D 582 -15.70 25.53 3.39
N ALA D 583 -15.49 24.73 2.34
CA ALA D 583 -14.16 24.45 1.86
C ALA D 583 -14.02 24.80 0.39
N ALA D 584 -15.13 24.81 -0.33
CA ALA D 584 -15.14 25.13 -1.76
C ALA D 584 -15.23 26.62 -2.05
N ALA D 585 -15.36 27.45 -1.02
CA ALA D 585 -15.46 28.89 -1.21
C ALA D 585 -14.07 29.52 -1.30
N SER E 376 62.38 20.17 -29.74
CA SER E 376 62.26 21.41 -28.97
C SER E 376 61.26 22.36 -29.62
N LEU E 377 61.74 23.17 -30.57
CA LEU E 377 60.87 24.13 -31.24
C LEU E 377 59.95 23.45 -32.24
N GLU E 378 60.35 22.30 -32.78
CA GLU E 378 59.54 21.64 -33.80
C GLU E 378 58.22 21.14 -33.22
N GLU E 379 58.28 20.46 -32.07
CA GLU E 379 57.03 20.02 -31.44
C GLU E 379 56.19 21.22 -31.01
N ALA E 380 56.85 22.30 -30.60
CA ALA E 380 56.11 23.50 -30.21
C ALA E 380 55.36 24.09 -31.40
N VAL E 381 56.00 24.18 -32.56
CA VAL E 381 55.34 24.77 -33.71
C VAL E 381 54.24 23.86 -34.24
N THR E 382 54.45 22.54 -34.21
CA THR E 382 53.38 21.63 -34.59
C THR E 382 52.18 21.75 -33.65
N SER E 383 52.45 21.83 -32.34
CA SER E 383 51.38 21.97 -31.38
C SER E 383 50.63 23.28 -31.59
N ILE E 384 51.35 24.37 -31.82
CA ILE E 384 50.68 25.67 -31.94
C ILE E 384 49.87 25.74 -33.23
N GLN E 385 50.35 25.14 -34.32
CA GLN E 385 49.57 25.17 -35.55
C GLN E 385 48.34 24.29 -35.44
N GLN E 386 48.45 23.12 -34.80
CA GLN E 386 47.27 22.30 -34.60
C GLN E 386 46.26 23.00 -33.69
N LEU E 387 46.76 23.67 -32.65
CA LEU E 387 45.88 24.44 -31.78
C LEU E 387 45.21 25.57 -32.54
N PHE E 388 45.92 26.20 -33.48
CA PHE E 388 45.31 27.26 -34.28
C PHE E 388 44.20 26.72 -35.14
N GLN E 389 44.42 25.57 -35.79
CA GLN E 389 43.37 24.96 -36.58
C GLN E 389 42.15 24.65 -35.73
N LEU E 390 42.37 24.03 -34.57
CA LEU E 390 41.25 23.70 -33.69
C LEU E 390 40.53 24.96 -33.21
N SER E 391 41.29 26.01 -32.87
CA SER E 391 40.69 27.22 -32.33
C SER E 391 39.88 27.95 -33.39
N VAL E 392 40.37 27.99 -34.63
CA VAL E 392 39.60 28.64 -35.68
C VAL E 392 38.33 27.85 -35.97
N SER E 393 38.41 26.51 -35.89
CA SER E 393 37.20 25.70 -36.02
C SER E 393 36.20 26.04 -34.92
N ILE E 394 36.67 26.13 -33.68
CA ILE E 394 35.80 26.44 -32.55
C ILE E 394 35.16 27.81 -32.74
N ALA E 395 35.97 28.80 -33.13
CA ALA E 395 35.47 30.15 -33.29
C ALA E 395 34.43 30.23 -34.39
N PHE E 396 34.66 29.54 -35.50
CA PHE E 396 33.69 29.57 -36.59
C PHE E 396 32.39 28.90 -36.17
N ASN E 397 32.48 27.78 -35.45
CA ASN E 397 31.27 27.14 -34.93
C ASN E 397 30.51 28.08 -33.99
N PHE E 398 31.23 28.73 -33.08
CA PHE E 398 30.57 29.60 -32.11
C PHE E 398 29.93 30.79 -32.79
N LEU E 399 30.56 31.19 -33.86
CA LEU E 399 30.05 32.34 -34.55
C LEU E 399 28.81 31.97 -35.17
N GLY E 400 28.89 30.91 -35.88
CA GLY E 400 27.74 30.43 -36.63
C GLY E 400 26.52 30.22 -35.74
N THR E 401 26.72 29.59 -34.58
CA THR E 401 25.58 29.37 -33.70
C THR E 401 25.08 30.69 -33.09
N GLU E 402 25.98 31.63 -32.84
CA GLU E 402 25.54 32.95 -32.38
C GLU E 402 24.72 33.65 -33.43
N ASN E 403 25.12 33.56 -34.70
CA ASN E 403 24.34 34.16 -35.77
C ASN E 403 22.98 33.49 -35.90
N MET E 404 22.94 32.16 -35.81
CA MET E 404 21.67 31.45 -35.91
C MET E 404 20.73 31.85 -34.77
N LYS E 405 21.24 31.93 -33.54
CA LYS E 405 20.41 32.32 -32.42
C LYS E 405 19.95 33.77 -32.54
N SER E 406 20.84 34.65 -33.01
CA SER E 406 20.49 36.06 -33.15
C SER E 406 19.40 36.27 -34.20
N GLY E 407 19.50 35.58 -35.33
CA GLY E 407 18.51 35.73 -36.37
C GLY E 407 19.07 35.66 -37.78
N ASP E 408 20.34 36.01 -37.95
CA ASP E 408 20.97 35.89 -39.26
C ASP E 408 21.17 34.43 -39.60
N HIS E 409 20.77 34.03 -40.81
CA HIS E 409 20.71 32.62 -41.17
C HIS E 409 21.70 32.23 -42.25
N THR E 410 21.72 32.92 -43.40
CA THR E 410 22.61 32.51 -44.48
C THR E 410 24.07 32.60 -44.05
N ALA E 411 24.41 33.61 -43.25
CA ALA E 411 25.75 33.67 -42.68
C ALA E 411 26.00 32.48 -41.76
N ALA E 412 24.99 32.05 -41.02
CA ALA E 412 25.13 30.87 -40.18
C ALA E 412 25.38 29.64 -41.03
N PHE E 413 24.68 29.51 -42.16
CA PHE E 413 24.92 28.39 -43.06
C PHE E 413 26.35 28.39 -43.57
N SER E 414 26.82 29.55 -44.03
CA SER E 414 28.18 29.60 -44.56
C SER E 414 29.20 29.28 -43.47
N TYR E 415 29.00 29.83 -42.27
CA TYR E 415 29.95 29.60 -41.18
C TYR E 415 29.98 28.13 -40.79
N PHE E 416 28.80 27.51 -40.67
CA PHE E 416 28.74 26.11 -40.29
C PHE E 416 29.34 25.23 -41.37
N GLN E 417 29.13 25.59 -42.64
CA GLN E 417 29.68 24.82 -43.74
C GLN E 417 31.20 24.86 -43.71
N LYS E 418 31.78 26.04 -43.58
CA LYS E 418 33.24 26.13 -43.58
C LYS E 418 33.86 25.63 -42.28
N ALA E 419 33.09 25.57 -41.19
CA ALA E 419 33.58 24.94 -39.98
C ALA E 419 33.55 23.43 -40.08
N ALA E 420 32.52 22.87 -40.70
CA ALA E 420 32.43 21.43 -40.86
C ALA E 420 33.33 20.92 -41.97
N ALA E 421 33.76 21.80 -42.89
CA ALA E 421 34.63 21.37 -43.96
C ALA E 421 36.02 20.99 -43.46
N ARG E 422 36.35 21.29 -42.21
CA ARG E 422 37.68 21.04 -41.68
C ARG E 422 37.67 20.07 -40.50
N GLY E 423 36.61 19.27 -40.37
CA GLY E 423 36.63 18.18 -39.42
C GLY E 423 36.33 18.54 -37.98
N TYR E 424 35.14 19.06 -37.71
CA TYR E 424 34.70 19.33 -36.35
C TYR E 424 33.36 18.63 -36.11
N SER E 425 33.19 18.10 -34.90
CA SER E 425 32.03 17.28 -34.60
C SER E 425 30.75 18.10 -34.52
N LYS E 426 30.70 19.05 -33.59
CA LYS E 426 29.48 19.84 -33.41
C LYS E 426 29.16 20.65 -34.65
N ALA E 427 30.20 21.14 -35.35
CA ALA E 427 29.96 21.87 -36.59
C ALA E 427 29.31 20.98 -37.62
N GLN E 428 29.76 19.72 -37.72
CA GLN E 428 29.14 18.80 -38.67
C GLN E 428 27.70 18.49 -38.29
N TYR E 429 27.43 18.34 -36.99
CA TYR E 429 26.05 18.16 -36.55
C TYR E 429 25.18 19.35 -36.93
N ASN E 430 25.69 20.56 -36.72
CA ASN E 430 24.90 21.74 -37.03
C ASN E 430 24.68 21.86 -38.54
N ALA E 431 25.69 21.50 -39.33
CA ALA E 431 25.52 21.51 -40.78
C ALA E 431 24.45 20.51 -41.21
N GLY E 432 24.47 19.32 -40.63
CA GLY E 432 23.42 18.36 -40.92
C GLY E 432 22.05 18.85 -40.52
N LEU E 433 21.95 19.50 -39.36
CA LEU E 433 20.67 20.01 -38.89
C LEU E 433 20.15 21.10 -39.81
N CYS E 434 21.02 22.01 -40.24
CA CYS E 434 20.60 23.10 -41.10
C CYS E 434 20.34 22.63 -42.53
N HIS E 435 20.87 21.47 -42.92
CA HIS E 435 20.53 20.90 -44.22
C HIS E 435 19.26 20.05 -44.18
N GLU E 436 18.91 19.46 -43.04
CA GLU E 436 17.69 18.67 -42.95
C GLU E 436 16.46 19.50 -42.60
N HIS E 437 16.58 20.51 -41.74
CA HIS E 437 15.47 21.44 -41.57
C HIS E 437 15.40 22.45 -42.71
N GLY E 438 16.56 22.80 -43.27
CA GLY E 438 16.59 23.76 -44.36
C GLY E 438 16.12 25.15 -43.97
N ARG E 439 16.56 25.66 -42.83
CA ARG E 439 16.10 26.96 -42.32
C ARG E 439 16.97 28.04 -42.97
N GLY E 440 16.89 28.12 -44.30
CA GLY E 440 17.72 29.01 -45.07
C GLY E 440 18.49 28.36 -46.20
N THR E 441 18.09 27.15 -46.62
CA THR E 441 18.72 26.40 -47.70
C THR E 441 17.71 25.37 -48.17
N PRO E 442 17.58 25.11 -49.47
CA PRO E 442 16.58 24.15 -49.92
C PRO E 442 16.74 22.78 -49.25
N ARG E 443 15.61 22.15 -48.98
CA ARG E 443 15.60 20.90 -48.23
C ARG E 443 16.44 19.85 -48.94
N ASP E 444 17.31 19.20 -48.17
CA ASP E 444 18.18 18.15 -48.69
C ASP E 444 18.38 17.11 -47.59
N ILE E 445 18.34 15.84 -47.98
CA ILE E 445 18.54 14.76 -47.02
C ILE E 445 19.88 14.10 -47.30
N SER E 446 20.30 14.11 -48.56
CA SER E 446 21.56 13.47 -48.96
C SER E 446 22.74 14.11 -48.24
N LYS E 447 22.99 15.39 -48.49
CA LYS E 447 24.05 16.09 -47.77
C LYS E 447 23.81 16.09 -46.27
N ALA E 448 22.54 16.18 -45.86
CA ALA E 448 22.22 16.15 -44.43
C ALA E 448 22.70 14.86 -43.79
N VAL E 449 22.32 13.71 -44.35
CA VAL E 449 22.74 12.44 -43.77
C VAL E 449 24.24 12.21 -43.93
N LEU E 450 24.86 12.70 -45.00
CA LEU E 450 26.32 12.57 -45.10
C LEU E 450 27.01 13.33 -43.96
N TYR E 451 26.58 14.57 -43.71
CA TYR E 451 27.14 15.32 -42.59
C TYR E 451 26.83 14.62 -41.27
N TYR E 452 25.64 14.04 -41.15
CA TYR E 452 25.29 13.36 -39.91
C TYR E 452 26.18 12.14 -39.68
N GLN E 453 26.48 11.38 -40.74
CA GLN E 453 27.42 10.27 -40.63
C GLN E 453 28.79 10.76 -40.22
N LEU E 454 29.26 11.83 -40.85
CA LEU E 454 30.59 12.32 -40.54
C LEU E 454 30.69 12.84 -39.12
N ALA E 455 29.58 13.36 -38.57
CA ALA E 455 29.56 13.79 -37.18
C ALA E 455 29.42 12.60 -36.23
N ALA E 456 28.65 11.58 -36.63
CA ALA E 456 28.43 10.43 -35.76
C ALA E 456 29.71 9.61 -35.61
N SER E 457 30.51 9.53 -36.67
CA SER E 457 31.74 8.76 -36.59
C SER E 457 32.70 9.33 -35.55
N GLN E 458 32.52 10.58 -35.14
CA GLN E 458 33.43 11.20 -34.18
C GLN E 458 32.91 11.18 -32.75
N GLY E 459 31.73 10.63 -32.52
CA GLY E 459 31.24 10.46 -31.17
C GLY E 459 30.39 11.61 -30.65
N HIS E 460 29.36 11.98 -31.39
CA HIS E 460 28.41 12.99 -30.98
C HIS E 460 27.04 12.33 -30.82
N SER E 461 26.54 12.31 -29.59
CA SER E 461 25.34 11.53 -29.29
C SER E 461 24.13 12.02 -30.06
N LEU E 462 23.84 13.32 -29.98
CA LEU E 462 22.64 13.85 -30.61
C LEU E 462 22.73 13.76 -32.13
N ALA E 463 23.92 13.98 -32.67
CA ALA E 463 24.10 13.88 -34.12
C ALA E 463 23.84 12.46 -34.61
N GLN E 464 24.35 11.46 -33.90
CA GLN E 464 24.14 10.08 -34.34
C GLN E 464 22.69 9.65 -34.13
N TYR E 465 22.04 10.17 -33.09
CA TYR E 465 20.60 9.97 -32.96
C TYR E 465 19.88 10.50 -34.19
N ARG E 466 20.21 11.72 -34.61
CA ARG E 466 19.57 12.31 -35.77
C ARG E 466 19.85 11.49 -37.03
N TYR E 467 21.10 11.02 -37.19
CA TYR E 467 21.44 10.19 -38.34
C TYR E 467 20.59 8.94 -38.38
N ALA E 468 20.49 8.24 -37.26
CA ALA E 468 19.74 6.99 -37.24
C ALA E 468 18.26 7.24 -37.49
N ARG E 469 17.71 8.30 -36.88
CA ARG E 469 16.28 8.57 -37.05
C ARG E 469 15.98 9.01 -38.47
N CYS E 470 16.93 9.66 -39.15
CA CYS E 470 16.72 10.05 -40.53
C CYS E 470 16.87 8.86 -41.48
N LEU E 471 17.79 7.95 -41.18
CA LEU E 471 18.00 6.81 -42.09
C LEU E 471 16.93 5.74 -41.90
N LEU E 472 16.35 5.64 -40.71
CA LEU E 472 15.33 4.64 -40.43
C LEU E 472 13.91 5.11 -40.71
N ARG E 473 13.74 6.32 -41.23
CA ARG E 473 12.39 6.82 -41.51
C ARG E 473 11.73 6.07 -42.66
N ASP E 474 12.52 5.43 -43.53
CA ASP E 474 11.96 4.70 -44.65
C ASP E 474 11.43 3.33 -44.20
N PRO E 475 10.44 2.78 -44.91
CA PRO E 475 9.93 1.46 -44.55
C PRO E 475 10.73 0.33 -45.18
N ALA E 476 11.93 0.64 -45.67
CA ALA E 476 12.75 -0.36 -46.34
C ALA E 476 13.24 -1.42 -45.35
N SER E 477 13.62 -2.57 -45.90
CA SER E 477 14.04 -3.70 -45.08
C SER E 477 15.44 -3.46 -44.52
N SER E 478 15.84 -4.33 -43.60
CA SER E 478 17.13 -4.26 -42.92
C SER E 478 18.14 -5.20 -43.56
N TRP E 479 17.90 -5.60 -44.81
CA TRP E 479 18.87 -6.39 -45.55
C TRP E 479 20.14 -5.59 -45.79
N ASN E 480 19.99 -4.30 -46.09
CA ASN E 480 21.15 -3.45 -46.27
C ASN E 480 21.88 -3.27 -44.94
N PRO E 481 23.18 -3.58 -44.89
CA PRO E 481 23.92 -3.49 -43.63
C PRO E 481 24.14 -2.07 -43.14
N GLU E 482 23.91 -1.06 -44.00
CA GLU E 482 23.93 0.31 -43.53
C GLU E 482 22.89 0.51 -42.43
N ARG E 483 21.74 -0.17 -42.56
CA ARG E 483 20.77 -0.22 -41.48
C ARG E 483 21.34 -0.89 -40.24
N GLN E 484 22.18 -1.91 -40.41
CA GLN E 484 22.79 -2.55 -39.25
C GLN E 484 23.68 -1.57 -38.48
N ARG E 485 24.57 -0.85 -39.18
CA ARG E 485 25.32 0.17 -38.45
C ARG E 485 24.42 1.27 -37.91
N ALA E 486 23.35 1.63 -38.61
CA ALA E 486 22.48 2.69 -38.12
C ALA E 486 21.82 2.28 -36.80
N VAL E 487 21.30 1.06 -36.73
CA VAL E 487 20.66 0.61 -35.50
C VAL E 487 21.69 0.43 -34.40
N SER E 488 22.89 -0.04 -34.74
CA SER E 488 23.92 -0.20 -33.70
C SER E 488 24.33 1.16 -33.14
N LEU E 489 24.51 2.16 -33.99
CA LEU E 489 24.88 3.47 -33.49
C LEU E 489 23.75 4.11 -32.72
N LEU E 490 22.50 3.88 -33.12
CA LEU E 490 21.38 4.38 -32.33
C LEU E 490 21.38 3.73 -30.95
N LYS E 491 21.65 2.43 -30.90
CA LYS E 491 21.71 1.72 -29.63
C LYS E 491 22.78 2.33 -28.72
N GLN E 492 23.99 2.50 -29.25
CA GLN E 492 25.07 3.04 -28.42
C GLN E 492 24.87 4.52 -28.11
N ALA E 493 24.05 5.23 -28.89
CA ALA E 493 23.65 6.58 -28.53
C ALA E 493 22.68 6.56 -27.35
N ALA E 494 21.66 5.70 -27.44
CA ALA E 494 20.70 5.60 -26.36
C ALA E 494 21.34 5.11 -25.08
N ASP E 495 22.43 4.35 -25.19
CA ASP E 495 23.16 3.93 -24.00
C ASP E 495 23.73 5.11 -23.23
N SER E 496 23.86 6.28 -23.86
CA SER E 496 24.37 7.46 -23.17
C SER E 496 23.35 8.04 -22.19
N GLY E 497 22.09 8.12 -22.59
CA GLY E 497 21.06 8.63 -21.69
C GLY E 497 20.13 9.65 -22.33
N LEU E 498 20.27 9.89 -23.62
CA LEU E 498 19.38 10.81 -24.32
C LEU E 498 17.95 10.27 -24.32
N ARG E 499 16.99 11.15 -24.06
CA ARG E 499 15.61 10.72 -23.94
C ARG E 499 15.04 10.25 -25.28
N GLU E 500 15.29 11.01 -26.35
CA GLU E 500 14.59 10.76 -27.60
C GLU E 500 15.02 9.46 -28.26
N ALA E 501 16.33 9.17 -28.24
CA ALA E 501 16.82 7.98 -28.95
C ALA E 501 16.26 6.70 -28.35
N GLN E 502 16.21 6.63 -27.01
CA GLN E 502 15.70 5.43 -26.36
C GLN E 502 14.23 5.21 -26.70
N ALA E 503 13.42 6.26 -26.64
CA ALA E 503 12.01 6.14 -26.99
C ALA E 503 11.84 5.72 -28.44
N PHE E 504 12.65 6.30 -29.34
CA PHE E 504 12.51 5.95 -30.74
C PHE E 504 12.87 4.49 -30.99
N LEU E 505 13.91 3.98 -30.32
CA LEU E 505 14.24 2.58 -30.53
C LEU E 505 13.21 1.67 -29.91
N GLY E 506 12.62 2.09 -28.78
CA GLY E 506 11.54 1.32 -28.20
C GLY E 506 10.36 1.19 -29.15
N VAL E 507 10.06 2.28 -29.86
CA VAL E 507 9.04 2.20 -30.90
C VAL E 507 9.51 1.31 -32.04
N LEU E 508 10.79 1.42 -32.42
CA LEU E 508 11.27 0.77 -33.64
C LEU E 508 11.32 -0.73 -33.49
N PHE E 509 11.81 -1.22 -32.36
CA PHE E 509 11.95 -2.67 -32.17
C PHE E 509 10.61 -3.38 -32.07
N THR E 510 9.51 -2.64 -31.88
CA THR E 510 8.20 -3.25 -31.81
C THR E 510 7.68 -3.68 -33.19
N LYS E 511 8.06 -2.97 -34.25
CA LYS E 511 7.48 -3.17 -35.57
C LYS E 511 8.45 -3.97 -36.45
N GLU E 512 7.88 -4.63 -37.46
CA GLU E 512 8.65 -5.51 -38.33
C GLU E 512 9.74 -4.73 -39.06
N PRO E 513 10.92 -5.32 -39.29
CA PRO E 513 11.40 -6.65 -38.89
C PRO E 513 12.35 -6.62 -37.72
N TYR E 514 12.26 -5.58 -36.89
CA TYR E 514 13.16 -5.39 -35.77
C TYR E 514 12.62 -5.97 -34.47
N LEU E 515 11.83 -7.03 -34.56
CA LEU E 515 11.13 -7.57 -33.40
C LEU E 515 12.09 -8.09 -32.33
N ASP E 516 12.21 -7.36 -31.24
CA ASP E 516 12.94 -7.82 -30.04
C ASP E 516 12.22 -7.21 -28.84
N GLU E 517 11.30 -7.98 -28.28
CA GLU E 517 10.31 -7.40 -27.39
C GLU E 517 10.90 -6.98 -26.05
N GLN E 518 11.73 -7.83 -25.44
CA GLN E 518 12.22 -7.55 -24.10
C GLN E 518 13.05 -6.27 -24.06
N ARG E 519 14.01 -6.14 -24.99
CA ARG E 519 14.84 -4.94 -25.03
C ARG E 519 14.01 -3.71 -25.37
N ALA E 520 13.05 -3.86 -26.28
CA ALA E 520 12.19 -2.73 -26.62
C ALA E 520 11.44 -2.24 -25.40
N VAL E 521 10.87 -3.17 -24.62
CA VAL E 521 10.11 -2.78 -23.45
C VAL E 521 11.01 -2.15 -22.41
N LYS E 522 12.20 -2.72 -22.19
CA LYS E 522 13.08 -2.19 -21.16
C LYS E 522 13.50 -0.76 -21.49
N TYR E 523 13.83 -0.50 -22.75
CA TYR E 523 14.26 0.85 -23.10
C TYR E 523 13.09 1.82 -23.15
N LEU E 524 11.91 1.36 -23.57
CA LEU E 524 10.72 2.20 -23.46
C LEU E 524 10.46 2.58 -22.01
N TRP E 525 10.59 1.62 -21.09
CA TRP E 525 10.33 1.89 -19.68
C TRP E 525 11.33 2.90 -19.13
N LEU E 526 12.62 2.68 -19.37
CA LEU E 526 13.60 3.60 -18.80
C LEU E 526 13.57 4.97 -19.47
N ALA E 527 13.12 5.03 -20.73
CA ALA E 527 12.94 6.33 -21.37
C ALA E 527 11.72 7.06 -20.81
N ALA E 528 10.63 6.32 -20.58
CA ALA E 528 9.42 6.93 -20.04
C ALA E 528 9.62 7.37 -18.59
N ASN E 529 10.54 6.72 -17.88
CA ASN E 529 10.86 7.16 -16.53
C ASN E 529 11.38 8.59 -16.50
N ASN E 530 11.89 9.09 -17.63
CA ASN E 530 12.37 10.47 -17.71
C ASN E 530 11.23 11.47 -17.86
N GLY E 531 10.01 11.02 -18.10
CA GLY E 531 8.86 11.90 -18.17
C GLY E 531 8.21 12.06 -19.53
N ASP E 532 8.59 11.24 -20.52
CA ASP E 532 7.97 11.35 -21.84
C ASP E 532 6.57 10.74 -21.80
N SER E 533 5.60 11.48 -22.32
CA SER E 533 4.21 11.01 -22.30
C SER E 533 3.99 9.89 -23.31
N GLN E 534 4.49 10.07 -24.53
CA GLN E 534 4.26 9.06 -25.57
C GLN E 534 4.97 7.76 -25.25
N SER E 535 6.17 7.83 -24.67
CA SER E 535 6.88 6.62 -24.32
C SER E 535 6.11 5.81 -23.30
N ARG E 536 5.54 6.47 -22.30
CA ARG E 536 4.82 5.74 -21.26
C ARG E 536 3.46 5.29 -21.77
N TYR E 537 2.86 6.03 -22.70
CA TYR E 537 1.66 5.53 -23.36
C TYR E 537 1.95 4.27 -24.15
N HIS E 538 3.09 4.22 -24.84
CA HIS E 538 3.45 3.01 -25.55
C HIS E 538 3.76 1.87 -24.59
N LEU E 539 4.33 2.18 -23.43
CA LEU E 539 4.45 1.17 -22.38
C LEU E 539 3.09 0.64 -21.97
N GLY E 540 2.11 1.54 -21.87
CA GLY E 540 0.76 1.11 -21.51
C GLY E 540 0.12 0.22 -22.56
N ILE E 541 0.45 0.47 -23.81
CA ILE E 541 -0.17 -0.34 -24.80
C ILE E 541 0.48 -1.62 -24.76
N CYS E 542 1.76 -1.61 -24.59
CA CYS E 542 2.50 -2.86 -24.47
C CYS E 542 1.92 -3.72 -23.35
N TYR E 543 1.58 -3.10 -22.21
CA TYR E 543 0.94 -3.85 -21.14
C TYR E 543 -0.40 -4.41 -21.58
N GLU E 544 -1.27 -3.63 -22.18
CA GLU E 544 -2.54 -4.20 -22.56
C GLU E 544 -2.38 -5.28 -23.61
N LYS E 545 -1.74 -5.02 -24.71
CA LYS E 545 -1.64 -6.10 -25.69
C LYS E 545 -0.81 -7.27 -25.20
N GLY E 546 -0.01 -7.08 -24.15
CA GLY E 546 0.72 -8.19 -23.56
C GLY E 546 1.78 -8.79 -24.44
N LEU E 547 2.50 -7.97 -25.20
CA LEU E 547 3.62 -8.44 -26.00
C LEU E 547 4.91 -8.09 -25.27
N GLY E 548 5.76 -9.09 -25.05
CA GLY E 548 6.98 -8.90 -24.30
C GLY E 548 6.81 -8.77 -22.80
N VAL E 549 5.61 -8.44 -22.32
CA VAL E 549 5.32 -8.34 -20.91
C VAL E 549 4.05 -9.12 -20.61
N GLN E 550 3.98 -9.67 -19.41
CA GLN E 550 2.77 -10.36 -18.97
C GLN E 550 1.58 -9.42 -19.05
N ARG E 551 0.56 -9.77 -19.80
CA ARG E 551 -0.58 -8.87 -20.03
C ARG E 551 -1.41 -8.49 -18.86
N ASN E 552 -1.13 -7.36 -18.29
CA ASN E 552 -1.79 -6.73 -17.16
C ASN E 552 -2.66 -5.58 -17.65
N LEU E 553 -3.78 -5.38 -16.99
CA LEU E 553 -4.79 -4.43 -17.44
C LEU E 553 -5.02 -3.26 -16.51
N GLY E 554 -5.01 -3.47 -15.21
CA GLY E 554 -5.23 -2.38 -14.27
C GLY E 554 -4.11 -1.36 -14.29
N GLU E 555 -2.87 -1.84 -14.28
CA GLU E 555 -1.73 -0.93 -14.35
C GLU E 555 -1.70 -0.22 -15.70
N ALA E 556 -2.13 -0.91 -16.76
CA ALA E 556 -2.22 -0.25 -18.07
C ALA E 556 -3.24 0.88 -18.04
N LEU E 557 -4.38 0.67 -17.37
CA LEU E 557 -5.37 1.72 -17.25
C LEU E 557 -4.83 2.90 -16.45
N ARG E 558 -4.13 2.62 -15.35
CA ARG E 558 -3.54 3.70 -14.56
C ARG E 558 -2.50 4.46 -15.38
N CYS E 559 -1.71 3.74 -16.18
CA CYS E 559 -0.72 4.38 -17.04
C CYS E 559 -1.38 5.27 -18.08
N TYR E 560 -2.46 4.79 -18.70
CA TYR E 560 -3.20 5.63 -19.64
C TYR E 560 -3.72 6.88 -18.94
N GLN E 561 -4.28 6.71 -17.75
CA GLN E 561 -4.87 7.86 -17.05
C GLN E 561 -3.81 8.89 -16.69
N GLN E 562 -2.66 8.45 -16.17
CA GLN E 562 -1.61 9.40 -15.84
C GLN E 562 -1.03 10.06 -17.08
N SER E 563 -0.87 9.30 -18.18
CA SER E 563 -0.36 9.90 -19.41
C SER E 563 -1.32 10.95 -19.95
N ALA E 564 -2.63 10.70 -19.83
CA ALA E 564 -3.59 11.74 -20.18
C ALA E 564 -3.48 12.93 -19.23
N ALA E 565 -3.20 12.66 -17.95
CA ALA E 565 -3.02 13.75 -17.00
C ALA E 565 -1.77 14.56 -17.31
N LEU E 566 -0.67 13.90 -17.67
CA LEU E 566 0.57 14.60 -18.00
C LEU E 566 0.49 15.36 -19.32
N GLY E 567 -0.56 15.19 -20.10
CA GLY E 567 -0.76 16.00 -21.28
C GLY E 567 -0.53 15.30 -22.59
N ASN E 568 -0.83 14.00 -22.65
CA ASN E 568 -0.87 13.28 -23.93
C ASN E 568 -2.23 13.54 -24.55
N GLU E 569 -2.32 14.70 -25.20
CA GLU E 569 -3.63 15.22 -25.62
C GLU E 569 -4.32 14.29 -26.60
N ALA E 570 -3.55 13.68 -27.50
CA ALA E 570 -4.17 12.89 -28.57
C ALA E 570 -4.50 11.48 -28.09
N ALA E 571 -3.46 10.69 -27.81
CA ALA E 571 -3.61 9.24 -27.73
C ALA E 571 -4.27 8.76 -26.44
N GLN E 572 -3.74 9.19 -25.30
CA GLN E 572 -4.32 8.80 -24.02
C GLN E 572 -5.76 9.29 -23.88
N GLU E 573 -6.02 10.55 -24.26
CA GLU E 573 -7.39 11.05 -24.26
C GLU E 573 -8.29 10.28 -25.21
N ARG E 574 -7.79 9.89 -26.39
CA ARG E 574 -8.59 9.10 -27.31
C ARG E 574 -8.95 7.75 -26.72
N LEU E 575 -8.02 7.06 -26.06
CA LEU E 575 -8.36 5.78 -25.44
C LEU E 575 -9.30 5.96 -24.26
N ARG E 576 -9.13 7.02 -23.48
CA ARG E 576 -10.07 7.29 -22.40
C ARG E 576 -11.48 7.51 -22.95
N ALA E 577 -11.59 8.28 -24.03
CA ALA E 577 -12.89 8.50 -24.65
C ALA E 577 -13.46 7.20 -25.21
N LEU E 578 -12.61 6.36 -25.80
CA LEU E 578 -13.07 5.08 -26.33
C LEU E 578 -13.61 4.18 -25.22
N PHE E 579 -12.95 4.20 -24.06
CA PHE E 579 -13.40 3.38 -22.93
C PHE E 579 -14.60 4.02 -22.24
N SER E 580 -14.82 5.30 -22.56
CA SER E 580 -16.00 6.01 -22.09
C SER E 580 -17.21 5.71 -22.98
N MET E 581 -17.08 6.00 -24.27
CA MET E 581 -18.17 5.76 -25.21
C MET E 581 -18.43 4.27 -25.42
N GLY E 582 -17.50 3.41 -25.03
CA GLY E 582 -17.74 1.98 -25.12
C GLY E 582 -18.90 1.54 -24.24
N ALA E 583 -19.05 2.17 -23.08
CA ALA E 583 -20.17 1.90 -22.19
C ALA E 583 -21.25 2.96 -22.24
N ALA E 584 -20.93 4.16 -22.72
CA ALA E 584 -21.95 5.20 -22.84
C ALA E 584 -22.98 4.86 -23.91
N ALA E 585 -22.51 4.33 -25.05
CA ALA E 585 -23.41 3.98 -26.13
C ALA E 585 -23.41 2.48 -26.37
N SER F 376 57.41 44.85 -7.09
CA SER F 376 56.29 43.99 -7.45
C SER F 376 56.66 43.08 -8.62
N LEU F 377 57.87 43.28 -9.15
CA LEU F 377 58.31 42.53 -10.32
C LEU F 377 58.51 41.04 -10.03
N GLU F 378 59.08 40.69 -8.87
CA GLU F 378 59.40 39.29 -8.61
C GLU F 378 58.13 38.44 -8.45
N GLU F 379 57.18 38.92 -7.66
CA GLU F 379 55.93 38.15 -7.51
C GLU F 379 55.17 38.09 -8.82
N ALA F 380 55.17 39.18 -9.59
CA ALA F 380 54.48 39.18 -10.88
C ALA F 380 55.10 38.18 -11.83
N VAL F 381 56.43 38.14 -11.91
CA VAL F 381 57.08 37.24 -12.85
C VAL F 381 56.90 35.79 -12.41
N THR F 382 56.96 35.53 -11.09
CA THR F 382 56.69 34.17 -10.63
C THR F 382 55.27 33.74 -10.95
N SER F 383 54.31 34.63 -10.73
CA SER F 383 52.92 34.30 -11.04
C SER F 383 52.74 34.05 -12.52
N ILE F 384 53.33 34.88 -13.38
CA ILE F 384 53.12 34.72 -14.81
C ILE F 384 53.80 33.45 -15.32
N GLN F 385 54.97 33.11 -14.79
CA GLN F 385 55.62 31.88 -15.26
C GLN F 385 54.87 30.65 -14.78
N GLN F 386 54.37 30.65 -13.55
CA GLN F 386 53.57 29.52 -13.09
C GLN F 386 52.28 29.40 -13.90
N LEU F 387 51.66 30.54 -14.23
CA LEU F 387 50.47 30.51 -15.06
C LEU F 387 50.79 29.97 -16.45
N PHE F 388 51.95 30.33 -16.99
CA PHE F 388 52.33 29.82 -18.31
C PHE F 388 52.53 28.32 -18.27
N GLN F 389 53.18 27.80 -17.23
CA GLN F 389 53.35 26.36 -17.11
C GLN F 389 52.00 25.65 -17.04
N LEU F 390 51.12 26.15 -16.18
CA LEU F 390 49.80 25.53 -16.05
C LEU F 390 49.03 25.62 -17.36
N SER F 391 49.11 26.75 -18.05
CA SER F 391 48.36 26.94 -19.29
C SER F 391 48.87 26.03 -20.39
N VAL F 392 50.19 25.85 -20.50
CA VAL F 392 50.71 24.95 -21.52
C VAL F 392 50.35 23.50 -21.19
N SER F 393 50.30 23.16 -19.90
CA SER F 393 49.79 21.84 -19.53
C SER F 393 48.34 21.67 -19.97
N ILE F 394 47.51 22.68 -19.71
CA ILE F 394 46.11 22.62 -20.12
C ILE F 394 46.00 22.44 -21.63
N ALA F 395 46.78 23.23 -22.37
CA ALA F 395 46.70 23.16 -23.83
C ALA F 395 47.14 21.81 -24.35
N PHE F 396 48.21 21.25 -23.78
CA PHE F 396 48.68 19.96 -24.24
C PHE F 396 47.62 18.89 -23.97
N ASN F 397 46.98 18.94 -22.80
CA ASN F 397 45.90 18.01 -22.52
C ASN F 397 44.74 18.20 -23.49
N PHE F 398 44.42 19.45 -23.84
CA PHE F 398 43.29 19.73 -24.72
C PHE F 398 43.54 19.18 -26.11
N LEU F 399 44.74 19.43 -26.66
CA LEU F 399 45.06 18.85 -27.95
C LEU F 399 45.12 17.33 -27.88
N GLY F 400 45.56 16.78 -26.75
CA GLY F 400 45.54 15.33 -26.62
C GLY F 400 44.15 14.75 -26.72
N THR F 401 43.20 15.31 -25.97
CA THR F 401 41.84 14.79 -26.01
C THR F 401 41.17 15.10 -27.35
N GLU F 402 41.50 16.23 -27.97
CA GLU F 402 40.98 16.52 -29.30
C GLU F 402 41.46 15.50 -30.31
N ASN F 403 42.74 15.12 -30.25
CA ASN F 403 43.24 14.07 -31.13
C ASN F 403 42.57 12.73 -30.85
N MET F 404 42.40 12.41 -29.57
CA MET F 404 41.76 11.13 -29.22
C MET F 404 40.34 11.07 -29.77
N LYS F 405 39.57 12.16 -29.62
CA LYS F 405 38.21 12.17 -30.14
C LYS F 405 38.18 12.16 -31.66
N SER F 406 39.09 12.90 -32.29
CA SER F 406 39.10 12.99 -33.75
C SER F 406 39.46 11.66 -34.39
N GLY F 407 40.46 10.97 -33.85
CA GLY F 407 40.87 9.70 -34.41
C GLY F 407 42.37 9.49 -34.41
N ASP F 408 43.14 10.57 -34.43
CA ASP F 408 44.59 10.45 -34.34
C ASP F 408 44.99 9.98 -32.95
N HIS F 409 45.81 8.94 -32.88
CA HIS F 409 46.09 8.27 -31.61
C HIS F 409 47.53 8.39 -31.16
N THR F 410 48.51 8.21 -32.06
CA THR F 410 49.90 8.33 -31.66
C THR F 410 50.22 9.73 -31.19
N ALA F 411 49.69 10.74 -31.89
CA ALA F 411 49.85 12.12 -31.42
C ALA F 411 49.16 12.32 -30.08
N ALA F 412 48.01 11.68 -29.89
CA ALA F 412 47.34 11.76 -28.59
C ALA F 412 48.21 11.17 -27.49
N PHE F 413 48.83 10.03 -27.77
CA PHE F 413 49.76 9.44 -26.79
C PHE F 413 50.89 10.38 -26.47
N SER F 414 51.55 10.93 -27.50
CA SER F 414 52.67 11.82 -27.26
C SER F 414 52.28 13.05 -26.46
N TYR F 415 51.18 13.69 -26.83
CA TYR F 415 50.70 14.86 -26.10
C TYR F 415 50.33 14.53 -24.66
N PHE F 416 49.62 13.43 -24.43
CA PHE F 416 49.25 13.07 -23.07
C PHE F 416 50.48 12.77 -22.22
N GLN F 417 51.47 12.08 -22.79
CA GLN F 417 52.68 11.77 -22.04
C GLN F 417 53.45 13.04 -21.69
N LYS F 418 53.61 13.96 -22.65
CA LYS F 418 54.35 15.17 -22.33
C LYS F 418 53.56 16.10 -21.42
N ALA F 419 52.23 15.99 -21.41
CA ALA F 419 51.44 16.76 -20.45
C ALA F 419 51.56 16.16 -19.05
N ALA F 420 51.54 14.84 -18.94
CA ALA F 420 51.64 14.19 -17.65
C ALA F 420 53.04 14.26 -17.08
N ALA F 421 54.06 14.42 -17.92
CA ALA F 421 55.43 14.49 -17.43
C ALA F 421 55.70 15.75 -16.61
N ARG F 422 54.80 16.73 -16.64
CA ARG F 422 55.00 18.01 -15.95
C ARG F 422 53.97 18.25 -14.86
N GLY F 423 53.35 17.20 -14.34
CA GLY F 423 52.54 17.30 -13.15
C GLY F 423 51.16 17.90 -13.32
N TYR F 424 50.29 17.22 -14.06
CA TYR F 424 48.90 17.62 -14.19
C TYR F 424 48.01 16.42 -13.95
N SER F 425 46.86 16.65 -13.32
CA SER F 425 46.09 15.54 -12.74
C SER F 425 45.40 14.70 -13.81
N LYS F 426 44.45 15.31 -14.53
CA LYS F 426 43.69 14.50 -15.47
C LYS F 426 44.52 14.14 -16.70
N ALA F 427 45.60 14.87 -16.95
CA ALA F 427 46.55 14.44 -17.96
C ALA F 427 47.20 13.12 -17.54
N GLN F 428 47.55 13.00 -16.26
CA GLN F 428 48.07 11.73 -15.77
C GLN F 428 47.02 10.64 -15.84
N TYR F 429 45.76 10.99 -15.54
CA TYR F 429 44.68 10.01 -15.68
C TYR F 429 44.59 9.50 -17.12
N ASN F 430 44.63 10.41 -18.09
CA ASN F 430 44.52 10.02 -19.49
C ASN F 430 45.74 9.19 -19.91
N ALA F 431 46.91 9.53 -19.42
CA ALA F 431 48.10 8.74 -19.73
C ALA F 431 47.96 7.33 -19.20
N GLY F 432 47.48 7.19 -17.97
CA GLY F 432 47.23 5.87 -17.43
C GLY F 432 46.19 5.12 -18.23
N LEU F 433 45.14 5.81 -18.65
CA LEU F 433 44.08 5.16 -19.42
C LEU F 433 44.61 4.64 -20.75
N CYS F 434 45.40 5.46 -21.44
CA CYS F 434 45.94 5.05 -22.73
C CYS F 434 47.01 4.00 -22.60
N HIS F 435 47.70 3.91 -21.46
CA HIS F 435 48.64 2.81 -21.24
C HIS F 435 47.96 1.51 -20.81
N GLU F 436 46.82 1.56 -20.12
CA GLU F 436 46.17 0.33 -19.70
C GLU F 436 45.16 -0.22 -20.69
N HIS F 437 44.49 0.62 -21.48
CA HIS F 437 43.80 0.09 -22.65
C HIS F 437 44.76 -0.20 -23.80
N GLY F 438 45.85 0.55 -23.88
CA GLY F 438 46.79 0.38 -24.97
C GLY F 438 46.23 0.75 -26.33
N ARG F 439 45.49 1.85 -26.43
CA ARG F 439 44.85 2.27 -27.67
C ARG F 439 45.87 3.04 -28.50
N GLY F 440 46.95 2.36 -28.88
CA GLY F 440 48.05 2.99 -29.59
C GLY F 440 49.42 2.72 -28.99
N THR F 441 49.54 1.73 -28.11
CA THR F 441 50.79 1.36 -27.45
C THR F 441 50.60 -0.03 -26.88
N PRO F 442 51.62 -0.89 -26.91
CA PRO F 442 51.44 -2.25 -26.38
C PRO F 442 50.98 -2.23 -24.93
N ARG F 443 50.17 -3.23 -24.57
CA ARG F 443 49.54 -3.29 -23.26
C ARG F 443 50.59 -3.25 -22.15
N ASP F 444 50.43 -2.30 -21.24
CA ASP F 444 51.33 -2.14 -20.10
C ASP F 444 50.51 -1.78 -18.88
N ILE F 445 50.87 -2.36 -17.74
CA ILE F 445 50.14 -2.10 -16.51
C ILE F 445 51.05 -1.32 -15.56
N SER F 446 52.37 -1.54 -15.67
CA SER F 446 53.32 -0.90 -14.78
C SER F 446 53.25 0.63 -14.90
N LYS F 447 53.60 1.15 -16.07
CA LYS F 447 53.50 2.59 -16.28
C LYS F 447 52.06 3.08 -16.11
N ALA F 448 51.09 2.25 -16.49
CA ALA F 448 49.69 2.63 -16.33
C ALA F 448 49.35 2.87 -14.87
N VAL F 449 49.68 1.91 -13.99
CA VAL F 449 49.36 2.10 -12.59
C VAL F 449 50.24 3.17 -11.93
N LEU F 450 51.47 3.38 -12.39
CA LEU F 450 52.24 4.49 -11.85
C LEU F 450 51.60 5.83 -12.17
N TYR F 451 51.16 6.01 -13.42
CA TYR F 451 50.47 7.24 -13.78
C TYR F 451 49.15 7.36 -13.03
N TYR F 452 48.47 6.23 -12.79
CA TYR F 452 47.24 6.28 -12.03
C TYR F 452 47.49 6.69 -10.59
N GLN F 453 48.58 6.21 -9.99
CA GLN F 453 48.95 6.66 -8.65
C GLN F 453 49.21 8.15 -8.62
N LEU F 454 49.96 8.64 -9.61
CA LEU F 454 50.24 10.08 -9.67
C LEU F 454 48.96 10.89 -9.80
N ALA F 455 48.01 10.39 -10.58
CA ALA F 455 46.75 11.11 -10.75
C ALA F 455 45.89 11.02 -9.50
N ALA F 456 45.91 9.87 -8.83
CA ALA F 456 45.06 9.66 -7.66
C ALA F 456 45.54 10.51 -6.49
N SER F 457 46.85 10.64 -6.32
CA SER F 457 47.37 11.43 -5.21
C SER F 457 46.94 12.89 -5.29
N GLN F 458 46.58 13.37 -6.47
CA GLN F 458 46.23 14.78 -6.64
C GLN F 458 44.75 15.06 -6.54
N GLY F 459 43.92 14.05 -6.33
CA GLY F 459 42.51 14.28 -6.12
C GLY F 459 41.64 14.16 -7.34
N HIS F 460 41.82 13.07 -8.10
CA HIS F 460 41.00 12.78 -9.27
C HIS F 460 40.17 11.54 -8.96
N SER F 461 38.86 11.73 -8.79
CA SER F 461 38.01 10.64 -8.31
C SER F 461 38.02 9.46 -9.27
N LEU F 462 37.81 9.71 -10.55
CA LEU F 462 37.74 8.62 -11.50
C LEU F 462 39.10 7.95 -11.68
N ALA F 463 40.17 8.76 -11.67
CA ALA F 463 41.51 8.20 -11.77
C ALA F 463 41.84 7.32 -10.58
N GLN F 464 41.45 7.75 -9.38
CA GLN F 464 41.71 6.94 -8.19
C GLN F 464 40.87 5.68 -8.16
N TYR F 465 39.62 5.75 -8.65
CA TYR F 465 38.87 4.54 -8.94
C TYR F 465 39.66 3.59 -9.81
N ARG F 466 40.18 4.10 -10.93
CA ARG F 466 40.89 3.25 -11.87
C ARG F 466 42.13 2.65 -11.24
N TYR F 467 42.87 3.43 -10.46
CA TYR F 467 44.06 2.92 -9.79
C TYR F 467 43.70 1.80 -8.82
N ALA F 468 42.67 2.01 -8.01
CA ALA F 468 42.30 0.98 -7.04
C ALA F 468 41.86 -0.29 -7.75
N ARG F 469 41.04 -0.15 -8.80
CA ARG F 469 40.52 -1.34 -9.47
C ARG F 469 41.61 -2.06 -10.24
N CYS F 470 42.60 -1.34 -10.77
CA CYS F 470 43.68 -1.98 -11.49
C CYS F 470 44.68 -2.65 -10.55
N LEU F 471 44.97 -2.04 -9.40
CA LEU F 471 45.88 -2.65 -8.46
C LEU F 471 45.26 -3.85 -7.75
N LEU F 472 43.98 -3.78 -7.43
CA LEU F 472 43.33 -4.76 -6.59
C LEU F 472 42.72 -5.91 -7.39
N ARG F 473 42.85 -5.90 -8.72
CA ARG F 473 42.34 -6.98 -9.54
C ARG F 473 42.97 -8.33 -9.19
N ASP F 474 44.15 -8.33 -8.59
CA ASP F 474 44.78 -9.57 -8.20
C ASP F 474 44.02 -10.21 -7.03
N PRO F 475 44.00 -11.54 -6.94
CA PRO F 475 43.30 -12.21 -5.84
C PRO F 475 44.13 -12.43 -4.58
N ALA F 476 45.25 -11.72 -4.42
CA ALA F 476 46.14 -11.92 -3.28
C ALA F 476 45.49 -11.36 -2.02
N SER F 477 46.17 -11.53 -0.89
CA SER F 477 45.65 -11.08 0.39
C SER F 477 45.87 -9.57 0.55
N SER F 478 45.41 -9.04 1.68
CA SER F 478 45.49 -7.61 1.99
C SER F 478 46.59 -7.34 3.01
N TRP F 479 47.60 -8.19 3.04
CA TRP F 479 48.71 -8.00 3.97
C TRP F 479 49.61 -6.85 3.53
N ASN F 480 49.80 -6.70 2.22
CA ASN F 480 50.62 -5.61 1.71
C ASN F 480 49.94 -4.26 1.93
N PRO F 481 50.64 -3.27 2.49
CA PRO F 481 50.00 -1.98 2.77
C PRO F 481 49.48 -1.26 1.54
N GLU F 482 50.01 -1.58 0.35
CA GLU F 482 49.53 -0.93 -0.87
C GLU F 482 48.06 -1.26 -1.11
N ARG F 483 47.65 -2.49 -0.79
CA ARG F 483 46.23 -2.84 -0.90
C ARG F 483 45.37 -2.04 0.06
N GLN F 484 45.85 -1.84 1.29
CA GLN F 484 45.10 -1.03 2.25
C GLN F 484 44.98 0.41 1.76
N ARG F 485 46.06 0.97 1.21
CA ARG F 485 45.98 2.32 0.66
C ARG F 485 45.00 2.37 -0.50
N ALA F 486 45.03 1.36 -1.37
CA ALA F 486 44.12 1.34 -2.51
C ALA F 486 42.67 1.25 -2.07
N VAL F 487 42.37 0.40 -1.08
CA VAL F 487 40.99 0.26 -0.65
C VAL F 487 40.53 1.51 0.08
N SER F 488 41.42 2.17 0.84
CA SER F 488 41.03 3.41 1.49
C SER F 488 40.74 4.51 0.46
N LEU F 489 41.58 4.62 -0.57
CA LEU F 489 41.31 5.64 -1.58
C LEU F 489 40.08 5.31 -2.38
N LEU F 490 39.81 4.02 -2.61
CA LEU F 490 38.56 3.63 -3.26
C LEU F 490 37.37 3.99 -2.39
N LYS F 491 37.50 3.81 -1.08
CA LYS F 491 36.44 4.19 -0.14
C LYS F 491 36.14 5.67 -0.24
N GLN F 492 37.19 6.50 -0.16
CA GLN F 492 36.97 7.94 -0.24
C GLN F 492 36.66 8.42 -1.64
N ALA F 493 36.81 7.57 -2.65
CA ALA F 493 36.27 7.86 -3.98
C ALA F 493 34.78 7.57 -4.03
N ALA F 494 34.38 6.40 -3.53
CA ALA F 494 32.97 6.03 -3.50
C ALA F 494 32.17 7.00 -2.66
N ASP F 495 32.78 7.55 -1.60
CA ASP F 495 32.10 8.54 -0.79
C ASP F 495 31.85 9.84 -1.56
N SER F 496 32.54 10.05 -2.68
CA SER F 496 32.34 11.26 -3.46
C SER F 496 31.03 11.24 -4.24
N GLY F 497 30.68 10.10 -4.83
CA GLY F 497 29.43 9.99 -5.57
C GLY F 497 29.53 9.28 -6.90
N LEU F 498 30.71 8.75 -7.23
CA LEU F 498 30.86 8.02 -8.48
C LEU F 498 30.06 6.73 -8.44
N ARG F 499 29.42 6.41 -9.56
CA ARG F 499 28.53 5.26 -9.62
C ARG F 499 29.30 3.94 -9.55
N GLU F 500 30.35 3.80 -10.36
CA GLU F 500 31.04 2.52 -10.46
C GLU F 500 31.81 2.17 -9.20
N ALA F 501 32.36 3.18 -8.52
CA ALA F 501 33.19 2.91 -7.34
C ALA F 501 32.39 2.22 -6.24
N GLN F 502 31.20 2.73 -5.96
CA GLN F 502 30.40 2.18 -4.87
C GLN F 502 29.95 0.76 -5.17
N ALA F 503 29.55 0.50 -6.42
CA ALA F 503 29.15 -0.85 -6.80
C ALA F 503 30.33 -1.81 -6.69
N PHE F 504 31.50 -1.40 -7.17
CA PHE F 504 32.66 -2.27 -7.10
C PHE F 504 33.07 -2.54 -5.66
N LEU F 505 32.93 -1.53 -4.80
CA LEU F 505 33.32 -1.73 -3.40
C LEU F 505 32.31 -2.62 -2.68
N GLY F 506 31.03 -2.51 -3.03
CA GLY F 506 30.05 -3.43 -2.50
C GLY F 506 30.34 -4.87 -2.90
N VAL F 507 30.78 -5.07 -4.15
CA VAL F 507 31.23 -6.40 -4.55
C VAL F 507 32.49 -6.79 -3.79
N LEU F 508 33.37 -5.82 -3.53
CA LEU F 508 34.67 -6.09 -2.93
C LEU F 508 34.53 -6.61 -1.52
N PHE F 509 33.77 -5.91 -0.68
CA PHE F 509 33.62 -6.29 0.72
C PHE F 509 32.88 -7.60 0.92
N THR F 510 32.26 -8.15 -0.12
CA THR F 510 31.55 -9.41 0.01
C THR F 510 32.49 -10.62 0.00
N LYS F 511 33.69 -10.47 -0.55
CA LYS F 511 34.57 -11.61 -0.82
C LYS F 511 35.80 -11.55 0.09
N GLU F 512 36.39 -12.72 0.31
CA GLU F 512 37.54 -12.85 1.20
C GLU F 512 38.72 -12.04 0.68
N PRO F 513 39.52 -11.41 1.56
CA PRO F 513 39.39 -11.32 3.02
C PRO F 513 38.83 -9.98 3.48
N TYR F 514 38.05 -9.33 2.62
CA TYR F 514 37.50 -8.01 2.89
C TYR F 514 36.09 -8.08 3.46
N LEU F 515 35.78 -9.15 4.20
CA LEU F 515 34.42 -9.40 4.65
C LEU F 515 34.00 -8.36 5.68
N ASP F 516 33.13 -7.44 5.28
CA ASP F 516 32.48 -6.52 6.21
C ASP F 516 31.11 -6.22 5.61
N GLU F 517 30.10 -6.94 6.06
CA GLU F 517 28.85 -7.05 5.31
C GLU F 517 28.08 -5.73 5.26
N GLN F 518 28.11 -4.96 6.35
CA GLN F 518 27.28 -3.76 6.42
C GLN F 518 27.67 -2.73 5.37
N ARG F 519 28.97 -2.45 5.23
CA ARG F 519 29.41 -1.48 4.24
C ARG F 519 29.09 -1.96 2.84
N ALA F 520 29.28 -3.25 2.60
CA ALA F 520 28.96 -3.81 1.29
C ALA F 520 27.49 -3.63 0.97
N VAL F 521 26.61 -3.91 1.93
CA VAL F 521 25.18 -3.78 1.70
C VAL F 521 24.81 -2.33 1.42
N LYS F 522 25.34 -1.40 2.22
CA LYS F 522 24.97 -0.01 2.02
C LYS F 522 25.46 0.52 0.68
N TYR F 523 26.67 0.16 0.26
CA TYR F 523 27.17 0.64 -1.01
C TYR F 523 26.44 -0.01 -2.19
N LEU F 524 26.12 -1.30 -2.09
CA LEU F 524 25.33 -1.92 -3.14
C LEU F 524 23.96 -1.26 -3.24
N TRP F 525 23.34 -0.96 -2.10
CA TRP F 525 22.05 -0.28 -2.11
C TRP F 525 22.15 1.09 -2.77
N LEU F 526 23.16 1.87 -2.41
CA LEU F 526 23.26 3.22 -2.95
C LEU F 526 23.55 3.18 -4.45
N ALA F 527 24.43 2.26 -4.87
CA ALA F 527 24.74 2.13 -6.30
C ALA F 527 23.51 1.68 -7.08
N ALA F 528 22.74 0.75 -6.53
CA ALA F 528 21.53 0.30 -7.21
C ALA F 528 20.49 1.42 -7.28
N ASN F 529 20.48 2.32 -6.29
CA ASN F 529 19.59 3.47 -6.35
C ASN F 529 19.90 4.35 -7.56
N ASN F 530 21.12 4.28 -8.09
CA ASN F 530 21.50 5.08 -9.26
C ASN F 530 21.14 4.42 -10.58
N GLY F 531 20.67 3.17 -10.55
CA GLY F 531 20.20 2.50 -11.75
C GLY F 531 21.09 1.41 -12.29
N ASP F 532 22.14 1.01 -11.57
CA ASP F 532 23.00 -0.08 -12.03
C ASP F 532 22.30 -1.41 -11.82
N SER F 533 22.19 -2.20 -12.89
CA SER F 533 21.44 -3.46 -12.82
C SER F 533 22.22 -4.52 -12.06
N GLN F 534 23.53 -4.61 -12.29
CA GLN F 534 24.33 -5.63 -11.64
C GLN F 534 24.39 -5.40 -10.13
N SER F 535 24.47 -4.13 -9.71
CA SER F 535 24.44 -3.83 -8.29
C SER F 535 23.11 -4.23 -7.67
N ARG F 536 22.01 -4.02 -8.41
CA ARG F 536 20.70 -4.46 -7.94
C ARG F 536 20.63 -5.98 -7.81
N TYR F 537 21.15 -6.70 -8.79
CA TYR F 537 21.25 -8.16 -8.67
C TYR F 537 22.06 -8.58 -7.46
N HIS F 538 23.18 -7.92 -7.19
CA HIS F 538 23.97 -8.32 -6.03
C HIS F 538 23.25 -7.98 -4.73
N LEU F 539 22.47 -6.89 -4.72
CA LEU F 539 21.61 -6.63 -3.58
C LEU F 539 20.60 -7.74 -3.39
N GLY F 540 20.02 -8.22 -4.49
CA GLY F 540 19.05 -9.31 -4.39
C GLY F 540 19.68 -10.60 -3.90
N ILE F 541 20.89 -10.92 -4.39
CA ILE F 541 21.57 -12.12 -3.93
C ILE F 541 21.91 -11.98 -2.47
N CYS F 542 22.24 -10.76 -2.03
CA CYS F 542 22.53 -10.51 -0.63
C CYS F 542 21.30 -10.74 0.24
N TYR F 543 20.14 -10.27 -0.21
CA TYR F 543 18.91 -10.48 0.55
C TYR F 543 18.53 -11.96 0.60
N GLU F 544 18.54 -12.65 -0.55
CA GLU F 544 18.06 -14.02 -0.55
C GLU F 544 19.03 -14.96 0.17
N LYS F 545 20.33 -14.67 0.12
CA LYS F 545 21.30 -15.50 0.83
C LYS F 545 21.40 -15.18 2.30
N GLY F 546 20.85 -14.04 2.73
CA GLY F 546 20.77 -13.72 4.15
C GLY F 546 22.11 -13.45 4.81
N LEU F 547 23.01 -12.78 4.11
CA LEU F 547 24.25 -12.30 4.71
C LEU F 547 24.21 -10.77 4.76
N GLY F 548 24.49 -10.20 5.92
CA GLY F 548 24.43 -8.77 6.11
C GLY F 548 23.04 -8.21 6.28
N VAL F 549 22.02 -8.82 5.69
CA VAL F 549 20.64 -8.40 5.82
C VAL F 549 19.80 -9.62 6.15
N GLN F 550 18.68 -9.40 6.84
CA GLN F 550 17.77 -10.48 7.17
C GLN F 550 17.30 -11.19 5.90
N ARG F 551 17.17 -12.51 6.00
CA ARG F 551 16.90 -13.36 4.84
C ARG F 551 15.46 -13.18 4.39
N ASN F 552 15.24 -12.09 3.64
CA ASN F 552 13.96 -11.85 2.99
C ASN F 552 13.97 -12.47 1.61
N LEU F 553 12.79 -12.93 1.17
CA LEU F 553 12.71 -13.68 -0.08
C LEU F 553 11.74 -13.05 -1.07
N GLY F 554 10.69 -12.40 -0.57
CA GLY F 554 9.71 -11.79 -1.44
C GLY F 554 10.25 -10.57 -2.15
N GLU F 555 10.74 -9.61 -1.37
CA GLU F 555 11.36 -8.43 -1.96
C GLU F 555 12.61 -8.81 -2.76
N ALA F 556 13.27 -9.91 -2.39
CA ALA F 556 14.38 -10.39 -3.19
C ALA F 556 13.91 -10.83 -4.58
N LEU F 557 12.79 -11.53 -4.65
CA LEU F 557 12.24 -11.93 -5.95
C LEU F 557 11.82 -10.71 -6.75
N ARG F 558 11.22 -9.72 -6.07
CA ARG F 558 10.86 -8.49 -6.77
C ARG F 558 12.10 -7.77 -7.30
N CYS F 559 13.17 -7.76 -6.51
CA CYS F 559 14.44 -7.18 -6.96
C CYS F 559 14.97 -7.91 -8.19
N TYR F 560 14.98 -9.23 -8.15
CA TYR F 560 15.36 -10.02 -9.32
C TYR F 560 14.54 -9.62 -10.53
N GLN F 561 13.22 -9.55 -10.38
CA GLN F 561 12.35 -9.30 -11.52
C GLN F 561 12.57 -7.91 -12.11
N GLN F 562 12.65 -6.88 -11.26
CA GLN F 562 12.76 -5.53 -11.81
C GLN F 562 14.20 -5.20 -12.19
N SER F 563 15.17 -6.02 -11.76
CA SER F 563 16.50 -5.92 -12.36
C SER F 563 16.54 -6.59 -13.72
N ALA F 564 15.80 -7.69 -13.89
CA ALA F 564 15.68 -8.30 -15.21
C ALA F 564 14.92 -7.39 -16.17
N ALA F 565 13.99 -6.59 -15.66
CA ALA F 565 13.29 -5.64 -16.51
C ALA F 565 14.25 -4.60 -17.08
N LEU F 566 15.19 -4.11 -16.26
CA LEU F 566 16.14 -3.11 -16.71
C LEU F 566 17.16 -3.66 -17.70
N GLY F 567 17.20 -4.97 -17.90
CA GLY F 567 18.08 -5.54 -18.90
C GLY F 567 19.38 -6.09 -18.36
N ASN F 568 19.34 -6.66 -17.16
CA ASN F 568 20.47 -7.43 -16.63
C ASN F 568 20.34 -8.84 -17.16
N GLU F 569 20.74 -9.00 -18.42
CA GLU F 569 20.39 -10.20 -19.18
C GLU F 569 20.86 -11.47 -18.50
N ALA F 570 22.19 -11.64 -18.37
CA ALA F 570 22.74 -12.94 -18.01
C ALA F 570 22.25 -13.41 -16.65
N ALA F 571 22.61 -12.69 -15.60
CA ALA F 571 22.39 -13.21 -14.24
C ALA F 571 20.91 -13.23 -13.88
N GLN F 572 20.20 -12.14 -14.14
CA GLN F 572 18.78 -12.08 -13.79
C GLN F 572 17.97 -13.08 -14.61
N GLU F 573 18.29 -13.21 -15.91
CA GLU F 573 17.62 -14.21 -16.73
C GLU F 573 17.92 -15.62 -16.21
N ARG F 574 19.15 -15.85 -15.76
CA ARG F 574 19.53 -17.15 -15.21
C ARG F 574 18.69 -17.47 -13.97
N LEU F 575 18.56 -16.51 -13.06
CA LEU F 575 17.75 -16.76 -11.87
C LEU F 575 16.27 -16.93 -12.18
N ARG F 576 15.72 -16.13 -13.10
CA ARG F 576 14.34 -16.32 -13.49
C ARG F 576 14.12 -17.70 -14.11
N ALA F 577 15.04 -18.14 -14.97
CA ALA F 577 14.91 -19.46 -15.58
C ALA F 577 15.02 -20.57 -14.53
N LEU F 578 15.93 -20.41 -13.56
CA LEU F 578 16.06 -21.42 -12.52
C LEU F 578 14.82 -21.50 -11.66
N PHE F 579 14.22 -20.35 -11.35
CA PHE F 579 13.01 -20.32 -10.54
C PHE F 579 11.74 -20.62 -11.34
N SER F 580 11.86 -20.71 -12.66
CA SER F 580 10.73 -21.10 -13.50
C SER F 580 10.74 -22.59 -13.81
N MET F 581 11.85 -23.09 -14.33
CA MET F 581 11.94 -24.49 -14.71
C MET F 581 11.80 -25.42 -13.50
N GLY F 582 12.42 -25.06 -12.38
CA GLY F 582 12.35 -25.89 -11.20
C GLY F 582 11.01 -25.85 -10.49
N ALA F 583 10.18 -24.85 -10.80
CA ALA F 583 8.91 -24.72 -10.09
C ALA F 583 7.73 -25.20 -10.95
N ALA F 584 7.69 -24.78 -12.22
CA ALA F 584 6.56 -25.07 -13.10
C ALA F 584 6.86 -26.21 -14.07
N ALA F 585 7.93 -26.97 -13.82
CA ALA F 585 8.27 -28.09 -14.70
C ALA F 585 9.01 -29.17 -13.91
N SER G 376 34.70 58.68 -26.94
CA SER G 376 34.18 57.42 -26.41
C SER G 376 35.30 56.55 -25.86
N LEU G 377 36.53 57.04 -25.97
CA LEU G 377 37.69 56.28 -25.52
C LEU G 377 37.86 56.31 -24.00
N GLU G 378 37.27 57.28 -23.31
CA GLU G 378 37.42 57.34 -21.86
C GLU G 378 36.65 56.21 -21.18
N GLU G 379 35.40 55.99 -21.59
CA GLU G 379 34.67 54.85 -21.05
C GLU G 379 35.31 53.54 -21.47
N ALA G 380 35.89 53.50 -22.67
CA ALA G 380 36.58 52.29 -23.12
C ALA G 380 37.78 51.98 -22.23
N VAL G 381 38.58 52.99 -21.90
CA VAL G 381 39.77 52.75 -21.09
C VAL G 381 39.38 52.41 -19.66
N THR G 382 38.33 53.04 -19.13
CA THR G 382 37.85 52.67 -17.81
C THR G 382 37.37 51.23 -17.79
N SER G 383 36.63 50.82 -18.82
CA SER G 383 36.15 49.45 -18.90
C SER G 383 37.31 48.47 -19.00
N ILE G 384 38.32 48.78 -19.82
CA ILE G 384 39.41 47.84 -20.00
C ILE G 384 40.25 47.73 -18.74
N GLN G 385 40.44 48.83 -18.01
CA GLN G 385 41.23 48.73 -16.78
C GLN G 385 40.47 47.99 -15.69
N GLN G 386 39.14 48.19 -15.60
CA GLN G 386 38.36 47.42 -14.65
C GLN G 386 38.36 45.94 -15.00
N LEU G 387 38.26 45.63 -16.30
CA LEU G 387 38.35 44.24 -16.74
C LEU G 387 39.71 43.65 -16.40
N PHE G 388 40.78 44.44 -16.54
CA PHE G 388 42.10 43.93 -16.18
C PHE G 388 42.18 43.63 -14.69
N GLN G 389 41.61 44.51 -13.86
CA GLN G 389 41.57 44.25 -12.43
C GLN G 389 40.85 42.95 -12.12
N LEU G 390 39.65 42.79 -12.68
CA LEU G 390 38.88 41.58 -12.41
C LEU G 390 39.60 40.34 -12.93
N SER G 391 40.23 40.44 -14.10
CA SER G 391 40.89 39.29 -14.70
C SER G 391 42.11 38.88 -13.89
N VAL G 392 42.89 39.85 -13.40
CA VAL G 392 44.04 39.48 -12.59
C VAL G 392 43.58 38.88 -11.27
N SER G 393 42.47 39.35 -10.72
CA SER G 393 41.91 38.70 -9.53
C SER G 393 41.54 37.24 -9.83
N ILE G 394 40.87 37.01 -10.96
CA ILE G 394 40.50 35.65 -11.35
C ILE G 394 41.73 34.78 -11.49
N ALA G 395 42.75 35.30 -12.18
CA ALA G 395 43.96 34.52 -12.44
C ALA G 395 44.67 34.18 -11.14
N PHE G 396 44.74 35.13 -10.21
CA PHE G 396 45.39 34.86 -8.94
C PHE G 396 44.64 33.78 -8.17
N ASN G 397 43.30 33.87 -8.16
CA ASN G 397 42.51 32.84 -7.49
C ASN G 397 42.73 31.48 -8.12
N PHE G 398 42.74 31.42 -9.45
CA PHE G 398 42.85 30.14 -10.14
C PHE G 398 44.22 29.53 -9.93
N LEU G 399 45.17 30.42 -9.75
CA LEU G 399 46.52 29.96 -9.59
C LEU G 399 46.60 29.35 -8.28
N GLY G 400 46.12 30.08 -7.35
CA GLY G 400 46.16 29.64 -5.97
C GLY G 400 45.49 28.29 -5.79
N THR G 401 44.30 28.11 -6.37
CA THR G 401 43.61 26.84 -6.19
C THR G 401 44.33 25.71 -6.92
N GLU G 402 44.98 26.01 -8.06
CA GLU G 402 45.79 25.01 -8.72
C GLU G 402 46.97 24.60 -7.84
N ASN G 403 47.60 25.57 -7.17
CA ASN G 403 48.69 25.24 -6.27
C ASN G 403 48.21 24.41 -5.09
N MET G 404 47.05 24.76 -4.53
CA MET G 404 46.51 23.99 -3.41
C MET G 404 46.20 22.57 -3.81
N LYS G 405 45.58 22.38 -4.99
CA LYS G 405 45.30 21.02 -5.47
C LYS G 405 46.59 20.26 -5.74
N SER G 406 47.59 20.92 -6.32
CA SER G 406 48.85 20.25 -6.63
C SER G 406 49.58 19.81 -5.38
N GLY G 407 49.61 20.65 -4.35
CA GLY G 407 50.30 20.30 -3.13
C GLY G 407 51.03 21.45 -2.47
N ASP G 408 51.39 22.47 -3.26
CA ASP G 408 52.03 23.65 -2.69
C ASP G 408 51.01 24.44 -1.87
N HIS G 409 51.40 24.84 -0.66
CA HIS G 409 50.46 25.45 0.27
C HIS G 409 50.81 26.87 0.65
N THR G 410 52.07 27.16 0.98
CA THR G 410 52.43 28.53 1.37
C THR G 410 52.22 29.49 0.20
N ALA G 411 52.60 29.08 -1.00
CA ALA G 411 52.31 29.89 -2.18
C ALA G 411 50.80 30.02 -2.38
N ALA G 412 50.05 28.96 -2.07
CA ALA G 412 48.60 29.04 -2.15
C ALA G 412 48.06 30.08 -1.18
N PHE G 413 48.56 30.09 0.05
CA PHE G 413 48.13 31.10 1.01
C PHE G 413 48.45 32.50 0.52
N SER G 414 49.67 32.71 0.02
CA SER G 414 50.03 34.04 -0.46
C SER G 414 49.13 34.47 -1.60
N TYR G 415 48.87 33.55 -2.54
CA TYR G 415 48.04 33.89 -3.70
C TYR G 415 46.63 34.22 -3.28
N PHE G 416 46.03 33.41 -2.40
CA PHE G 416 44.65 33.69 -2.02
C PHE G 416 44.56 34.97 -1.20
N GLN G 417 45.56 35.25 -0.37
CA GLN G 417 45.53 36.50 0.39
C GLN G 417 45.62 37.71 -0.54
N LYS G 418 46.53 37.69 -1.51
CA LYS G 418 46.63 38.83 -2.40
C LYS G 418 45.46 38.93 -3.36
N ALA G 419 44.77 37.81 -3.63
CA ALA G 419 43.56 37.87 -4.43
C ALA G 419 42.38 38.41 -3.63
N ALA G 420 42.28 38.03 -2.35
CA ALA G 420 41.19 38.52 -1.53
C ALA G 420 41.42 39.95 -1.09
N ALA G 421 42.66 40.43 -1.15
CA ALA G 421 42.94 41.81 -0.79
C ALA G 421 42.30 42.82 -1.74
N ARG G 422 41.81 42.37 -2.90
CA ARG G 422 41.27 43.27 -3.90
C ARG G 422 39.81 43.00 -4.21
N GLY G 423 39.08 42.38 -3.28
CA GLY G 423 37.63 42.29 -3.40
C GLY G 423 37.10 41.25 -4.35
N TYR G 424 37.32 39.97 -4.06
CA TYR G 424 36.77 38.89 -4.85
C TYR G 424 36.10 37.88 -3.93
N SER G 425 35.01 37.28 -4.42
CA SER G 425 34.17 36.44 -3.58
C SER G 425 34.81 35.09 -3.30
N LYS G 426 35.04 34.29 -4.35
CA LYS G 426 35.58 32.95 -4.16
C LYS G 426 36.95 33.00 -3.52
N ALA G 427 37.75 34.02 -3.86
CA ALA G 427 39.06 34.16 -3.24
C ALA G 427 38.94 34.38 -1.74
N GLN G 428 37.98 35.21 -1.33
CA GLN G 428 37.77 35.44 0.09
C GLN G 428 37.30 34.17 0.79
N TYR G 429 36.40 33.43 0.15
CA TYR G 429 36.00 32.13 0.69
C TYR G 429 37.18 31.20 0.91
N ASN G 430 38.02 31.03 -0.10
CA ASN G 430 39.11 30.08 0.03
C ASN G 430 40.15 30.58 1.02
N ALA G 431 40.34 31.90 1.10
CA ALA G 431 41.22 32.45 2.12
C ALA G 431 40.72 32.10 3.51
N GLY G 432 39.42 32.30 3.75
CA GLY G 432 38.86 31.91 5.03
C GLY G 432 38.97 30.43 5.29
N LEU G 433 38.73 29.60 4.26
CA LEU G 433 38.77 28.16 4.43
C LEU G 433 40.16 27.70 4.82
N CYS G 434 41.19 28.17 4.11
CA CYS G 434 42.54 27.78 4.41
C CYS G 434 43.03 28.39 5.72
N HIS G 435 42.49 29.55 6.12
CA HIS G 435 42.98 30.23 7.31
C HIS G 435 42.25 29.76 8.57
N GLU G 436 41.15 29.02 8.43
CA GLU G 436 40.54 28.39 9.61
C GLU G 436 40.76 26.89 9.67
N HIS G 437 40.96 26.21 8.54
CA HIS G 437 41.55 24.87 8.60
C HIS G 437 43.02 24.93 8.97
N GLY G 438 43.69 26.03 8.63
CA GLY G 438 45.11 26.15 8.91
C GLY G 438 45.99 25.21 8.12
N ARG G 439 45.73 25.04 6.82
CA ARG G 439 46.49 24.14 5.98
C ARG G 439 47.67 24.91 5.39
N GLY G 440 48.53 25.40 6.28
CA GLY G 440 49.66 26.23 5.89
C GLY G 440 49.80 27.53 6.66
N THR G 441 49.09 27.68 7.78
CA THR G 441 49.12 28.88 8.61
C THR G 441 48.54 28.48 9.95
N PRO G 442 49.06 29.00 11.07
CA PRO G 442 48.55 28.59 12.38
C PRO G 442 47.05 28.84 12.50
N ARG G 443 46.37 27.93 13.21
CA ARG G 443 44.92 27.97 13.32
C ARG G 443 44.45 29.30 13.89
N ASP G 444 43.70 30.04 13.09
CA ASP G 444 43.15 31.32 13.53
C ASP G 444 41.69 31.39 13.09
N ILE G 445 40.90 32.12 13.86
CA ILE G 445 39.48 32.26 13.59
C ILE G 445 39.05 33.70 13.38
N SER G 446 39.72 34.67 14.00
CA SER G 446 39.29 36.07 13.89
C SER G 446 39.37 36.56 12.45
N LYS G 447 40.57 36.57 11.88
CA LYS G 447 40.72 37.00 10.49
C LYS G 447 39.97 36.06 9.55
N ALA G 448 39.88 34.78 9.93
CA ALA G 448 39.12 33.82 9.13
C ALA G 448 37.65 34.24 9.02
N VAL G 449 37.00 34.53 10.15
CA VAL G 449 35.61 34.93 10.09
C VAL G 449 35.46 36.33 9.51
N LEU G 450 36.48 37.18 9.61
CA LEU G 450 36.42 38.47 8.93
C LEU G 450 36.37 38.28 7.42
N TYR G 451 37.24 37.40 6.90
CA TYR G 451 37.19 37.07 5.48
C TYR G 451 35.86 36.44 5.12
N TYR G 452 35.31 35.59 6.00
CA TYR G 452 34.02 34.97 5.72
C TYR G 452 32.91 36.00 5.64
N GLN G 453 32.93 36.99 6.55
CA GLN G 453 31.95 38.08 6.47
C GLN G 453 32.10 38.84 5.16
N LEU G 454 33.33 39.17 4.80
CA LEU G 454 33.54 39.96 3.59
C LEU G 454 33.11 39.19 2.35
N ALA G 455 33.24 37.86 2.36
CA ALA G 455 32.79 37.05 1.24
C ALA G 455 31.28 36.87 1.25
N ALA G 456 30.69 36.71 2.43
CA ALA G 456 29.24 36.49 2.53
C ALA G 456 28.47 37.72 2.11
N SER G 457 28.99 38.90 2.42
CA SER G 457 28.33 40.13 2.01
C SER G 457 28.18 40.22 0.49
N GLN G 458 29.02 39.50 -0.26
CA GLN G 458 28.99 39.57 -1.71
C GLN G 458 28.09 38.50 -2.34
N GLY G 459 27.60 37.55 -1.57
CA GLY G 459 26.66 36.58 -2.10
C GLY G 459 27.26 35.24 -2.46
N HIS G 460 28.04 34.66 -1.55
CA HIS G 460 28.62 33.33 -1.73
C HIS G 460 27.95 32.39 -0.73
N SER G 461 27.34 31.32 -1.23
CA SER G 461 26.57 30.42 -0.37
C SER G 461 27.48 29.74 0.65
N LEU G 462 28.55 29.11 0.18
CA LEU G 462 29.44 28.39 1.09
C LEU G 462 30.08 29.33 2.10
N ALA G 463 30.42 30.54 1.66
CA ALA G 463 31.06 31.49 2.56
C ALA G 463 30.15 31.86 3.72
N GLN G 464 28.89 32.15 3.43
CA GLN G 464 27.98 32.53 4.50
C GLN G 464 27.60 31.35 5.36
N TYR G 465 27.51 30.14 4.77
CA TYR G 465 27.36 28.94 5.58
C TYR G 465 28.50 28.79 6.58
N ARG G 466 29.74 28.92 6.10
CA ARG G 466 30.89 28.76 6.99
C ARG G 466 30.91 29.86 8.05
N TYR G 467 30.60 31.09 7.66
CA TYR G 467 30.56 32.19 8.63
C TYR G 467 29.56 31.91 9.74
N ALA G 468 28.34 31.52 9.36
CA ALA G 468 27.32 31.28 10.38
C ALA G 468 27.68 30.09 11.25
N ARG G 469 28.21 29.02 10.65
CA ARG G 469 28.57 27.85 11.44
C ARG G 469 29.71 28.15 12.40
N CYS G 470 30.65 29.01 11.99
CA CYS G 470 31.76 29.35 12.87
C CYS G 470 31.33 30.30 13.98
N LEU G 471 30.42 31.24 13.67
CA LEU G 471 29.99 32.18 14.69
C LEU G 471 29.02 31.55 15.68
N LEU G 472 28.22 30.58 15.24
CA LEU G 472 27.21 29.96 16.09
C LEU G 472 27.73 28.72 16.82
N ARG G 473 29.03 28.42 16.73
CA ARG G 473 29.54 27.24 17.40
C ARG G 473 29.47 27.38 18.92
N ASP G 474 29.45 28.60 19.44
CA ASP G 474 29.36 28.82 20.87
C ASP G 474 27.91 28.70 21.35
N PRO G 475 27.71 28.30 22.62
CA PRO G 475 26.35 28.22 23.15
C PRO G 475 25.85 29.53 23.73
N ALA G 476 26.50 30.63 23.36
CA ALA G 476 26.17 31.94 23.91
C ALA G 476 24.77 32.38 23.48
N SER G 477 24.24 33.35 24.20
CA SER G 477 22.88 33.83 23.96
C SER G 477 22.80 34.61 22.65
N SER G 478 21.59 34.76 22.15
CA SER G 478 21.31 35.44 20.89
C SER G 478 20.92 36.90 21.09
N TRP G 479 21.26 37.48 22.24
CA TRP G 479 20.95 38.89 22.48
C TRP G 479 21.77 39.80 21.58
N ASN G 480 23.02 39.42 21.32
CA ASN G 480 23.86 40.22 20.43
C ASN G 480 23.33 40.20 19.00
N PRO G 481 23.24 41.36 18.34
CA PRO G 481 22.62 41.40 17.00
C PRO G 481 23.38 40.61 15.95
N GLU G 482 24.69 40.43 16.12
CA GLU G 482 25.45 39.69 15.11
C GLU G 482 24.97 38.25 15.00
N ARG G 483 24.49 37.67 16.11
CA ARG G 483 23.89 36.35 16.04
C ARG G 483 22.63 36.34 15.17
N GLN G 484 21.77 37.35 15.32
CA GLN G 484 20.58 37.42 14.47
C GLN G 484 20.97 37.59 13.01
N ARG G 485 21.98 38.42 12.74
CA ARG G 485 22.45 38.59 11.36
C ARG G 485 22.97 37.27 10.82
N ALA G 486 23.74 36.53 11.62
CA ALA G 486 24.30 35.26 11.17
C ALA G 486 23.20 34.24 10.91
N VAL G 487 22.21 34.14 11.80
CA VAL G 487 21.16 33.16 11.58
C VAL G 487 20.31 33.54 10.37
N SER G 488 20.08 34.84 10.15
CA SER G 488 19.33 35.24 8.97
C SER G 488 20.08 34.92 7.68
N LEU G 489 21.40 35.18 7.67
CA LEU G 489 22.16 34.86 6.46
C LEU G 489 22.26 33.36 6.25
N LEU G 490 22.36 32.57 7.32
CA LEU G 490 22.33 31.12 7.16
C LEU G 490 20.99 30.67 6.62
N LYS G 491 19.90 31.30 7.07
CA LYS G 491 18.57 30.99 6.55
C LYS G 491 18.49 31.24 5.05
N GLN G 492 18.92 32.43 4.63
CA GLN G 492 18.83 32.74 3.20
C GLN G 492 19.87 31.97 2.39
N ALA G 493 20.89 31.42 3.04
CA ALA G 493 21.76 30.45 2.37
C ALA G 493 21.05 29.12 2.17
N ALA G 494 20.41 28.62 3.22
CA ALA G 494 19.69 27.35 3.13
C ALA G 494 18.55 27.44 2.13
N ASP G 495 18.01 28.64 1.92
CA ASP G 495 17.00 28.82 0.89
C ASP G 495 17.54 28.49 -0.50
N SER G 496 18.85 28.50 -0.70
CA SER G 496 19.43 28.20 -2.00
C SER G 496 19.35 26.72 -2.34
N GLY G 497 19.66 25.84 -1.39
CA GLY G 497 19.58 24.42 -1.64
C GLY G 497 20.79 23.62 -1.20
N LEU G 498 21.72 24.27 -0.51
CA LEU G 498 22.89 23.55 0.01
C LEU G 498 22.44 22.56 1.08
N ARG G 499 23.04 21.37 1.04
CA ARG G 499 22.62 20.30 1.95
C ARG G 499 23.00 20.62 3.40
N GLU G 500 24.24 21.02 3.63
CA GLU G 500 24.72 21.18 5.01
C GLU G 500 24.08 22.35 5.72
N ALA G 501 23.87 23.47 5.02
CA ALA G 501 23.36 24.68 5.67
C ALA G 501 21.98 24.44 6.25
N GLN G 502 21.08 23.83 5.47
CA GLN G 502 19.71 23.64 5.94
C GLN G 502 19.65 22.59 7.04
N ALA G 503 20.48 21.54 6.97
CA ALA G 503 20.53 20.57 8.05
C ALA G 503 20.99 21.21 9.35
N PHE G 504 22.04 22.03 9.29
CA PHE G 504 22.50 22.69 10.49
C PHE G 504 21.46 23.68 11.00
N LEU G 505 20.72 24.32 10.11
CA LEU G 505 19.65 25.21 10.54
C LEU G 505 18.56 24.45 11.27
N GLY G 506 18.19 23.27 10.76
CA GLY G 506 17.21 22.46 11.43
C GLY G 506 17.68 22.01 12.80
N VAL G 507 18.97 21.69 12.92
CA VAL G 507 19.51 21.36 14.23
C VAL G 507 19.48 22.57 15.16
N LEU G 508 19.85 23.75 14.63
CA LEU G 508 19.99 24.93 15.47
C LEU G 508 18.65 25.42 15.98
N PHE G 509 17.61 25.40 15.14
CA PHE G 509 16.29 25.85 15.58
C PHE G 509 15.63 24.89 16.54
N THR G 510 16.19 23.69 16.74
CA THR G 510 15.61 22.73 17.65
C THR G 510 16.06 22.93 19.09
N LYS G 511 17.14 23.68 19.32
CA LYS G 511 17.76 23.77 20.63
C LYS G 511 17.74 25.22 21.13
N GLU G 512 17.80 25.37 22.44
CA GLU G 512 17.69 26.68 23.08
C GLU G 512 18.82 27.60 22.62
N PRO G 513 18.56 28.90 22.44
CA PRO G 513 17.30 29.65 22.58
C PRO G 513 16.61 29.93 21.27
N TYR G 514 16.92 29.13 20.25
CA TYR G 514 16.36 29.31 18.92
C TYR G 514 15.14 28.42 18.66
N LEU G 515 14.35 28.15 19.69
CA LEU G 515 13.26 27.20 19.60
C LEU G 515 12.18 27.65 18.61
N ASP G 516 12.11 26.97 17.46
CA ASP G 516 11.03 27.16 16.50
C ASP G 516 10.82 25.79 15.84
N GLU G 517 9.89 25.02 16.40
CA GLU G 517 9.80 23.60 16.07
C GLU G 517 9.42 23.37 14.60
N GLN G 518 8.49 24.17 14.07
CA GLN G 518 7.96 23.89 12.74
C GLN G 518 9.03 24.09 11.66
N ARG G 519 9.72 25.22 11.69
CA ARG G 519 10.75 25.48 10.70
C ARG G 519 11.89 24.49 10.83
N ALA G 520 12.27 24.15 12.06
CA ALA G 520 13.31 23.14 12.27
C ALA G 520 12.92 21.83 11.64
N VAL G 521 11.66 21.40 11.86
CA VAL G 521 11.20 20.15 11.28
C VAL G 521 11.24 20.20 9.76
N LYS G 522 10.73 21.29 9.19
CA LYS G 522 10.62 21.37 7.73
C LYS G 522 11.99 21.37 7.07
N TYR G 523 12.95 22.10 7.64
CA TYR G 523 14.28 22.12 7.03
C TYR G 523 15.05 20.82 7.30
N LEU G 524 14.86 20.20 8.46
CA LEU G 524 15.46 18.88 8.67
C LEU G 524 14.93 17.88 7.66
N TRP G 525 13.62 17.90 7.40
CA TRP G 525 13.05 16.96 6.44
C TRP G 525 13.57 17.25 5.03
N LEU G 526 13.65 18.53 4.66
CA LEU G 526 14.11 18.88 3.32
C LEU G 526 15.56 18.47 3.14
N ALA G 527 16.40 18.67 4.16
CA ALA G 527 17.79 18.22 4.08
C ALA G 527 17.87 16.70 4.02
N ALA G 528 17.03 16.00 4.78
CA ALA G 528 17.06 14.54 4.78
C ALA G 528 16.66 13.99 3.42
N ASN G 529 15.76 14.68 2.72
CA ASN G 529 15.38 14.25 1.38
C ASN G 529 16.56 14.23 0.42
N ASN G 530 17.63 14.97 0.71
CA ASN G 530 18.81 14.96 -0.14
C ASN G 530 19.73 13.77 0.12
N GLY G 531 19.46 13.00 1.17
CA GLY G 531 20.21 11.79 1.43
C GLY G 531 21.14 11.83 2.63
N ASP G 532 21.09 12.86 3.46
CA ASP G 532 21.94 12.91 4.64
C ASP G 532 21.40 11.97 5.71
N SER G 533 22.27 11.11 6.23
CA SER G 533 21.83 10.12 7.21
C SER G 533 21.59 10.76 8.56
N GLN G 534 22.48 11.64 9.01
CA GLN G 534 22.34 12.23 10.33
C GLN G 534 21.10 13.12 10.41
N SER G 535 20.83 13.89 9.36
CA SER G 535 19.66 14.75 9.37
C SER G 535 18.38 13.93 9.46
N ARG G 536 18.33 12.80 8.76
CA ARG G 536 17.15 11.97 8.82
C ARG G 536 17.02 11.24 10.15
N TYR G 537 18.14 10.87 10.76
CA TYR G 537 18.08 10.34 12.13
C TYR G 537 17.54 11.39 13.09
N HIS G 538 17.94 12.64 12.91
CA HIS G 538 17.38 13.71 13.74
C HIS G 538 15.89 13.91 13.46
N LEU G 539 15.46 13.73 12.22
CA LEU G 539 14.03 13.74 11.93
C LEU G 539 13.32 12.62 12.66
N GLY G 540 13.94 11.44 12.71
CA GLY G 540 13.35 10.32 13.42
C GLY G 540 13.24 10.56 14.91
N ILE G 541 14.30 11.11 15.52
CA ILE G 541 14.22 11.43 16.95
C ILE G 541 13.21 12.55 17.18
N CYS G 542 13.03 13.43 16.19
CA CYS G 542 12.00 14.45 16.30
C CYS G 542 10.60 13.84 16.32
N TYR G 543 10.36 12.85 15.46
CA TYR G 543 9.08 12.15 15.50
C TYR G 543 8.89 11.40 16.82
N GLU G 544 9.92 10.68 17.26
CA GLU G 544 9.77 9.85 18.46
C GLU G 544 9.55 10.72 19.70
N LYS G 545 10.32 11.79 19.85
CA LYS G 545 10.18 12.67 21.01
C LYS G 545 8.92 13.52 20.94
N GLY G 546 8.28 13.60 19.77
CA GLY G 546 7.02 14.30 19.65
C GLY G 546 7.09 15.79 19.83
N LEU G 547 8.16 16.43 19.35
CA LEU G 547 8.25 17.88 19.32
C LEU G 547 8.13 18.35 17.87
N GLY G 548 7.25 19.32 17.63
CA GLY G 548 7.02 19.84 16.31
C GLY G 548 6.16 18.99 15.42
N VAL G 549 6.18 17.67 15.60
CA VAL G 549 5.36 16.75 14.81
C VAL G 549 4.62 15.85 15.80
N GLN G 550 3.45 15.39 15.37
CA GLN G 550 2.68 14.46 16.19
C GLN G 550 3.50 13.21 16.49
N ARG G 551 3.40 12.75 17.72
CA ARG G 551 4.26 11.67 18.23
C ARG G 551 3.91 10.35 17.57
N ASN G 552 4.65 9.99 16.51
CA ASN G 552 4.48 8.72 15.83
C ASN G 552 5.72 7.86 16.05
N LEU G 553 5.51 6.55 16.20
CA LEU G 553 6.58 5.62 16.51
C LEU G 553 6.95 4.69 15.37
N GLY G 554 5.98 4.25 14.57
CA GLY G 554 6.30 3.33 13.48
C GLY G 554 7.19 3.98 12.43
N GLU G 555 6.84 5.19 12.02
CA GLU G 555 7.69 5.91 11.07
C GLU G 555 9.05 6.22 11.68
N ALA G 556 9.09 6.49 12.99
CA ALA G 556 10.38 6.69 13.65
C ALA G 556 11.22 5.43 13.59
N LEU G 557 10.60 4.27 13.81
CA LEU G 557 11.35 3.01 13.77
C LEU G 557 11.88 2.74 12.37
N ARG G 558 11.05 2.92 11.34
CA ARG G 558 11.55 2.66 10.00
C ARG G 558 12.60 3.69 9.58
N CYS G 559 12.47 4.93 10.06
CA CYS G 559 13.48 5.94 9.79
C CYS G 559 14.81 5.58 10.44
N TYR G 560 14.78 5.11 11.68
CA TYR G 560 16.00 4.63 12.32
C TYR G 560 16.60 3.47 11.53
N GLN G 561 15.75 2.53 11.10
CA GLN G 561 16.26 1.36 10.39
C GLN G 561 16.93 1.76 9.08
N GLN G 562 16.31 2.65 8.31
CA GLN G 562 16.89 3.05 7.04
C GLN G 562 18.12 3.93 7.24
N SER G 563 18.14 4.77 8.28
CA SER G 563 19.33 5.54 8.59
C SER G 563 20.50 4.64 8.96
N ALA G 564 20.24 3.57 9.72
CA ALA G 564 21.28 2.59 10.00
C ALA G 564 21.70 1.86 8.74
N ALA G 565 20.75 1.59 7.85
CA ALA G 565 21.09 0.95 6.58
C ALA G 565 21.97 1.85 5.72
N LEU G 566 21.65 3.15 5.66
CA LEU G 566 22.45 4.09 4.91
C LEU G 566 23.79 4.42 5.58
N GLY G 567 24.08 3.81 6.72
CA GLY G 567 25.40 3.93 7.31
C GLY G 567 25.59 5.09 8.26
N ASN G 568 24.56 5.40 9.06
CA ASN G 568 24.71 6.33 10.17
C ASN G 568 25.08 5.48 11.38
N GLU G 569 26.39 5.24 11.51
CA GLU G 569 26.86 4.22 12.45
C GLU G 569 26.45 4.53 13.88
N ALA G 570 26.98 5.61 14.44
CA ALA G 570 26.92 5.80 15.89
C ALA G 570 25.48 5.88 16.39
N ALA G 571 24.76 6.93 16.01
CA ALA G 571 23.47 7.21 16.63
C ALA G 571 22.42 6.18 16.23
N GLN G 572 22.30 5.91 14.93
CA GLN G 572 21.29 4.98 14.46
C GLN G 572 21.56 3.57 14.97
N GLU G 573 22.82 3.14 14.92
CA GLU G 573 23.17 1.82 15.43
C GLU G 573 22.87 1.73 16.93
N ARG G 574 23.21 2.77 17.69
CA ARG G 574 22.99 2.75 19.13
C ARG G 574 21.50 2.66 19.44
N LEU G 575 20.68 3.45 18.77
CA LEU G 575 19.25 3.45 19.07
C LEU G 575 18.58 2.15 18.63
N ARG G 576 18.99 1.63 17.46
CA ARG G 576 18.45 0.34 17.03
C ARG G 576 18.84 -0.78 17.98
N ALA G 577 20.10 -0.78 18.44
CA ALA G 577 20.53 -1.80 19.39
C ALA G 577 19.80 -1.67 20.73
N LEU G 578 19.58 -0.44 21.20
CA LEU G 578 18.84 -0.25 22.43
C LEU G 578 17.42 -0.77 22.31
N PHE G 579 16.74 -0.45 21.20
CA PHE G 579 15.37 -0.91 21.01
C PHE G 579 15.29 -2.41 20.74
N SER G 580 16.34 -3.02 20.21
CA SER G 580 16.36 -4.46 19.96
C SER G 580 16.95 -5.25 21.10
N MET G 581 17.39 -4.59 22.18
CA MET G 581 17.94 -5.29 23.33
C MET G 581 17.12 -5.04 24.59
N GLY G 582 16.37 -3.94 24.67
CA GLY G 582 15.57 -3.68 25.86
C GLY G 582 14.57 -4.78 26.16
N ALA G 583 14.10 -5.46 25.11
CA ALA G 583 13.20 -6.60 25.27
C ALA G 583 13.93 -7.93 25.20
N ALA G 584 15.26 -7.92 25.12
CA ALA G 584 16.05 -9.14 25.06
C ALA G 584 17.01 -9.28 26.22
N ALA G 585 17.10 -8.28 27.10
CA ALA G 585 18.01 -8.34 28.24
C ALA G 585 17.24 -8.15 29.54
N SER H 376 39.23 34.73 -49.32
CA SER H 376 40.39 34.42 -48.50
C SER H 376 40.49 35.34 -47.29
N LEU H 377 41.13 36.50 -47.49
CA LEU H 377 41.27 37.45 -46.39
C LEU H 377 39.97 38.19 -46.08
N GLU H 378 39.08 38.31 -47.06
CA GLU H 378 37.84 39.06 -46.84
C GLU H 378 36.93 38.34 -45.85
N GLU H 379 36.74 37.03 -46.02
CA GLU H 379 35.94 36.29 -45.05
C GLU H 379 36.61 36.28 -43.69
N ALA H 380 37.95 36.26 -43.66
CA ALA H 380 38.66 36.29 -42.39
C ALA H 380 38.43 37.60 -41.66
N VAL H 381 38.48 38.73 -42.37
CA VAL H 381 38.31 40.01 -41.71
C VAL H 381 36.86 40.20 -41.27
N THR H 382 35.91 39.74 -42.08
CA THR H 382 34.51 39.80 -41.65
C THR H 382 34.28 38.95 -40.40
N SER H 383 34.85 37.75 -40.38
CA SER H 383 34.70 36.88 -39.22
C SER H 383 35.33 37.52 -37.98
N ILE H 384 36.53 38.09 -38.13
CA ILE H 384 37.21 38.63 -36.97
C ILE H 384 36.49 39.87 -36.45
N GLN H 385 35.93 40.71 -37.33
CA GLN H 385 35.22 41.88 -36.84
C GLN H 385 33.90 41.49 -36.17
N GLN H 386 33.19 40.50 -36.72
CA GLN H 386 31.98 40.03 -36.05
C GLN H 386 32.32 39.41 -34.70
N LEU H 387 33.41 38.65 -34.64
CA LEU H 387 33.85 38.08 -33.37
C LEU H 387 34.21 39.18 -32.38
N PHE H 388 34.81 40.26 -32.86
CA PHE H 388 35.15 41.37 -31.96
C PHE H 388 33.89 42.01 -31.40
N GLN H 389 32.89 42.23 -32.24
CA GLN H 389 31.63 42.79 -31.75
C GLN H 389 31.00 41.87 -30.70
N LEU H 390 30.95 40.57 -30.99
CA LEU H 390 30.38 39.64 -30.03
C LEU H 390 31.17 39.61 -28.74
N SER H 391 32.50 39.63 -28.83
CA SER H 391 33.35 39.53 -27.65
C SER H 391 33.23 40.77 -26.78
N VAL H 392 33.16 41.95 -27.40
CA VAL H 392 33.00 43.16 -26.59
C VAL H 392 31.63 43.17 -25.93
N SER H 393 30.61 42.66 -26.61
CA SER H 393 29.31 42.51 -25.97
C SER H 393 29.39 41.58 -24.76
N ILE H 394 30.05 40.44 -24.93
CA ILE H 394 30.19 39.48 -23.83
C ILE H 394 30.94 40.12 -22.66
N ALA H 395 32.03 40.82 -22.97
CA ALA H 395 32.85 41.40 -21.91
C ALA H 395 32.07 42.47 -21.16
N PHE H 396 31.30 43.30 -21.88
CA PHE H 396 30.54 44.33 -21.20
C PHE H 396 29.45 43.72 -20.32
N ASN H 397 28.79 42.66 -20.81
CA ASN H 397 27.81 41.97 -19.98
C ASN H 397 28.45 41.39 -18.73
N PHE H 398 29.61 40.74 -18.89
CA PHE H 398 30.27 40.11 -17.75
C PHE H 398 30.72 41.14 -16.74
N LEU H 399 31.05 42.29 -17.26
CA LEU H 399 31.54 43.32 -16.40
C LEU H 399 30.44 43.80 -15.61
N GLY H 400 29.41 44.12 -16.29
CA GLY H 400 28.22 44.64 -15.65
C GLY H 400 27.71 43.74 -14.55
N THR H 401 27.61 42.44 -14.83
CA THR H 401 27.12 41.54 -13.80
C THR H 401 28.11 41.40 -12.65
N GLU H 402 29.41 41.48 -12.93
CA GLU H 402 30.40 41.48 -11.86
C GLU H 402 30.25 42.71 -10.98
N ASN H 403 30.02 43.87 -11.58
CA ASN H 403 29.80 45.09 -10.80
C ASN H 403 28.54 44.99 -9.97
N MET H 404 27.46 44.45 -10.54
CA MET H 404 26.22 44.31 -9.79
C MET H 404 26.39 43.37 -8.61
N LYS H 405 27.08 42.24 -8.81
CA LYS H 405 27.29 41.32 -7.71
C LYS H 405 28.21 41.90 -6.66
N SER H 406 29.24 42.65 -7.08
CA SER H 406 30.18 43.24 -6.13
C SER H 406 29.51 44.30 -5.27
N GLY H 407 28.66 45.13 -5.87
CA GLY H 407 27.98 46.17 -5.13
C GLY H 407 27.81 47.47 -5.88
N ASP H 408 28.68 47.76 -6.83
CA ASP H 408 28.54 48.95 -7.65
C ASP H 408 27.34 48.79 -8.58
N HIS H 409 26.47 49.80 -8.62
CA HIS H 409 25.18 49.67 -9.30
C HIS H 409 25.06 50.57 -10.52
N THR H 410 25.30 51.87 -10.40
CA THR H 410 25.11 52.75 -11.54
C THR H 410 26.04 52.38 -12.69
N ALA H 411 27.26 51.95 -12.37
CA ALA H 411 28.15 51.43 -13.41
C ALA H 411 27.56 50.18 -14.04
N ALA H 412 26.92 49.33 -13.23
CA ALA H 412 26.27 48.16 -13.78
C ALA H 412 25.14 48.54 -14.73
N PHE H 413 24.36 49.57 -14.36
CA PHE H 413 23.31 50.05 -15.25
C PHE H 413 23.89 50.53 -16.57
N SER H 414 24.93 51.35 -16.52
CA SER H 414 25.51 51.86 -17.76
C SER H 414 26.06 50.72 -18.61
N TYR H 415 26.76 49.77 -17.98
CA TYR H 415 27.36 48.67 -18.71
C TYR H 415 26.29 47.82 -19.37
N PHE H 416 25.23 47.50 -18.62
CA PHE H 416 24.16 46.67 -19.17
C PHE H 416 23.44 47.41 -20.29
N GLN H 417 23.26 48.72 -20.15
CA GLN H 417 22.59 49.49 -21.18
C GLN H 417 23.39 49.49 -22.47
N LYS H 418 24.70 49.76 -22.38
CA LYS H 418 25.50 49.79 -23.61
C LYS H 418 25.77 48.40 -24.16
N ALA H 419 25.65 47.35 -23.35
CA ALA H 419 25.73 45.99 -23.87
C ALA H 419 24.45 45.59 -24.58
N ALA H 420 23.30 45.99 -24.05
CA ALA H 420 22.03 45.66 -24.68
C ALA H 420 21.76 46.55 -25.89
N ALA H 421 22.42 47.70 -25.99
CA ALA H 421 22.21 48.57 -27.13
C ALA H 421 22.73 47.97 -28.44
N ARG H 422 23.50 46.89 -28.36
CA ARG H 422 24.12 46.30 -29.54
C ARG H 422 23.66 44.87 -29.80
N GLY H 423 22.51 44.48 -29.24
CA GLY H 423 21.90 43.23 -29.61
C GLY H 423 22.45 41.98 -28.94
N TYR H 424 22.37 41.91 -27.62
CA TYR H 424 22.75 40.72 -26.88
C TYR H 424 21.57 40.25 -26.02
N SER H 425 21.40 38.94 -25.92
CA SER H 425 20.23 38.38 -25.26
C SER H 425 20.28 38.59 -23.74
N LYS H 426 21.29 38.02 -23.10
CA LYS H 426 21.37 38.12 -21.65
C LYS H 426 21.52 39.56 -21.19
N ALA H 427 22.24 40.37 -21.97
CA ALA H 427 22.37 41.78 -21.63
C ALA H 427 21.02 42.47 -21.65
N GLN H 428 20.19 42.14 -22.65
CA GLN H 428 18.85 42.73 -22.72
C GLN H 428 18.00 42.26 -21.55
N TYR H 429 18.10 40.99 -21.18
CA TYR H 429 17.39 40.52 -19.99
C TYR H 429 17.82 41.27 -18.75
N ASN H 430 19.12 41.47 -18.58
CA ASN H 430 19.60 42.17 -17.38
C ASN H 430 19.16 43.63 -17.39
N ALA H 431 19.14 44.26 -18.56
CA ALA H 431 18.64 45.63 -18.66
C ALA H 431 17.18 45.70 -18.27
N GLY H 432 16.38 44.75 -18.75
CA GLY H 432 14.97 44.71 -18.36
C GLY H 432 14.81 44.50 -16.86
N LEU H 433 15.62 43.61 -16.29
CA LEU H 433 15.53 43.35 -14.86
C LEU H 433 15.88 44.58 -14.04
N CYS H 434 16.95 45.28 -14.44
CA CYS H 434 17.37 46.45 -13.70
C CYS H 434 16.46 47.64 -13.93
N HIS H 435 15.68 47.64 -15.01
CA HIS H 435 14.66 48.67 -15.21
C HIS H 435 13.35 48.35 -14.51
N GLU H 436 13.02 47.08 -14.28
CA GLU H 436 11.79 46.73 -13.60
C GLU H 436 11.93 46.67 -12.08
N HIS H 437 13.06 46.20 -11.56
CA HIS H 437 13.32 46.35 -10.13
C HIS H 437 13.78 47.76 -9.79
N GLY H 438 14.49 48.40 -10.71
CA GLY H 438 14.98 49.75 -10.46
C GLY H 438 15.98 49.85 -9.33
N ARG H 439 16.95 48.93 -9.27
CA ARG H 439 17.93 48.89 -8.19
C ARG H 439 19.05 49.85 -8.53
N GLY H 440 18.70 51.13 -8.66
CA GLY H 440 19.63 52.16 -9.07
C GLY H 440 19.16 53.01 -10.23
N THR H 441 17.85 53.00 -10.53
CA THR H 441 17.25 53.78 -11.60
C THR H 441 15.77 53.87 -11.30
N PRO H 442 15.12 55.01 -11.55
CA PRO H 442 13.69 55.13 -11.20
C PRO H 442 12.86 54.05 -11.87
N ARG H 443 11.85 53.57 -11.15
CA ARG H 443 11.04 52.45 -11.61
C ARG H 443 10.39 52.77 -12.95
N ASP H 444 10.53 51.83 -13.89
CA ASP H 444 9.95 51.97 -15.22
C ASP H 444 9.52 50.60 -15.70
N ILE H 445 8.36 50.55 -16.34
CA ILE H 445 7.85 49.28 -16.86
C ILE H 445 7.90 49.32 -18.38
N SER H 446 7.77 50.53 -18.95
CA SER H 446 7.76 50.69 -20.40
C SER H 446 9.08 50.20 -21.00
N LYS H 447 10.18 50.87 -20.65
CA LYS H 447 11.49 50.43 -21.12
C LYS H 447 11.80 49.02 -20.65
N ALA H 448 11.34 48.64 -19.45
CA ALA H 448 11.58 47.30 -18.96
C ALA H 448 10.94 46.25 -19.87
N VAL H 449 9.66 46.42 -20.18
CA VAL H 449 9.00 45.44 -21.05
C VAL H 449 9.51 45.52 -22.48
N LEU H 450 9.93 46.68 -22.97
CA LEU H 450 10.52 46.73 -24.30
C LEU H 450 11.81 45.92 -24.35
N TYR H 451 12.68 46.09 -23.35
CA TYR H 451 13.89 45.28 -23.29
C TYR H 451 13.55 43.80 -23.13
N TYR H 452 12.51 43.49 -22.36
CA TYR H 452 12.13 42.10 -22.17
C TYR H 452 11.65 41.48 -23.48
N GLN H 453 10.87 42.23 -24.27
CA GLN H 453 10.47 41.76 -25.59
C GLN H 453 11.68 41.53 -26.49
N LEU H 454 12.61 42.48 -26.48
CA LEU H 454 13.77 42.35 -27.35
C LEU H 454 14.64 41.18 -26.95
N ALA H 455 14.67 40.84 -25.66
CA ALA H 455 15.40 39.67 -25.20
C ALA H 455 14.64 38.37 -25.49
N ALA H 456 13.31 38.41 -25.37
CA ALA H 456 12.50 37.21 -25.59
C ALA H 456 12.52 36.81 -27.05
N SER H 457 12.55 37.77 -27.96
CA SER H 457 12.57 37.45 -29.37
C SER H 457 13.81 36.65 -29.77
N GLN H 458 14.85 36.67 -28.95
CA GLN H 458 16.10 35.98 -29.29
C GLN H 458 16.22 34.63 -28.60
N GLY H 459 15.25 34.22 -27.80
CA GLY H 459 15.26 32.89 -27.23
C GLY H 459 15.91 32.78 -25.87
N HIS H 460 15.48 33.60 -24.93
CA HIS H 460 15.96 33.55 -23.54
C HIS H 460 14.77 33.19 -22.66
N SER H 461 14.85 32.01 -22.02
CA SER H 461 13.69 31.47 -21.32
C SER H 461 13.27 32.38 -20.16
N LEU H 462 14.21 32.72 -19.28
CA LEU H 462 13.86 33.48 -18.10
C LEU H 462 13.39 34.89 -18.46
N ALA H 463 14.02 35.48 -19.49
CA ALA H 463 13.61 36.81 -19.93
C ALA H 463 12.18 36.81 -20.46
N GLN H 464 11.82 35.81 -21.26
CA GLN H 464 10.47 35.75 -21.81
C GLN H 464 9.46 35.42 -20.72
N TYR H 465 9.84 34.61 -19.73
CA TYR H 465 8.99 34.43 -18.57
C TYR H 465 8.71 35.76 -17.88
N ARG H 466 9.76 36.56 -17.68
CA ARG H 466 9.58 37.86 -17.04
C ARG H 466 8.69 38.77 -17.88
N TYR H 467 8.90 38.76 -19.20
CA TYR H 467 8.06 39.58 -20.08
C TYR H 467 6.59 39.20 -19.94
N ALA H 468 6.29 37.91 -20.01
CA ALA H 468 4.91 37.49 -19.95
C ALA H 468 4.30 37.80 -18.58
N ARG H 469 5.06 37.57 -17.51
CA ARG H 469 4.51 37.82 -16.18
C ARG H 469 4.32 39.32 -15.94
N CYS H 470 5.13 40.16 -16.57
CA CYS H 470 4.95 41.60 -16.44
C CYS H 470 3.79 42.10 -17.29
N LEU H 471 3.58 41.52 -18.47
CA LEU H 471 2.51 42.00 -19.33
C LEU H 471 1.14 41.47 -18.89
N LEU H 472 1.11 40.31 -18.24
CA LEU H 472 -0.14 39.71 -17.78
C LEU H 472 -0.55 40.14 -16.37
N ARG H 473 0.21 41.03 -15.74
CA ARG H 473 -0.14 41.46 -14.39
C ARG H 473 -1.41 42.30 -14.37
N ASP H 474 -1.79 42.91 -15.50
CA ASP H 474 -3.00 43.72 -15.55
C ASP H 474 -4.24 42.84 -15.66
N PRO H 475 -5.39 43.33 -15.19
CA PRO H 475 -6.63 42.54 -15.31
C PRO H 475 -7.33 42.78 -16.64
N ALA H 476 -6.61 43.33 -17.62
CA ALA H 476 -7.20 43.64 -18.91
C ALA H 476 -7.54 42.36 -19.67
N SER H 477 -8.45 42.50 -20.63
CA SER H 477 -8.92 41.35 -21.38
C SER H 477 -7.86 40.89 -22.40
N SER H 478 -8.11 39.73 -23.00
CA SER H 478 -7.21 39.12 -23.97
C SER H 478 -7.66 39.41 -25.39
N TRP H 479 -8.45 40.47 -25.58
CA TRP H 479 -8.82 40.89 -26.92
C TRP H 479 -7.60 41.39 -27.68
N ASN H 480 -6.71 42.10 -26.99
CA ASN H 480 -5.48 42.54 -27.62
C ASN H 480 -4.59 41.35 -27.95
N PRO H 481 -4.18 41.20 -29.21
CA PRO H 481 -3.38 40.03 -29.59
C PRO H 481 -1.96 40.06 -29.03
N GLU H 482 -1.49 41.19 -28.51
CA GLU H 482 -0.24 41.20 -27.78
C GLU H 482 -0.28 40.23 -26.61
N ARG H 483 -1.45 40.13 -25.95
CA ARG H 483 -1.67 39.09 -24.96
C ARG H 483 -1.57 37.70 -25.57
N GLN H 484 -2.03 37.52 -26.81
CA GLN H 484 -1.91 36.21 -27.45
C GLN H 484 -0.46 35.81 -27.62
N ARG H 485 0.38 36.71 -28.16
CA ARG H 485 1.80 36.36 -28.20
C ARG H 485 2.40 36.22 -26.82
N ALA H 486 1.96 37.00 -25.84
CA ALA H 486 2.51 36.88 -24.50
C ALA H 486 2.23 35.51 -23.91
N VAL H 487 1.00 35.04 -24.03
CA VAL H 487 0.66 33.73 -23.48
C VAL H 487 1.35 32.63 -24.27
N SER H 488 1.48 32.79 -25.59
CA SER H 488 2.15 31.77 -26.38
C SER H 488 3.62 31.67 -25.99
N LEU H 489 4.29 32.81 -25.82
CA LEU H 489 5.70 32.78 -25.43
C LEU H 489 5.86 32.26 -24.01
N LEU H 490 4.92 32.55 -23.12
CA LEU H 490 5.01 31.97 -21.78
C LEU H 490 4.87 30.47 -21.85
N LYS H 491 3.95 29.98 -22.70
CA LYS H 491 3.78 28.55 -22.88
C LYS H 491 5.06 27.89 -23.36
N GLN H 492 5.66 28.46 -24.42
CA GLN H 492 6.88 27.85 -24.95
C GLN H 492 8.08 28.04 -24.03
N ALA H 493 8.02 29.02 -23.12
CA ALA H 493 9.03 29.12 -22.07
C ALA H 493 8.86 28.00 -21.05
N ALA H 494 7.62 27.80 -20.59
CA ALA H 494 7.37 26.75 -19.62
C ALA H 494 7.66 25.38 -20.19
N ASP H 495 7.55 25.23 -21.51
CA ASP H 495 7.91 23.97 -22.15
C ASP H 495 9.39 23.63 -21.95
N SER H 496 10.22 24.62 -21.61
CA SER H 496 11.63 24.34 -21.38
C SER H 496 11.88 23.62 -20.06
N GLY H 497 11.19 24.02 -18.99
CA GLY H 497 11.36 23.35 -17.72
C GLY H 497 11.54 24.29 -16.54
N LEU H 498 11.43 25.59 -16.76
CA LEU H 498 11.54 26.55 -15.67
C LEU H 498 10.38 26.38 -14.69
N ARG H 499 10.69 26.42 -13.40
CA ARG H 499 9.67 26.17 -12.38
C ARG H 499 8.63 27.28 -12.34
N GLU H 500 9.07 28.53 -12.38
CA GLU H 500 8.15 29.64 -12.10
C GLU H 500 7.12 29.82 -13.20
N ALA H 501 7.54 29.72 -14.46
CA ALA H 501 6.62 29.99 -15.57
C ALA H 501 5.46 28.99 -15.59
N GLN H 502 5.76 27.71 -15.36
CA GLN H 502 4.71 26.70 -15.38
C GLN H 502 3.69 26.94 -14.27
N ALA H 503 4.18 27.24 -13.06
CA ALA H 503 3.26 27.53 -11.96
C ALA H 503 2.41 28.76 -12.25
N PHE H 504 3.04 29.79 -12.82
CA PHE H 504 2.28 31.01 -13.11
C PHE H 504 1.20 30.75 -14.14
N LEU H 505 1.51 29.96 -15.18
CA LEU H 505 0.46 29.70 -16.17
C LEU H 505 -0.62 28.80 -15.59
N GLY H 506 -0.25 27.88 -14.70
CA GLY H 506 -1.26 27.08 -14.04
C GLY H 506 -2.21 27.93 -13.23
N VAL H 507 -1.69 28.96 -12.58
CA VAL H 507 -2.56 29.92 -11.90
C VAL H 507 -3.39 30.71 -12.93
N LEU H 508 -2.76 31.10 -14.04
CA LEU H 508 -3.39 32.03 -14.96
C LEU H 508 -4.55 31.40 -15.71
N PHE H 509 -4.39 30.16 -16.17
CA PHE H 509 -5.44 29.50 -16.94
C PHE H 509 -6.67 29.17 -16.10
N THR H 510 -6.56 29.25 -14.78
CA THR H 510 -7.71 28.99 -13.92
C THR H 510 -8.70 30.13 -13.90
N LYS H 511 -8.24 31.37 -14.07
CA LYS H 511 -9.07 32.55 -13.89
C LYS H 511 -9.49 33.11 -15.25
N GLU H 512 -10.59 33.85 -15.24
CA GLU H 512 -11.18 34.38 -16.46
C GLU H 512 -10.20 35.33 -17.15
N PRO H 513 -10.15 35.35 -18.50
CA PRO H 513 -10.89 34.54 -19.48
C PRO H 513 -10.05 33.43 -20.09
N TYR H 514 -9.01 33.00 -19.37
CA TYR H 514 -8.07 32.01 -19.88
C TYR H 514 -8.45 30.59 -19.47
N LEU H 515 -9.74 30.31 -19.31
CA LEU H 515 -10.20 29.05 -18.76
C LEU H 515 -9.84 27.86 -19.66
N ASP H 516 -8.88 27.07 -19.23
CA ASP H 516 -8.53 25.81 -19.89
C ASP H 516 -8.06 24.87 -18.78
N GLU H 517 -8.99 24.08 -18.24
CA GLU H 517 -8.76 23.42 -16.96
C GLU H 517 -7.74 22.30 -17.06
N GLN H 518 -7.84 21.46 -18.08
CA GLN H 518 -6.98 20.27 -18.15
C GLN H 518 -5.51 20.67 -18.24
N ARG H 519 -5.18 21.57 -19.17
CA ARG H 519 -3.80 22.02 -19.33
C ARG H 519 -3.31 22.74 -18.09
N ALA H 520 -4.17 23.56 -17.48
CA ALA H 520 -3.78 24.25 -16.26
C ALA H 520 -3.42 23.25 -15.17
N VAL H 521 -4.24 22.22 -14.98
CA VAL H 521 -3.97 21.24 -13.94
C VAL H 521 -2.69 20.46 -14.26
N LYS H 522 -2.51 20.08 -15.52
CA LYS H 522 -1.33 19.27 -15.85
C LYS H 522 -0.05 20.06 -15.60
N TYR H 523 -0.03 21.34 -15.97
CA TYR H 523 1.18 22.12 -15.76
C TYR H 523 1.37 22.47 -14.30
N LEU H 524 0.28 22.72 -13.56
CA LEU H 524 0.41 22.89 -12.12
C LEU H 524 1.00 21.66 -11.47
N TRP H 525 0.54 20.47 -11.89
CA TRP H 525 1.04 19.23 -11.30
C TRP H 525 2.51 19.04 -11.58
N LEU H 526 2.92 19.20 -12.85
CA LEU H 526 4.33 18.96 -13.17
C LEU H 526 5.23 20.06 -12.61
N ALA H 527 4.70 21.26 -12.40
CA ALA H 527 5.49 22.29 -11.73
C ALA H 527 5.63 22.01 -10.24
N ALA H 528 4.54 21.55 -9.61
CA ALA H 528 4.59 21.23 -8.18
C ALA H 528 5.46 20.02 -7.91
N ASN H 529 5.60 19.13 -8.89
CA ASN H 529 6.51 17.99 -8.74
C ASN H 529 7.94 18.45 -8.51
N ASN H 530 8.28 19.67 -8.90
CA ASN H 530 9.63 20.20 -8.66
C ASN H 530 9.83 20.69 -7.24
N GLY H 531 8.78 20.76 -6.43
CA GLY H 531 8.89 21.12 -5.03
C GLY H 531 8.31 22.46 -4.63
N ASP H 532 7.56 23.12 -5.50
CA ASP H 532 6.95 24.40 -5.14
C ASP H 532 5.76 24.17 -4.21
N SER H 533 5.73 24.90 -3.10
CA SER H 533 4.66 24.72 -2.12
C SER H 533 3.34 25.31 -2.63
N GLN H 534 3.38 26.52 -3.18
CA GLN H 534 2.16 27.17 -3.64
C GLN H 534 1.54 26.43 -4.81
N SER H 535 2.37 25.91 -5.72
CA SER H 535 1.84 25.18 -6.85
C SER H 535 1.08 23.94 -6.40
N ARG H 536 1.62 23.22 -5.42
CA ARG H 536 0.96 22.00 -4.98
C ARG H 536 -0.24 22.33 -4.10
N TYR H 537 -0.20 23.44 -3.38
CA TYR H 537 -1.40 23.91 -2.68
C TYR H 537 -2.51 24.24 -3.67
N HIS H 538 -2.17 24.87 -4.79
CA HIS H 538 -3.19 25.15 -5.80
C HIS H 538 -3.68 23.86 -6.45
N LEU H 539 -2.81 22.87 -6.60
CA LEU H 539 -3.27 21.55 -7.01
C LEU H 539 -4.27 20.99 -6.01
N GLY H 540 -4.01 21.18 -4.72
CA GLY H 540 -4.93 20.70 -3.70
C GLY H 540 -6.28 21.40 -3.74
N ILE H 541 -6.28 22.72 -3.93
CA ILE H 541 -7.56 23.42 -4.03
C ILE H 541 -8.27 23.03 -5.31
N CYS H 542 -7.52 22.71 -6.37
CA CYS H 542 -8.13 22.18 -7.57
C CYS H 542 -8.81 20.84 -7.31
N TYR H 543 -8.16 19.97 -6.52
CA TYR H 543 -8.79 18.71 -6.14
C TYR H 543 -10.03 18.95 -5.32
N GLU H 544 -9.97 19.86 -4.36
CA GLU H 544 -11.10 20.08 -3.46
C GLU H 544 -12.30 20.65 -4.19
N LYS H 545 -12.11 21.70 -4.98
CA LYS H 545 -13.21 22.27 -5.75
C LYS H 545 -13.61 21.41 -6.92
N GLY H 546 -12.76 20.49 -7.36
CA GLY H 546 -13.12 19.56 -8.41
C GLY H 546 -13.34 20.20 -9.77
N LEU H 547 -12.52 21.18 -10.12
CA LEU H 547 -12.57 21.79 -11.45
C LEU H 547 -11.43 21.21 -12.28
N GLY H 548 -11.75 20.66 -13.44
CA GLY H 548 -10.78 20.02 -14.28
C GLY H 548 -10.33 18.65 -13.82
N VAL H 549 -10.53 18.31 -12.55
CA VAL H 549 -10.17 17.00 -12.02
C VAL H 549 -11.36 16.47 -11.24
N GLN H 550 -11.52 15.15 -11.24
CA GLN H 550 -12.55 14.51 -10.46
C GLN H 550 -12.41 14.90 -8.99
N ARG H 551 -13.53 15.26 -8.37
CA ARG H 551 -13.52 15.83 -7.03
C ARG H 551 -13.12 14.80 -5.99
N ASN H 552 -11.87 14.87 -5.54
CA ASN H 552 -11.36 14.01 -4.48
C ASN H 552 -11.01 14.86 -3.28
N LEU H 553 -11.21 14.29 -2.08
CA LEU H 553 -11.08 15.05 -0.85
C LEU H 553 -9.98 14.55 0.07
N GLY H 554 -9.76 13.24 0.18
CA GLY H 554 -8.71 12.72 1.04
C GLY H 554 -7.33 13.08 0.55
N GLU H 555 -7.10 12.91 -0.75
CA GLU H 555 -5.81 13.28 -1.32
C GLU H 555 -5.60 14.78 -1.24
N ALA H 556 -6.67 15.56 -1.37
CA ALA H 556 -6.56 17.00 -1.18
C ALA H 556 -6.14 17.35 0.23
N LEU H 557 -6.69 16.65 1.22
CA LEU H 557 -6.29 16.89 2.60
C LEU H 557 -4.83 16.52 2.83
N ARG H 558 -4.40 15.39 2.27
CA ARG H 558 -3.00 15.01 2.39
C ARG H 558 -2.08 16.03 1.73
N CYS H 559 -2.50 16.55 0.57
CA CYS H 559 -1.73 17.57 -0.12
C CYS H 559 -1.63 18.84 0.70
N TYR H 560 -2.74 19.27 1.29
CA TYR H 560 -2.70 20.43 2.18
C TYR H 560 -1.74 20.19 3.34
N GLN H 561 -1.81 19.01 3.94
CA GLN H 561 -0.98 18.72 5.11
C GLN H 561 0.50 18.73 4.74
N GLN H 562 0.86 18.10 3.63
CA GLN H 562 2.26 18.10 3.22
C GLN H 562 2.74 19.49 2.83
N SER H 563 1.89 20.27 2.15
CA SER H 563 2.29 21.63 1.79
C SER H 563 2.49 22.49 3.02
N ALA H 564 1.67 22.30 4.06
CA ALA H 564 1.94 22.96 5.33
C ALA H 564 3.22 22.46 5.95
N ALA H 565 3.52 21.17 5.79
CA ALA H 565 4.78 20.63 6.31
C ALA H 565 5.98 21.20 5.57
N LEU H 566 5.88 21.32 4.24
CA LEU H 566 6.98 21.86 3.45
C LEU H 566 7.19 23.35 3.65
N GLY H 567 6.29 24.04 4.36
CA GLY H 567 6.52 25.41 4.71
C GLY H 567 5.69 26.43 3.96
N ASN H 568 4.47 26.06 3.60
CA ASN H 568 3.49 27.01 3.08
C ASN H 568 2.85 27.69 4.27
N GLU H 569 3.55 28.69 4.80
CA GLU H 569 3.21 29.25 6.10
C GLU H 569 1.82 29.88 6.08
N ALA H 570 1.45 30.53 4.99
CA ALA H 570 0.19 31.26 4.97
C ALA H 570 -0.99 30.36 4.66
N ALA H 571 -1.03 29.81 3.44
CA ALA H 571 -2.28 29.27 2.90
C ALA H 571 -2.63 27.89 3.46
N GLN H 572 -1.68 26.96 3.40
CA GLN H 572 -1.93 25.63 3.92
C GLN H 572 -2.20 25.65 5.42
N GLU H 573 -1.43 26.42 6.18
CA GLU H 573 -1.70 26.59 7.60
C GLU H 573 -3.06 27.24 7.85
N ARG H 574 -3.46 28.22 7.04
CA ARG H 574 -4.77 28.83 7.20
C ARG H 574 -5.89 27.83 6.98
N LEU H 575 -5.78 26.97 5.95
CA LEU H 575 -6.82 25.97 5.74
C LEU H 575 -6.82 24.92 6.84
N ARG H 576 -5.64 24.53 7.33
CA ARG H 576 -5.58 23.60 8.45
C ARG H 576 -6.27 24.19 9.68
N ALA H 577 -6.00 25.46 9.96
CA ALA H 577 -6.66 26.13 11.09
C ALA H 577 -8.16 26.22 10.87
N LEU H 578 -8.59 26.50 9.63
CA LEU H 578 -10.01 26.58 9.34
C LEU H 578 -10.69 25.24 9.56
N PHE H 579 -10.03 24.14 9.19
CA PHE H 579 -10.60 22.81 9.38
C PHE H 579 -10.47 22.36 10.84
N SER H 580 -9.65 23.10 11.58
CA SER H 580 -9.53 22.88 13.02
C SER H 580 -10.62 23.61 13.77
N MET H 581 -10.69 24.94 13.59
CA MET H 581 -11.70 25.75 14.25
C MET H 581 -13.11 25.45 13.74
N GLY H 582 -13.24 24.80 12.59
CA GLY H 582 -14.56 24.41 12.11
C GLY H 582 -15.24 23.43 13.04
N ALA H 583 -14.48 22.55 13.67
CA ALA H 583 -14.99 21.61 14.66
C ALA H 583 -14.69 22.03 16.09
N ALA H 584 -13.68 22.87 16.30
CA ALA H 584 -13.37 23.33 17.65
C ALA H 584 -14.48 24.23 18.19
N ALA H 585 -15.00 25.13 17.36
CA ALA H 585 -16.06 26.04 17.78
C ALA H 585 -17.36 25.76 17.03
#